data_1XXN
# 
_entry.id   1XXN 
# 
_audit_conform.dict_name       mmcif_pdbx.dic 
_audit_conform.dict_version    5.376 
_audit_conform.dict_location   http://mmcif.pdb.org/dictionaries/ascii/mmcif_pdbx.dic 
# 
loop_
_database_2.database_id 
_database_2.database_code 
_database_2.pdbx_database_accession 
_database_2.pdbx_DOI 
PDB   1XXN         pdb_00001xxn 10.2210/pdb1xxn/pdb 
RCSB  RCSB030884   ?            ?                   
WWPDB D_1000030884 ?            ?                   
# 
_pdbx_database_status.status_code                     REL 
_pdbx_database_status.entry_id                        1XXN 
_pdbx_database_status.recvd_initial_deposition_date   2004-11-07 
_pdbx_database_status.deposit_site                    RCSB 
_pdbx_database_status.process_site                    RCSB 
_pdbx_database_status.status_code_sf                  REL 
_pdbx_database_status.status_code_mr                  ? 
_pdbx_database_status.SG_entry                        ? 
_pdbx_database_status.status_code_cs                  ? 
_pdbx_database_status.pdb_format_compatible           Y 
_pdbx_database_status.methods_development_category    ? 
_pdbx_database_status.status_code_nmr_data            ? 
# 
loop_
_audit_author.name 
_audit_author.pdbx_ordinal 
'Murakami, M.T.' 1 
'Ruller, R.'     2 
'Ward, R.J.'     3 
'Arni, R.K.'     4 
# 
_citation.id                        primary 
_citation.title                     
;Correlation of temperature induced conformation change with optimum catalytic activity in the recombinant G/11 xylanase A from Bacillus subtilis strain 168 (1A1).
;
_citation.journal_abbrev            'Febs Lett.' 
_citation.journal_volume            579 
_citation.page_first                6505 
_citation.page_last                 6510 
_citation.year                      2005 
_citation.journal_id_ASTM           FEBLAL 
_citation.country                   NE 
_citation.journal_id_ISSN           0014-5793 
_citation.journal_id_CSD            0165 
_citation.book_publisher            ? 
_citation.pdbx_database_id_PubMed   16289057 
_citation.pdbx_database_id_DOI      10.1016/j.febslet.2005.10.039 
# 
loop_
_citation_author.citation_id 
_citation_author.name 
_citation_author.ordinal 
_citation_author.identifier_ORCID 
primary 'Murakami, M.T.' 1 ? 
primary 'Arni, R.K.'     2 ? 
primary 'Vieira, D.S.'   3 ? 
primary 'Degreve, L.'    4 ? 
primary 'Ruller, R.'     5 ? 
primary 'Ward, R.J.'     6 ? 
# 
_cell.entry_id           1XXN 
_cell.length_a           50.931 
_cell.length_b           70.499 
_cell.length_c           42.044 
_cell.angle_alpha        90.00 
_cell.angle_beta         90.00 
_cell.angle_gamma        90.00 
_cell.Z_PDB              4 
_cell.pdbx_unique_axis   ? 
# 
_symmetry.entry_id                         1XXN 
_symmetry.space_group_name_H-M             'P 21 21 2' 
_symmetry.pdbx_full_space_group_name_H-M   ? 
_symmetry.cell_setting                     ? 
_symmetry.Int_Tables_number                18 
_symmetry.space_group_name_Hall            ? 
# 
loop_
_entity.id 
_entity.type 
_entity.src_method 
_entity.pdbx_description 
_entity.formula_weight 
_entity.pdbx_number_of_molecules 
_entity.pdbx_ec 
_entity.pdbx_mutation 
_entity.pdbx_fragment 
_entity.details 
1 polymer     man 'Endo-1,4-beta-xylanase A' 20394.979 1   3.2.1.8 ? ? ? 
2 non-polymer syn 'S,R MESO-TARTARIC ACID'   150.087   1   ?       ? ? ? 
3 water       nat water                      18.015    145 ?       ? ? ? 
# 
_entity_name_com.entity_id   1 
_entity_name_com.name        'Xylanase A, 1,4-beta-D-xylan xylanohydrolase A' 
# 
_entity_poly.entity_id                      1 
_entity_poly.type                           'polypeptide(L)' 
_entity_poly.nstd_linkage                   no 
_entity_poly.nstd_monomer                   no 
_entity_poly.pdbx_seq_one_letter_code       
;ASTDYWQNWTDGGGIVNAVNGSGGNYSVNWSNTGNFVVGKGWTTGSPFRTINYNAGVWAPNGNGYLTLYGWTRSPLIEYY
VVDSWGTYRPTGTYKGTVKSDGGTYDIYTTTRYNAPSIDGDRTTFTQYWSVRQSKRPTGSNATITFSNHVNAWKSHGMNL
GSNWAYQVMATEGYQSSGSSNVTVW
;
_entity_poly.pdbx_seq_one_letter_code_can   
;ASTDYWQNWTDGGGIVNAVNGSGGNYSVNWSNTGNFVVGKGWTTGSPFRTINYNAGVWAPNGNGYLTLYGWTRSPLIEYY
VVDSWGTYRPTGTYKGTVKSDGGTYDIYTTTRYNAPSIDGDRTTFTQYWSVRQSKRPTGSNATITFSNHVNAWKSHGMNL
GSNWAYQVMATEGYQSSGSSNVTVW
;
_entity_poly.pdbx_strand_id                 A 
_entity_poly.pdbx_target_identifier         ? 
# 
loop_
_entity_poly_seq.entity_id 
_entity_poly_seq.num 
_entity_poly_seq.mon_id 
_entity_poly_seq.hetero 
1 1   ALA n 
1 2   SER n 
1 3   THR n 
1 4   ASP n 
1 5   TYR n 
1 6   TRP n 
1 7   GLN n 
1 8   ASN n 
1 9   TRP n 
1 10  THR n 
1 11  ASP n 
1 12  GLY n 
1 13  GLY n 
1 14  GLY n 
1 15  ILE n 
1 16  VAL n 
1 17  ASN n 
1 18  ALA n 
1 19  VAL n 
1 20  ASN n 
1 21  GLY n 
1 22  SER n 
1 23  GLY n 
1 24  GLY n 
1 25  ASN n 
1 26  TYR n 
1 27  SER n 
1 28  VAL n 
1 29  ASN n 
1 30  TRP n 
1 31  SER n 
1 32  ASN n 
1 33  THR n 
1 34  GLY n 
1 35  ASN n 
1 36  PHE n 
1 37  VAL n 
1 38  VAL n 
1 39  GLY n 
1 40  LYS n 
1 41  GLY n 
1 42  TRP n 
1 43  THR n 
1 44  THR n 
1 45  GLY n 
1 46  SER n 
1 47  PRO n 
1 48  PHE n 
1 49  ARG n 
1 50  THR n 
1 51  ILE n 
1 52  ASN n 
1 53  TYR n 
1 54  ASN n 
1 55  ALA n 
1 56  GLY n 
1 57  VAL n 
1 58  TRP n 
1 59  ALA n 
1 60  PRO n 
1 61  ASN n 
1 62  GLY n 
1 63  ASN n 
1 64  GLY n 
1 65  TYR n 
1 66  LEU n 
1 67  THR n 
1 68  LEU n 
1 69  TYR n 
1 70  GLY n 
1 71  TRP n 
1 72  THR n 
1 73  ARG n 
1 74  SER n 
1 75  PRO n 
1 76  LEU n 
1 77  ILE n 
1 78  GLU n 
1 79  TYR n 
1 80  TYR n 
1 81  VAL n 
1 82  VAL n 
1 83  ASP n 
1 84  SER n 
1 85  TRP n 
1 86  GLY n 
1 87  THR n 
1 88  TYR n 
1 89  ARG n 
1 90  PRO n 
1 91  THR n 
1 92  GLY n 
1 93  THR n 
1 94  TYR n 
1 95  LYS n 
1 96  GLY n 
1 97  THR n 
1 98  VAL n 
1 99  LYS n 
1 100 SER n 
1 101 ASP n 
1 102 GLY n 
1 103 GLY n 
1 104 THR n 
1 105 TYR n 
1 106 ASP n 
1 107 ILE n 
1 108 TYR n 
1 109 THR n 
1 110 THR n 
1 111 THR n 
1 112 ARG n 
1 113 TYR n 
1 114 ASN n 
1 115 ALA n 
1 116 PRO n 
1 117 SER n 
1 118 ILE n 
1 119 ASP n 
1 120 GLY n 
1 121 ASP n 
1 122 ARG n 
1 123 THR n 
1 124 THR n 
1 125 PHE n 
1 126 THR n 
1 127 GLN n 
1 128 TYR n 
1 129 TRP n 
1 130 SER n 
1 131 VAL n 
1 132 ARG n 
1 133 GLN n 
1 134 SER n 
1 135 LYS n 
1 136 ARG n 
1 137 PRO n 
1 138 THR n 
1 139 GLY n 
1 140 SER n 
1 141 ASN n 
1 142 ALA n 
1 143 THR n 
1 144 ILE n 
1 145 THR n 
1 146 PHE n 
1 147 SER n 
1 148 ASN n 
1 149 HIS n 
1 150 VAL n 
1 151 ASN n 
1 152 ALA n 
1 153 TRP n 
1 154 LYS n 
1 155 SER n 
1 156 HIS n 
1 157 GLY n 
1 158 MET n 
1 159 ASN n 
1 160 LEU n 
1 161 GLY n 
1 162 SER n 
1 163 ASN n 
1 164 TRP n 
1 165 ALA n 
1 166 TYR n 
1 167 GLN n 
1 168 VAL n 
1 169 MET n 
1 170 ALA n 
1 171 THR n 
1 172 GLU n 
1 173 GLY n 
1 174 TYR n 
1 175 GLN n 
1 176 SER n 
1 177 SER n 
1 178 GLY n 
1 179 SER n 
1 180 SER n 
1 181 ASN n 
1 182 VAL n 
1 183 THR n 
1 184 VAL n 
1 185 TRP n 
# 
_entity_src_gen.entity_id                          1 
_entity_src_gen.pdbx_src_id                        1 
_entity_src_gen.pdbx_alt_source_flag               sample 
_entity_src_gen.pdbx_seq_type                      ? 
_entity_src_gen.pdbx_beg_seq_num                   ? 
_entity_src_gen.pdbx_end_seq_num                   ? 
_entity_src_gen.gene_src_common_name               ? 
_entity_src_gen.gene_src_genus                     Bacillus 
_entity_src_gen.pdbx_gene_src_gene                 xynA 
_entity_src_gen.gene_src_species                   ? 
_entity_src_gen.gene_src_strain                    1A1 
_entity_src_gen.gene_src_tissue                    ? 
_entity_src_gen.gene_src_tissue_fraction           ? 
_entity_src_gen.gene_src_details                   ? 
_entity_src_gen.pdbx_gene_src_fragment             ? 
_entity_src_gen.pdbx_gene_src_scientific_name      'Bacillus subtilis' 
_entity_src_gen.pdbx_gene_src_ncbi_taxonomy_id     1423 
_entity_src_gen.pdbx_gene_src_variant              ? 
_entity_src_gen.pdbx_gene_src_cell_line            ? 
_entity_src_gen.pdbx_gene_src_atcc                 ? 
_entity_src_gen.pdbx_gene_src_organ                ? 
_entity_src_gen.pdbx_gene_src_organelle            ? 
_entity_src_gen.pdbx_gene_src_cell                 ? 
_entity_src_gen.pdbx_gene_src_cellular_location    ? 
_entity_src_gen.host_org_common_name               ? 
_entity_src_gen.pdbx_host_org_scientific_name      'Escherichia coli BL21' 
_entity_src_gen.pdbx_host_org_ncbi_taxonomy_id     511693 
_entity_src_gen.host_org_genus                     Escherichia 
_entity_src_gen.pdbx_host_org_gene                 ? 
_entity_src_gen.pdbx_host_org_organ                ? 
_entity_src_gen.host_org_species                   'Escherichia coli' 
_entity_src_gen.pdbx_host_org_tissue               ? 
_entity_src_gen.pdbx_host_org_tissue_fraction      ? 
_entity_src_gen.pdbx_host_org_strain               BL21 
_entity_src_gen.pdbx_host_org_variant              ? 
_entity_src_gen.pdbx_host_org_cell_line            ? 
_entity_src_gen.pdbx_host_org_atcc                 ? 
_entity_src_gen.pdbx_host_org_culture_collection   ? 
_entity_src_gen.pdbx_host_org_cell                 ? 
_entity_src_gen.pdbx_host_org_organelle            ? 
_entity_src_gen.pdbx_host_org_cellular_location    ? 
_entity_src_gen.pdbx_host_org_vector_type          ? 
_entity_src_gen.pdbx_host_org_vector               ? 
_entity_src_gen.host_org_details                   ? 
_entity_src_gen.expression_system_id               ? 
_entity_src_gen.plasmid_name                       ? 
_entity_src_gen.plasmid_details                    ? 
_entity_src_gen.pdbx_description                   ? 
# 
_struct_ref.id                         1 
_struct_ref.db_name                    UNP 
_struct_ref.db_code                    XYNA_BACSU 
_struct_ref.pdbx_db_accession          P18429 
_struct_ref.entity_id                  1 
_struct_ref.pdbx_seq_one_letter_code   
;ASTDYWQNWTDGGGIVNAVNGSGGNYSVNWSNTGNFVVGKGWTTGSPFRTINYNAGVWAPNGNGYLTLYGWTRSPLIEYY
VVDSWGTYRPTGTYKGTVKSDGGTYDIYTTTRYNAPSIDGDRTTFTQYWSVRQSKRPTGSNATITFSNHVNAWKSHGMNL
GSNWAYQVMATEGYQSSGSSNVTVW
;
_struct_ref.pdbx_align_begin           29 
_struct_ref.pdbx_db_isoform            ? 
# 
_struct_ref_seq.align_id                      1 
_struct_ref_seq.ref_id                        1 
_struct_ref_seq.pdbx_PDB_id_code              1XXN 
_struct_ref_seq.pdbx_strand_id                A 
_struct_ref_seq.seq_align_beg                 1 
_struct_ref_seq.pdbx_seq_align_beg_ins_code   ? 
_struct_ref_seq.seq_align_end                 185 
_struct_ref_seq.pdbx_seq_align_end_ins_code   ? 
_struct_ref_seq.pdbx_db_accession             P18429 
_struct_ref_seq.db_align_beg                  29 
_struct_ref_seq.pdbx_db_align_beg_ins_code    ? 
_struct_ref_seq.db_align_end                  213 
_struct_ref_seq.pdbx_db_align_end_ins_code    ? 
_struct_ref_seq.pdbx_auth_seq_align_beg       1 
_struct_ref_seq.pdbx_auth_seq_align_end       185 
# 
loop_
_chem_comp.id 
_chem_comp.type 
_chem_comp.mon_nstd_flag 
_chem_comp.name 
_chem_comp.pdbx_synonyms 
_chem_comp.formula 
_chem_comp.formula_weight 
ALA 'L-peptide linking' y ALANINE                  ? 'C3 H7 N O2'     89.093  
ARG 'L-peptide linking' y ARGININE                 ? 'C6 H15 N4 O2 1' 175.209 
ASN 'L-peptide linking' y ASPARAGINE               ? 'C4 H8 N2 O3'    132.118 
ASP 'L-peptide linking' y 'ASPARTIC ACID'          ? 'C4 H7 N O4'     133.103 
GLN 'L-peptide linking' y GLUTAMINE                ? 'C5 H10 N2 O3'   146.144 
GLU 'L-peptide linking' y 'GLUTAMIC ACID'          ? 'C5 H9 N O4'     147.129 
GLY 'peptide linking'   y GLYCINE                  ? 'C2 H5 N O2'     75.067  
HIS 'L-peptide linking' y HISTIDINE                ? 'C6 H10 N3 O2 1' 156.162 
HOH non-polymer         . WATER                    ? 'H2 O'           18.015  
ILE 'L-peptide linking' y ISOLEUCINE               ? 'C6 H13 N O2'    131.173 
LEU 'L-peptide linking' y LEUCINE                  ? 'C6 H13 N O2'    131.173 
LYS 'L-peptide linking' y LYSINE                   ? 'C6 H15 N2 O2 1' 147.195 
MET 'L-peptide linking' y METHIONINE               ? 'C5 H11 N O2 S'  149.211 
PHE 'L-peptide linking' y PHENYLALANINE            ? 'C9 H11 N O2'    165.189 
PRO 'L-peptide linking' y PROLINE                  ? 'C5 H9 N O2'     115.130 
SER 'L-peptide linking' y SERINE                   ? 'C3 H7 N O3'     105.093 
SRT non-polymer         . 'S,R MESO-TARTARIC ACID' ? 'C4 H6 O6'       150.087 
THR 'L-peptide linking' y THREONINE                ? 'C4 H9 N O3'     119.119 
TRP 'L-peptide linking' y TRYPTOPHAN               ? 'C11 H12 N2 O2'  204.225 
TYR 'L-peptide linking' y TYROSINE                 ? 'C9 H11 N O3'    181.189 
VAL 'L-peptide linking' y VALINE                   ? 'C5 H11 N O2'    117.146 
# 
_exptl.entry_id          1XXN 
_exptl.method            'X-RAY DIFFRACTION' 
_exptl.crystals_number   1 
# 
_exptl_crystal.id                    1 
_exptl_crystal.density_meas          ? 
_exptl_crystal.density_Matthews      1.9 
_exptl_crystal.density_percent_sol   34.1 
_exptl_crystal.description           ? 
_exptl_crystal.F_000                 ? 
_exptl_crystal.preparation           ? 
# 
_exptl_crystal_grow.crystal_id      1 
_exptl_crystal_grow.method          'VAPOR DIFFUSION, HANGING DROP' 
_exptl_crystal_grow.temp            293 
_exptl_crystal_grow.temp_details    ? 
_exptl_crystal_grow.pH              7.2 
_exptl_crystal_grow.pdbx_details    '0.9M sodium tartrate, pH 7.2, VAPOR DIFFUSION, HANGING DROP, temperature 293K' 
_exptl_crystal_grow.pdbx_pH_range   . 
# 
_diffrn.id                     1 
_diffrn.ambient_temp           100 
_diffrn.ambient_temp_details   ? 
_diffrn.crystal_id             1 
# 
_diffrn_detector.diffrn_id              1 
_diffrn_detector.detector               CCD 
_diffrn_detector.type                   MARRESEARCH 
_diffrn_detector.pdbx_collection_date   2004-08-12 
_diffrn_detector.details                ? 
# 
_diffrn_radiation.diffrn_id                        1 
_diffrn_radiation.wavelength_id                    1 
_diffrn_radiation.pdbx_monochromatic_or_laue_m_l   M 
_diffrn_radiation.monochromator                    ? 
_diffrn_radiation.pdbx_diffrn_protocol             'SINGLE WAVELENGTH' 
_diffrn_radiation.pdbx_scattering_type             x-ray 
# 
_diffrn_radiation_wavelength.id           1 
_diffrn_radiation_wavelength.wavelength   1.427 
_diffrn_radiation_wavelength.wt           1.0 
# 
_diffrn_source.diffrn_id                   1 
_diffrn_source.source                      SYNCHROTRON 
_diffrn_source.type                        'LNLS BEAMLINE D03B-MX1' 
_diffrn_source.pdbx_synchrotron_site       LNLS 
_diffrn_source.pdbx_synchrotron_beamline   D03B-MX1 
_diffrn_source.pdbx_wavelength             ? 
_diffrn_source.pdbx_wavelength_list        1.427 
# 
_reflns.entry_id                     1XXN 
_reflns.observed_criterion_sigma_I   0 
_reflns.observed_criterion_sigma_F   0 
_reflns.d_resolution_low             41.9 
_reflns.d_resolution_high            1.7 
_reflns.number_obs                   14449 
_reflns.number_all                   ? 
_reflns.percent_possible_obs         ? 
_reflns.pdbx_Rmerge_I_obs            0.092 
_reflns.pdbx_Rsym_value              ? 
_reflns.pdbx_netI_over_sigmaI        7.2 
_reflns.B_iso_Wilson_estimate        ? 
_reflns.pdbx_redundancy              1.9 
_reflns.R_free_details               ? 
_reflns.limit_h_max                  ? 
_reflns.limit_h_min                  ? 
_reflns.limit_k_max                  ? 
_reflns.limit_k_min                  ? 
_reflns.limit_l_max                  ? 
_reflns.limit_l_min                  ? 
_reflns.observed_criterion_F_max     ? 
_reflns.observed_criterion_F_min     ? 
_reflns.pdbx_chi_squared             ? 
_reflns.pdbx_scaling_rejects         ? 
_reflns.pdbx_diffrn_id               1 
_reflns.pdbx_ordinal                 1 
# 
_reflns_shell.d_res_high             1.70 
_reflns_shell.d_res_low              1.76 
_reflns_shell.percent_possible_all   81.3 
_reflns_shell.Rmerge_I_obs           0.269 
_reflns_shell.pdbx_Rsym_value        ? 
_reflns_shell.meanI_over_sigI_obs    2.5 
_reflns_shell.pdbx_redundancy        1.5 
_reflns_shell.percent_possible_obs   ? 
_reflns_shell.number_unique_all      ? 
_reflns_shell.number_measured_all    ? 
_reflns_shell.number_measured_obs    ? 
_reflns_shell.number_unique_obs      ? 
_reflns_shell.pdbx_chi_squared       ? 
_reflns_shell.pdbx_diffrn_id         ? 
_reflns_shell.pdbx_ordinal           1 
# 
_refine.entry_id                                 1XXN 
_refine.ls_number_reflns_obs                     13705 
_refine.ls_number_reflns_all                     ? 
_refine.pdbx_ls_sigma_I                          ? 
_refine.pdbx_ls_sigma_F                          ? 
_refine.pdbx_data_cutoff_high_absF               ? 
_refine.pdbx_data_cutoff_low_absF                ? 
_refine.pdbx_data_cutoff_high_rms_absF           ? 
_refine.ls_d_res_low                             42.03 
_refine.ls_d_res_high                            1.70 
_refine.ls_percent_reflns_obs                    83.78 
_refine.ls_R_factor_obs                          0.17344 
_refine.ls_R_factor_all                          ? 
_refine.ls_R_factor_R_work                       0.17138 
_refine.ls_R_factor_R_free                       0.21163 
_refine.ls_R_factor_R_free_error                 ? 
_refine.ls_R_factor_R_free_error_details         ? 
_refine.ls_percent_reflns_R_free                 5.1 
_refine.ls_number_reflns_R_free                  744 
_refine.ls_number_parameters                     ? 
_refine.ls_number_restraints                     ? 
_refine.occupancy_min                            ? 
_refine.occupancy_max                            ? 
_refine.correlation_coeff_Fo_to_Fc               0.967 
_refine.correlation_coeff_Fo_to_Fc_free          0.957 
_refine.B_iso_mean                               21.598 
_refine.aniso_B[1][1]                            -1.98 
_refine.aniso_B[2][2]                            0.94 
_refine.aniso_B[3][3]                            1.05 
_refine.aniso_B[1][2]                            0.00 
_refine.aniso_B[1][3]                            0.00 
_refine.aniso_B[2][3]                            0.00 
_refine.solvent_model_details                    MASK 
_refine.solvent_model_param_ksol                 ? 
_refine.solvent_model_param_bsol                 ? 
_refine.pdbx_solvent_vdw_probe_radii             1.20 
_refine.pdbx_solvent_ion_probe_radii             0.80 
_refine.pdbx_solvent_shrinkage_radii             0.80 
_refine.pdbx_ls_cross_valid_method               THROUGHOUT 
_refine.details                                  'HYDROGENS HAVE BEEN ADDED IN THE RIDING POSITIONS' 
_refine.pdbx_starting_model                      'PDB entry 1HV0' 
_refine.pdbx_method_to_determine_struct          'MOLECULAR REPLACEMENT' 
_refine.pdbx_isotropic_thermal_model             ? 
_refine.pdbx_stereochemistry_target_values       'MAXIMUM LIKELIHOOD' 
_refine.pdbx_stereochem_target_val_spec_case     ? 
_refine.pdbx_R_Free_selection_details            RANDOM 
_refine.pdbx_overall_ESU_R                       0.147 
_refine.pdbx_overall_ESU_R_Free                  0.133 
_refine.overall_SU_ML                            0.085 
_refine.overall_SU_B                             2.619 
_refine.ls_redundancy_reflns_obs                 ? 
_refine.B_iso_min                                ? 
_refine.B_iso_max                                ? 
_refine.overall_SU_R_Cruickshank_DPI             ? 
_refine.overall_SU_R_free                        ? 
_refine.ls_wR_factor_R_free                      ? 
_refine.ls_wR_factor_R_work                      ? 
_refine.overall_FOM_free_R_set                   ? 
_refine.overall_FOM_work_R_set                   ? 
_refine.pdbx_refine_id                           'X-RAY DIFFRACTION' 
_refine.pdbx_diffrn_id                           1 
_refine.pdbx_TLS_residual_ADP_flag               ? 
_refine.pdbx_overall_phase_error                 ? 
_refine.pdbx_overall_SU_R_free_Cruickshank_DPI   ? 
_refine.pdbx_overall_SU_R_Blow_DPI               ? 
_refine.pdbx_overall_SU_R_free_Blow_DPI          ? 
# 
_refine_hist.pdbx_refine_id                   'X-RAY DIFFRACTION' 
_refine_hist.cycle_id                         LAST 
_refine_hist.pdbx_number_atoms_protein        1447 
_refine_hist.pdbx_number_atoms_nucleic_acid   0 
_refine_hist.pdbx_number_atoms_ligand         10 
_refine_hist.number_atoms_solvent             145 
_refine_hist.number_atoms_total               1602 
_refine_hist.d_res_high                       1.70 
_refine_hist.d_res_low                        42.03 
# 
loop_
_refine_ls_restr.type 
_refine_ls_restr.dev_ideal 
_refine_ls_restr.dev_ideal_target 
_refine_ls_restr.weight 
_refine_ls_restr.number 
_refine_ls_restr.pdbx_refine_id 
_refine_ls_restr.pdbx_restraint_function 
r_bond_refined_d         0.013  0.021  ? 1504 'X-RAY DIFFRACTION' ? 
r_bond_other_d           ?      ?      ? ?    'X-RAY DIFFRACTION' ? 
r_angle_refined_deg      1.586  1.884  ? 2062 'X-RAY DIFFRACTION' ? 
r_angle_other_deg        ?      ?      ? ?    'X-RAY DIFFRACTION' ? 
r_dihedral_angle_1_deg   8.051  5.000  ? 184  'X-RAY DIFFRACTION' ? 
r_dihedral_angle_2_deg   34.847 23.521 ? 71   'X-RAY DIFFRACTION' ? 
r_dihedral_angle_3_deg   11.958 15.000 ? 195  'X-RAY DIFFRACTION' ? 
r_dihedral_angle_4_deg   14.725 15.000 ? 7    'X-RAY DIFFRACTION' ? 
r_chiral_restr           0.098  0.200  ? 210  'X-RAY DIFFRACTION' ? 
r_gen_planes_refined     0.006  0.020  ? 1205 'X-RAY DIFFRACTION' ? 
r_gen_planes_other       ?      ?      ? ?    'X-RAY DIFFRACTION' ? 
r_nbd_refined            0.217  0.200  ? 863  'X-RAY DIFFRACTION' ? 
r_nbd_other              ?      ?      ? ?    'X-RAY DIFFRACTION' ? 
r_nbtor_refined          0.320  0.200  ? 1051 'X-RAY DIFFRACTION' ? 
r_nbtor_other            ?      ?      ? ?    'X-RAY DIFFRACTION' ? 
r_xyhbond_nbd_refined    0.163  0.200  ? 176  'X-RAY DIFFRACTION' ? 
r_xyhbond_nbd_other      ?      ?      ? ?    'X-RAY DIFFRACTION' ? 
r_metal_ion_refined      ?      ?      ? ?    'X-RAY DIFFRACTION' ? 
r_metal_ion_other        ?      ?      ? ?    'X-RAY DIFFRACTION' ? 
r_symmetry_vdw_refined   0.194  0.200  ? 66   'X-RAY DIFFRACTION' ? 
r_symmetry_vdw_other     ?      ?      ? ?    'X-RAY DIFFRACTION' ? 
r_symmetry_hbond_refined 0.247  0.200  ? 22   'X-RAY DIFFRACTION' ? 
r_symmetry_hbond_other   ?      ?      ? ?    'X-RAY DIFFRACTION' ? 
r_mcbond_it              0.678  1.500  ? 909  'X-RAY DIFFRACTION' ? 
r_mcbond_other           ?      ?      ? ?    'X-RAY DIFFRACTION' ? 
r_mcangle_it             1.113  2.000  ? 1457 'X-RAY DIFFRACTION' ? 
r_scbond_it              1.765  3.000  ? 725  'X-RAY DIFFRACTION' ? 
r_scangle_it             2.397  4.500  ? 605  'X-RAY DIFFRACTION' ? 
r_rigid_bond_restr       ?      ?      ? ?    'X-RAY DIFFRACTION' ? 
r_sphericity_free        ?      ?      ? ?    'X-RAY DIFFRACTION' ? 
r_sphericity_bonded      ?      ?      ? ?    'X-RAY DIFFRACTION' ? 
# 
_refine_ls_shell.pdbx_total_number_of_bins_used   20 
_refine_ls_shell.d_res_high                       1.700 
_refine_ls_shell.d_res_low                        1.744 
_refine_ls_shell.number_reflns_R_work             941 
_refine_ls_shell.R_factor_R_work                  0.263 
_refine_ls_shell.percent_reflns_obs               81.43 
_refine_ls_shell.R_factor_R_free                  0.371 
_refine_ls_shell.R_factor_R_free_error            ? 
_refine_ls_shell.percent_reflns_R_free            ? 
_refine_ls_shell.number_reflns_R_free             63 
_refine_ls_shell.redundancy_reflns_obs            ? 
_refine_ls_shell.number_reflns_all                ? 
_refine_ls_shell.number_reflns_obs                ? 
_refine_ls_shell.pdbx_refine_id                   'X-RAY DIFFRACTION' 
_refine_ls_shell.R_factor_all                     ? 
# 
_struct.entry_id                  1XXN 
_struct.title                     'Crystal structure of a mesophilic xylanase A from Bacillus subtilis 1A1' 
_struct.pdbx_model_details        ? 
_struct.pdbx_CASP_flag            ? 
_struct.pdbx_model_type_details   ? 
# 
_struct_keywords.entry_id        1XXN 
_struct_keywords.pdbx_keywords   HYDROLASE 
_struct_keywords.text            'family 11 xylanase, thermostability, hydrolase' 
# 
loop_
_struct_asym.id 
_struct_asym.pdbx_blank_PDB_chainid_flag 
_struct_asym.pdbx_modified 
_struct_asym.entity_id 
_struct_asym.details 
A N N 1 ? 
B N N 2 ? 
C N N 3 ? 
# 
_struct_biol.id                    1 
_struct_biol.pdbx_parent_biol_id   ? 
_struct_biol.details               ? 
# 
_struct_conf.conf_type_id            HELX_P 
_struct_conf.id                      HELX_P1 
_struct_conf.pdbx_PDB_helix_id       1 
_struct_conf.beg_label_comp_id       PHE 
_struct_conf.beg_label_asym_id       A 
_struct_conf.beg_label_seq_id        146 
_struct_conf.pdbx_beg_PDB_ins_code   ? 
_struct_conf.end_label_comp_id       HIS 
_struct_conf.end_label_asym_id       A 
_struct_conf.end_label_seq_id        156 
_struct_conf.pdbx_end_PDB_ins_code   ? 
_struct_conf.beg_auth_comp_id        PHE 
_struct_conf.beg_auth_asym_id        A 
_struct_conf.beg_auth_seq_id         146 
_struct_conf.end_auth_comp_id        HIS 
_struct_conf.end_auth_asym_id        A 
_struct_conf.end_auth_seq_id         156 
_struct_conf.pdbx_PDB_helix_class    1 
_struct_conf.details                 ? 
_struct_conf.pdbx_PDB_helix_length   11 
# 
_struct_conf_type.id          HELX_P 
_struct_conf_type.criteria    ? 
_struct_conf_type.reference   ? 
# 
_struct_mon_prot_cis.pdbx_id                1 
_struct_mon_prot_cis.label_comp_id          SER 
_struct_mon_prot_cis.label_seq_id           74 
_struct_mon_prot_cis.label_asym_id          A 
_struct_mon_prot_cis.label_alt_id           . 
_struct_mon_prot_cis.pdbx_PDB_ins_code      ? 
_struct_mon_prot_cis.auth_comp_id           SER 
_struct_mon_prot_cis.auth_seq_id            74 
_struct_mon_prot_cis.auth_asym_id           A 
_struct_mon_prot_cis.pdbx_label_comp_id_2   PRO 
_struct_mon_prot_cis.pdbx_label_seq_id_2    75 
_struct_mon_prot_cis.pdbx_label_asym_id_2   A 
_struct_mon_prot_cis.pdbx_PDB_ins_code_2    ? 
_struct_mon_prot_cis.pdbx_auth_comp_id_2    PRO 
_struct_mon_prot_cis.pdbx_auth_seq_id_2     75 
_struct_mon_prot_cis.pdbx_auth_asym_id_2    A 
_struct_mon_prot_cis.pdbx_PDB_model_num     1 
_struct_mon_prot_cis.pdbx_omega_angle       1.69 
# 
loop_
_struct_sheet.id 
_struct_sheet.type 
_struct_sheet.number_strands 
_struct_sheet.details 
A ? 8 ? 
B ? 5 ? 
# 
loop_
_struct_sheet_order.sheet_id 
_struct_sheet_order.range_id_1 
_struct_sheet_order.range_id_2 
_struct_sheet_order.offset 
_struct_sheet_order.sense 
A 1 2 ? anti-parallel 
A 2 3 ? anti-parallel 
A 3 4 ? anti-parallel 
A 4 5 ? anti-parallel 
A 5 6 ? parallel      
A 6 7 ? anti-parallel 
A 7 8 ? anti-parallel 
B 1 2 ? anti-parallel 
B 2 3 ? anti-parallel 
B 3 4 ? anti-parallel 
B 4 5 ? anti-parallel 
# 
loop_
_struct_sheet_range.sheet_id 
_struct_sheet_range.id 
_struct_sheet_range.beg_label_comp_id 
_struct_sheet_range.beg_label_asym_id 
_struct_sheet_range.beg_label_seq_id 
_struct_sheet_range.pdbx_beg_PDB_ins_code 
_struct_sheet_range.end_label_comp_id 
_struct_sheet_range.end_label_asym_id 
_struct_sheet_range.end_label_seq_id 
_struct_sheet_range.pdbx_end_PDB_ins_code 
_struct_sheet_range.beg_auth_comp_id 
_struct_sheet_range.beg_auth_asym_id 
_struct_sheet_range.beg_auth_seq_id 
_struct_sheet_range.end_auth_comp_id 
_struct_sheet_range.end_auth_asym_id 
_struct_sheet_range.end_auth_seq_id 
A 1 TYR A 5   ? THR A 10  ? TYR A 5   THR A 10  
A 2 ASN A 35  ? TRP A 42  ? ASN A 35  TRP A 42  
A 3 ASN A 163 ? TYR A 174 ? ASN A 163 TYR A 174 
A 4 GLY A 64  ? ARG A 73  ? GLY A 64  ARG A 73  
A 5 ILE A 77  ? TRP A 85  ? ILE A 77  TRP A 85  
A 6 ARG A 122 ? ARG A 132 ? ARG A 122 ARG A 132 
A 7 GLY A 103 ? PRO A 116 ? GLY A 103 PRO A 116 
A 8 THR A 93  ? SER A 100 ? THR A 93  SER A 100 
B 1 ILE A 15  ? ASN A 20  ? ILE A 15  ASN A 20  
B 2 ASN A 25  ? SER A 31  ? ASN A 25  SER A 31  
B 3 SER A 177 ? TRP A 185 ? SER A 177 TRP A 185 
B 4 THR A 50  ? ASN A 61  ? THR A 50  ASN A 61  
B 5 ALA A 142 ? THR A 145 ? ALA A 142 THR A 145 
# 
loop_
_pdbx_struct_sheet_hbond.sheet_id 
_pdbx_struct_sheet_hbond.range_id_1 
_pdbx_struct_sheet_hbond.range_id_2 
_pdbx_struct_sheet_hbond.range_1_label_atom_id 
_pdbx_struct_sheet_hbond.range_1_label_comp_id 
_pdbx_struct_sheet_hbond.range_1_label_asym_id 
_pdbx_struct_sheet_hbond.range_1_label_seq_id 
_pdbx_struct_sheet_hbond.range_1_PDB_ins_code 
_pdbx_struct_sheet_hbond.range_1_auth_atom_id 
_pdbx_struct_sheet_hbond.range_1_auth_comp_id 
_pdbx_struct_sheet_hbond.range_1_auth_asym_id 
_pdbx_struct_sheet_hbond.range_1_auth_seq_id 
_pdbx_struct_sheet_hbond.range_2_label_atom_id 
_pdbx_struct_sheet_hbond.range_2_label_comp_id 
_pdbx_struct_sheet_hbond.range_2_label_asym_id 
_pdbx_struct_sheet_hbond.range_2_label_seq_id 
_pdbx_struct_sheet_hbond.range_2_PDB_ins_code 
_pdbx_struct_sheet_hbond.range_2_auth_atom_id 
_pdbx_struct_sheet_hbond.range_2_auth_comp_id 
_pdbx_struct_sheet_hbond.range_2_auth_asym_id 
_pdbx_struct_sheet_hbond.range_2_auth_seq_id 
A 1 2 N GLN A 7   ? N GLN A 7   O GLY A 39  ? O GLY A 39  
A 2 3 N LYS A 40  ? N LYS A 40  O MET A 169 ? O MET A 169 
A 3 4 O ALA A 170 ? O ALA A 170 N THR A 67  ? N THR A 67  
A 4 5 N LEU A 66  ? N LEU A 66  O SER A 84  ? O SER A 84  
A 5 6 N VAL A 82  ? N VAL A 82  O SER A 130 ? O SER A 130 
A 6 7 O THR A 123 ? O THR A 123 N ALA A 115 ? N ALA A 115 
A 7 8 O ILE A 107 ? O ILE A 107 N LYS A 95  ? N LYS A 95  
B 1 2 N ASN A 17  ? N ASN A 17  O ASN A 29  ? O ASN A 29  
B 2 3 N TRP A 30  ? N TRP A 30  O GLY A 178 ? O GLY A 178 
B 3 4 O SER A 177 ? O SER A 177 N ASN A 61  ? N ASN A 61  
B 4 5 N TYR A 53  ? N TYR A 53  O ALA A 142 ? O ALA A 142 
# 
_struct_site.id                   AC1 
_struct_site.pdbx_evidence_code   Software 
_struct_site.pdbx_auth_asym_id    A 
_struct_site.pdbx_auth_comp_id    SRT 
_struct_site.pdbx_auth_seq_id     201 
_struct_site.pdbx_auth_ins_code   ? 
_struct_site.pdbx_num_residues    11 
_struct_site.details              'BINDING SITE FOR RESIDUE SRT A 201' 
# 
loop_
_struct_site_gen.id 
_struct_site_gen.site_id 
_struct_site_gen.pdbx_num_res 
_struct_site_gen.label_comp_id 
_struct_site_gen.label_asym_id 
_struct_site_gen.label_seq_id 
_struct_site_gen.pdbx_auth_ins_code 
_struct_site_gen.auth_comp_id 
_struct_site_gen.auth_asym_id 
_struct_site_gen.auth_seq_id 
_struct_site_gen.label_atom_id 
_struct_site_gen.label_alt_id 
_struct_site_gen.symmetry 
_struct_site_gen.details 
1  AC1 11 PHE A 48  ? PHE A 48  . ? 4_455 ? 
2  AC1 11 SER A 74  ? SER A 74  . ? 3_545 ? 
3  AC1 11 GLY A 102 ? GLY A 102 . ? 1_555 ? 
4  AC1 11 GLY A 103 ? GLY A 103 . ? 1_555 ? 
5  AC1 11 THR A 104 ? THR A 104 . ? 1_555 ? 
6  AC1 11 GLN A 133 ? GLN A 133 . ? 1_555 ? 
7  AC1 11 SER A 134 ? SER A 134 . ? 1_555 ? 
8  AC1 11 HOH C .   ? HOH A 240 . ? 3_545 ? 
9  AC1 11 HOH C .   ? HOH A 342 . ? 1_555 ? 
10 AC1 11 HOH C .   ? HOH A 343 . ? 1_555 ? 
11 AC1 11 HOH C .   ? HOH A 344 . ? 1_555 ? 
# 
_atom_sites.entry_id                    1XXN 
_atom_sites.fract_transf_matrix[1][1]   0.00878289 
_atom_sites.fract_transf_matrix[1][2]   0.00283903 
_atom_sites.fract_transf_matrix[1][3]   -0.01732901 
_atom_sites.fract_transf_matrix[2][1]   0.00564385 
_atom_sites.fract_transf_matrix[2][2]   -0.01299330 
_atom_sites.fract_transf_matrix[2][3]   0.00073177 
_atom_sites.fract_transf_matrix[3][1]   -0.01905164 
_atom_sites.fract_transf_matrix[3][2]   -0.00890134 
_atom_sites.fract_transf_matrix[3][3]   -0.01111429 
_atom_sites.fract_transf_vector[1]      0.243441 
_atom_sites.fract_transf_vector[2]      0.357412 
_atom_sites.fract_transf_vector[3]      0.239756 
# 
loop_
_atom_type.symbol 
C 
N 
O 
S 
# 
loop_
_atom_site.group_PDB 
_atom_site.id 
_atom_site.type_symbol 
_atom_site.label_atom_id 
_atom_site.label_alt_id 
_atom_site.label_comp_id 
_atom_site.label_asym_id 
_atom_site.label_entity_id 
_atom_site.label_seq_id 
_atom_site.pdbx_PDB_ins_code 
_atom_site.Cartn_x 
_atom_site.Cartn_y 
_atom_site.Cartn_z 
_atom_site.occupancy 
_atom_site.B_iso_or_equiv 
_atom_site.pdbx_formal_charge 
_atom_site.auth_seq_id 
_atom_site.auth_comp_id 
_atom_site.auth_asym_id 
_atom_site.auth_atom_id 
_atom_site.pdbx_PDB_model_num 
ATOM   1    N N   . ALA A 1 1   ? 3.175   7.500   -17.039 1.00 40.32 ? 1   ALA A N   1 
ATOM   2    C CA  . ALA A 1 1   ? 4.137   6.347   -17.207 1.00 39.60 ? 1   ALA A CA  1 
ATOM   3    C C   . ALA A 1 1   ? 3.493   5.038   -16.718 1.00 38.71 ? 1   ALA A C   1 
ATOM   4    O O   . ALA A 1 1   ? 3.000   4.984   -15.602 1.00 38.74 ? 1   ALA A O   1 
ATOM   5    C CB  . ALA A 1 1   ? 5.451   6.633   -16.460 1.00 40.18 ? 1   ALA A CB  1 
ATOM   6    N N   . SER A 1 2   ? 3.520   3.976   -17.536 1.00 36.84 ? 2   SER A N   1 
ATOM   7    C CA  . SER A 1 2   ? 2.563   2.877   -17.342 1.00 34.13 ? 2   SER A CA  1 
ATOM   8    C C   . SER A 1 2   ? 3.004   1.728   -16.416 1.00 32.72 ? 2   SER A C   1 
ATOM   9    O O   . SER A 1 2   ? 4.157   1.272   -16.400 1.00 31.62 ? 2   SER A O   1 
ATOM   10   C CB  . SER A 1 2   ? 1.993   2.344   -18.679 1.00 33.90 ? 2   SER A CB  1 
ATOM   11   O OG  . SER A 1 2   ? 2.869   1.397   -19.271 0.50 32.94 ? 2   SER A OG  1 
ATOM   12   N N   . THR A 1 3   ? 2.010   1.257   -15.679 1.00 30.84 ? 3   THR A N   1 
ATOM   13   C CA  . THR A 1 3   ? 2.139   0.154   -14.772 1.00 29.11 ? 3   THR A CA  1 
ATOM   14   C C   . THR A 1 3   ? 2.289   -1.108  -15.593 1.00 27.66 ? 3   THR A C   1 
ATOM   15   O O   . THR A 1 3   ? 1.824   -1.169  -16.717 1.00 28.51 ? 3   THR A O   1 
ATOM   16   C CB  . THR A 1 3   ? 0.886   0.077   -13.892 1.00 29.14 ? 3   THR A CB  1 
ATOM   17   O OG1 . THR A 1 3   ? -0.267  -0.095  -14.727 1.00 28.92 ? 3   THR A OG1 1 
ATOM   18   C CG2 . THR A 1 3   ? 0.738   1.367   -13.099 1.00 28.60 ? 3   THR A CG2 1 
ATOM   19   N N   . ASP A 1 4   ? 2.937   -2.119  -15.028 1.00 26.69 ? 4   ASP A N   1 
ATOM   20   C CA  . ASP A 1 4   ? 3.213   -3.353  -15.752 1.00 25.83 ? 4   ASP A CA  1 
ATOM   21   C C   . ASP A 1 4   ? 2.980   -4.515  -14.811 1.00 25.25 ? 4   ASP A C   1 
ATOM   22   O O   . ASP A 1 4   ? 3.444   -5.648  -15.049 1.00 24.62 ? 4   ASP A O   1 
ATOM   23   C CB  . ASP A 1 4   ? 4.662   -3.355  -16.244 1.00 25.78 ? 4   ASP A CB  1 
ATOM   24   C CG  . ASP A 1 4   ? 5.685   -3.137  -15.107 1.00 26.44 ? 4   ASP A CG  1 
ATOM   25   O OD1 . ASP A 1 4   ? 5.399   -3.504  -13.955 1.00 24.01 ? 4   ASP A OD1 1 
ATOM   26   O OD2 . ASP A 1 4   ? 6.786   -2.591  -15.375 1.00 28.33 ? 4   ASP A OD2 1 
ATOM   27   N N   . TYR A 1 5   ? 2.305   -4.205  -13.699 1.00 24.36 ? 5   TYR A N   1 
ATOM   28   C CA  . TYR A 1 5   ? 2.097   -5.191  -12.664 1.00 24.03 ? 5   TYR A CA  1 
ATOM   29   C C   . TYR A 1 5   ? 0.699   -5.156  -12.074 1.00 23.00 ? 5   TYR A C   1 
ATOM   30   O O   . TYR A 1 5   ? 0.133   -4.078  -11.790 1.00 22.89 ? 5   TYR A O   1 
ATOM   31   C CB  . TYR A 1 5   ? 3.119   -5.041  -11.543 1.00 25.26 ? 5   TYR A CB  1 
ATOM   32   C CG  . TYR A 1 5   ? 3.063   -6.208  -10.589 1.00 27.14 ? 5   TYR A CG  1 
ATOM   33   C CD1 . TYR A 1 5   ? 3.615   -7.443  -10.951 1.00 29.04 ? 5   TYR A CD1 1 
ATOM   34   C CD2 . TYR A 1 5   ? 2.454   -6.086  -9.339  1.00 26.48 ? 5   TYR A CD2 1 
ATOM   35   C CE1 . TYR A 1 5   ? 3.559   -8.541  -10.086 1.00 31.25 ? 5   TYR A CE1 1 
ATOM   36   C CE2 . TYR A 1 5   ? 2.400   -7.184  -8.457  1.00 28.50 ? 5   TYR A CE2 1 
ATOM   37   C CZ  . TYR A 1 5   ? 2.960   -8.408  -8.854  1.00 29.27 ? 5   TYR A CZ  1 
ATOM   38   O OH  . TYR A 1 5   ? 2.932   -9.500  -8.013  1.00 31.48 ? 5   TYR A OH  1 
ATOM   39   N N   . TRP A 1 6   ? 0.165   -6.354  -11.906 1.00 21.80 ? 6   TRP A N   1 
ATOM   40   C CA  . TRP A 1 6   ? -1.166  -6.562  -11.347 1.00 21.80 ? 6   TRP A CA  1 
ATOM   41   C C   . TRP A 1 6   ? -0.973  -7.374  -10.097 1.00 21.59 ? 6   TRP A C   1 
ATOM   42   O O   . TRP A 1 6   ? -0.559  -8.528  -10.164 1.00 20.99 ? 6   TRP A O   1 
ATOM   43   C CB  . TRP A 1 6   ? -2.031  -7.329  -12.334 1.00 22.13 ? 6   TRP A CB  1 
ATOM   44   C CG  . TRP A 1 6   ? -3.425  -7.773  -11.858 1.00 22.91 ? 6   TRP A CG  1 
ATOM   45   C CD1 . TRP A 1 6   ? -3.948  -9.018  -11.960 1.00 23.49 ? 6   TRP A CD1 1 
ATOM   46   C CD2 . TRP A 1 6   ? -4.458  -6.962  -11.264 1.00 22.83 ? 6   TRP A CD2 1 
ATOM   47   N NE1 . TRP A 1 6   ? -5.238  -9.055  -11.478 1.00 23.66 ? 6   TRP A NE1 1 
ATOM   48   C CE2 . TRP A 1 6   ? -5.574  -7.805  -11.040 1.00 22.74 ? 6   TRP A CE2 1 
ATOM   49   C CE3 . TRP A 1 6   ? -4.541  -5.617  -10.888 1.00 23.23 ? 6   TRP A CE3 1 
ATOM   50   C CZ2 . TRP A 1 6   ? -6.764  -7.346  -10.473 1.00 23.01 ? 6   TRP A CZ2 1 
ATOM   51   C CZ3 . TRP A 1 6   ? -5.715  -5.162  -10.324 1.00 23.63 ? 6   TRP A CZ3 1 
ATOM   52   C CH2 . TRP A 1 6   ? -6.822  -6.023  -10.133 1.00 23.21 ? 6   TRP A CH2 1 
ATOM   53   N N   . GLN A 1 7   ? -1.253  -6.741  -8.968  1.00 21.24 ? 7   GLN A N   1 
ATOM   54   C CA  . GLN A 1 7   ? -1.216  -7.373  -7.671  1.00 21.59 ? 7   GLN A CA  1 
ATOM   55   C C   . GLN A 1 7   ? -2.648  -7.773  -7.325  1.00 21.40 ? 7   GLN A C   1 
ATOM   56   O O   . GLN A 1 7   ? -3.521  -6.932  -7.251  1.00 20.46 ? 7   GLN A O   1 
ATOM   57   C CB  . GLN A 1 7   ? -0.646  -6.385  -6.641  1.00 22.41 ? 7   GLN A CB  1 
ATOM   58   C CG  . GLN A 1 7   ? -0.791  -6.820  -5.174  1.00 24.82 ? 7   GLN A CG  1 
ATOM   59   C CD  . GLN A 1 7   ? -0.199  -8.187  -4.880  1.00 26.01 ? 7   GLN A CD  1 
ATOM   60   O OE1 . GLN A 1 7   ? 0.620   -8.711  -5.628  1.00 26.06 ? 7   GLN A OE1 1 
ATOM   61   N NE2 . GLN A 1 7   ? -0.621  -8.770  -3.775  1.00 26.38 ? 7   GLN A NE2 1 
ATOM   62   N N   . ASN A 1 8   ? -2.896  -9.068  -7.153  1.00 21.85 ? 8   ASN A N   1 
ATOM   63   C CA  . ASN A 1 8   ? -4.231  -9.523  -6.811  1.00 22.21 ? 8   ASN A CA  1 
ATOM   64   C C   . ASN A 1 8   ? -4.095  -10.718 -5.888  1.00 22.13 ? 8   ASN A C   1 
ATOM   65   O O   . ASN A 1 8   ? -3.882  -11.845 -6.311  1.00 21.37 ? 8   ASN A O   1 
ATOM   66   C CB  . ASN A 1 8   ? -5.000  -9.850  -8.072  1.00 22.72 ? 8   ASN A CB  1 
ATOM   67   C CG  . ASN A 1 8   ? -6.405  -10.308 -7.805  1.00 23.67 ? 8   ASN A CG  1 
ATOM   68   O OD1 . ASN A 1 8   ? -6.903  -10.222 -6.681  1.00 23.94 ? 8   ASN A OD1 1 
ATOM   69   N ND2 . ASN A 1 8   ? -7.072  -10.766 -8.857  1.00 26.10 ? 8   ASN A ND2 1 
ATOM   70   N N   . TRP A 1 9   ? -4.147  -10.434 -4.602  1.00 22.34 ? 9   TRP A N   1 
ATOM   71   C CA  . TRP A 1 9   ? -3.937  -11.458 -3.623  1.00 22.87 ? 9   TRP A CA  1 
ATOM   72   C C   . TRP A 1 9   ? -5.055  -11.396 -2.585  1.00 23.36 ? 9   TRP A C   1 
ATOM   73   O O   . TRP A 1 9   ? -5.479  -10.300 -2.133  1.00 22.30 ? 9   TRP A O   1 
ATOM   74   C CB  . TRP A 1 9   ? -2.550  -11.321 -2.987  1.00 23.42 ? 9   TRP A CB  1 
ATOM   75   C CG  . TRP A 1 9   ? -2.393  -12.322 -1.906  1.00 23.75 ? 9   TRP A CG  1 
ATOM   76   C CD1 . TRP A 1 9   ? -1.985  -13.631 -2.028  1.00 25.12 ? 9   TRP A CD1 1 
ATOM   77   C CD2 . TRP A 1 9   ? -2.749  -12.131 -0.550  1.00 23.93 ? 9   TRP A CD2 1 
ATOM   78   N NE1 . TRP A 1 9   ? -2.039  -14.261 -0.797  1.00 26.35 ? 9   TRP A NE1 1 
ATOM   79   C CE2 . TRP A 1 9   ? -2.496  -13.356 0.130   1.00 26.27 ? 9   TRP A CE2 1 
ATOM   80   C CE3 . TRP A 1 9   ? -3.243  -11.037 0.175   1.00 21.51 ? 9   TRP A CE3 1 
ATOM   81   C CZ2 . TRP A 1 9   ? -2.718  -13.503 1.500   1.00 24.91 ? 9   TRP A CZ2 1 
ATOM   82   C CZ3 . TRP A 1 9   ? -3.442  -11.179 1.529   1.00 25.18 ? 9   TRP A CZ3 1 
ATOM   83   C CH2 . TRP A 1 9   ? -3.187  -12.408 2.179   1.00 24.45 ? 9   TRP A CH2 1 
ATOM   84   N N   . THR A 1 10  ? -5.562  -12.580 -2.253  1.00 24.22 ? 10  THR A N   1 
ATOM   85   C CA  . THR A 1 10  ? -6.512  -12.722 -1.176  1.00 24.72 ? 10  THR A CA  1 
ATOM   86   C C   . THR A 1 10  ? -6.084  -13.903 -0.337  1.00 25.34 ? 10  THR A C   1 
ATOM   87   O O   . THR A 1 10  ? -5.512  -14.859 -0.865  1.00 25.51 ? 10  THR A O   1 
ATOM   88   C CB  . THR A 1 10  ? -7.958  -12.931 -1.674  1.00 25.17 ? 10  THR A CB  1 
ATOM   89   O OG1 . THR A 1 10  ? -8.793  -13.169 -0.546  1.00 26.10 ? 10  THR A OG1 1 
ATOM   90   C CG2 . THR A 1 10  ? -8.092  -14.119 -2.654  1.00 25.36 ? 10  THR A CG2 1 
ATOM   91   N N   . ASP A 1 11  ? -6.344  -13.837 0.959   1.00 25.50 ? 11  ASP A N   1 
ATOM   92   C CA  . ASP A 1 11  ? -6.131  -15.028 1.774   1.00 26.57 ? 11  ASP A CA  1 
ATOM   93   C C   . ASP A 1 11  ? -7.291  -16.023 1.617   1.00 26.84 ? 11  ASP A C   1 
ATOM   94   O O   . ASP A 1 11  ? -7.267  -17.097 2.213   1.00 27.88 ? 11  ASP A O   1 
ATOM   95   C CB  . ASP A 1 11  ? -5.853  -14.660 3.238   1.00 26.81 ? 11  ASP A CB  1 
ATOM   96   C CG  . ASP A 1 11  ? -7.048  -14.053 3.944   1.00 26.52 ? 11  ASP A CG  1 
ATOM   97   O OD1 . ASP A 1 11  ? -8.174  -14.087 3.396   1.00 29.90 ? 11  ASP A OD1 1 
ATOM   98   O OD2 . ASP A 1 11  ? -6.850  -13.525 5.052   1.00 26.04 ? 11  ASP A OD2 1 
ATOM   99   N N   . GLY A 1 12  ? -8.296  -15.675 0.821   1.00 26.43 ? 12  GLY A N   1 
ATOM   100  C CA  . GLY A 1 12  ? -9.400  -16.607 0.538   1.00 26.53 ? 12  GLY A CA  1 
ATOM   101  C C   . GLY A 1 12  ? -10.649 -16.306 1.339   1.00 26.14 ? 12  GLY A C   1 
ATOM   102  O O   . GLY A 1 12  ? -11.721 -16.858 1.078   1.00 26.51 ? 12  GLY A O   1 
ATOM   103  N N   . GLY A 1 13  ? -10.513 -15.430 2.324   1.00 25.68 ? 13  GLY A N   1 
ATOM   104  C CA  . GLY A 1 13  ? -11.614 -15.075 3.173   1.00 25.68 ? 13  GLY A CA  1 
ATOM   105  C C   . GLY A 1 13  ? -12.621 -14.248 2.418   1.00 26.12 ? 13  GLY A C   1 
ATOM   106  O O   . GLY A 1 13  ? -12.258 -13.268 1.752   1.00 26.16 ? 13  GLY A O   1 
ATOM   107  N N   . GLY A 1 14  ? -13.885 -14.657 2.532   1.00 26.18 ? 14  GLY A N   1 
ATOM   108  C CA  . GLY A 1 14  ? -15.003 -13.955 1.922   1.00 25.09 ? 14  GLY A CA  1 
ATOM   109  C C   . GLY A 1 14  ? -14.850 -13.797 0.430   1.00 24.58 ? 14  GLY A C   1 
ATOM   110  O O   . GLY A 1 14  ? -14.404 -14.708 -0.274  1.00 25.31 ? 14  GLY A O   1 
ATOM   111  N N   . ILE A 1 15  ? -15.233 -12.629 -0.051  1.00 24.03 ? 15  ILE A N   1 
ATOM   112  C CA  . ILE A 1 15  ? -15.287 -12.401 -1.478  1.00 24.06 ? 15  ILE A CA  1 
ATOM   113  C C   . ILE A 1 15  ? -14.420 -11.195 -1.811  1.00 23.17 ? 15  ILE A C   1 
ATOM   114  O O   . ILE A 1 15  ? -14.626 -10.123 -1.269  1.00 23.86 ? 15  ILE A O   1 
ATOM   115  C CB  . ILE A 1 15  ? -16.744 -12.212 -1.959  1.00 24.87 ? 15  ILE A CB  1 
ATOM   116  C CG1 . ILE A 1 15  ? -17.538 -13.512 -1.734  1.00 25.58 ? 15  ILE A CG1 1 
ATOM   117  C CG2 . ILE A 1 15  ? -16.772 -11.867 -3.429  1.00 25.70 ? 15  ILE A CG2 1 
ATOM   118  C CD1 . ILE A 1 15  ? -19.036 -13.346 -1.870  1.00 29.21 ? 15  ILE A CD1 1 
ATOM   119  N N   . VAL A 1 16  ? -13.433 -11.403 -2.678  1.00 22.13 ? 16  VAL A N   1 
ATOM   120  C CA  . VAL A 1 16  ? -12.567 -10.328 -3.155  1.00 21.14 ? 16  VAL A CA  1 
ATOM   121  C C   . VAL A 1 16  ? -12.637 -10.370 -4.663  1.00 20.94 ? 16  VAL A C   1 
ATOM   122  O O   . VAL A 1 16  ? -12.074 -11.251 -5.288  1.00 21.90 ? 16  VAL A O   1 
ATOM   123  C CB  . VAL A 1 16  ? -11.096 -10.487 -2.668  1.00 20.89 ? 16  VAL A CB  1 
ATOM   124  C CG1 . VAL A 1 16  ? -10.216 -9.368  -3.233  1.00 21.13 ? 16  VAL A CG1 1 
ATOM   125  C CG2 . VAL A 1 16  ? -11.049 -10.497 -1.147  1.00 21.23 ? 16  VAL A CG2 1 
ATOM   126  N N   . ASN A 1 17  ? -13.368 -9.425  -5.233  1.00 20.75 ? 17  ASN A N   1 
ATOM   127  C CA  . ASN A 1 17  ? -13.608 -9.391  -6.670  1.00 20.80 ? 17  ASN A CA  1 
ATOM   128  C C   . ASN A 1 17  ? -12.795 -8.240  -7.239  1.00 20.57 ? 17  ASN A C   1 
ATOM   129  O O   . ASN A 1 17  ? -13.177 -7.075  -7.110  1.00 21.33 ? 17  ASN A O   1 
ATOM   130  C CB  . ASN A 1 17  ? -15.088 -9.222  -6.964  1.00 20.42 ? 17  ASN A CB  1 
ATOM   131  C CG  . ASN A 1 17  ? -15.925 -10.393 -6.453  1.00 21.10 ? 17  ASN A CG  1 
ATOM   132  O OD1 . ASN A 1 17  ? -15.529 -11.556 -6.553  1.00 21.08 ? 17  ASN A OD1 1 
ATOM   133  N ND2 . ASN A 1 17  ? -17.074 -10.078 -5.885  1.00 19.99 ? 17  ASN A ND2 1 
ATOM   134  N N   . ALA A 1 18  ? -11.653 -8.585  -7.820  1.00 20.45 ? 18  ALA A N   1 
ATOM   135  C CA  . ALA A 1 18  ? -10.722 -7.596  -8.369  1.00 21.22 ? 18  ALA A CA  1 
ATOM   136  C C   . ALA A 1 18  ? -10.832 -7.577  -9.887  1.00 21.54 ? 18  ALA A C   1 
ATOM   137  O O   . ALA A 1 18  ? -10.847 -8.630  -10.513 1.00 23.00 ? 18  ALA A O   1 
ATOM   138  C CB  . ALA A 1 18  ? -9.271  -7.925  -7.935  1.00 21.30 ? 18  ALA A CB  1 
ATOM   139  N N   . VAL A 1 19  ? -10.930 -6.387  -10.477 1.00 21.57 ? 19  VAL A N   1 
ATOM   140  C CA  . VAL A 1 19  ? -10.998 -6.304  -11.929 1.00 20.64 ? 19  VAL A CA  1 
ATOM   141  C C   . VAL A 1 19  ? -9.715  -5.633  -12.374 1.00 19.71 ? 19  VAL A C   1 
ATOM   142  O O   . VAL A 1 19  ? -9.390  -4.546  -11.910 1.00 19.33 ? 19  VAL A O   1 
ATOM   143  C CB  . VAL A 1 19  ? -12.228 -5.544  -12.422 1.00 21.79 ? 19  VAL A CB  1 
ATOM   144  C CG1 . VAL A 1 19  ? -12.139 -5.307  -13.937 1.00 19.61 ? 19  VAL A CG1 1 
ATOM   145  C CG2 . VAL A 1 19  ? -13.488 -6.339  -12.074 1.00 21.11 ? 19  VAL A CG2 1 
ATOM   146  N N   . ASN A 1 20  ? -8.978  -6.323  -13.232 1.00 18.87 ? 20  ASN A N   1 
ATOM   147  C CA  . ASN A 1 20  ? -7.783  -5.768  -13.828 1.00 19.17 ? 20  ASN A CA  1 
ATOM   148  C C   . ASN A 1 20  ? -8.280  -4.917  -14.998 1.00 18.59 ? 20  ASN A C   1 
ATOM   149  O O   . ASN A 1 20  ? -8.557  -5.442  -16.086 1.00 19.10 ? 20  ASN A O   1 
ATOM   150  C CB  . ASN A 1 20  ? -6.889  -6.919  -14.274 1.00 19.55 ? 20  ASN A CB  1 
ATOM   151  C CG  . ASN A 1 20  ? -5.671  -6.458  -15.009 1.00 20.51 ? 20  ASN A CG  1 
ATOM   152  O OD1 . ASN A 1 20  ? -5.599  -5.316  -15.438 1.00 20.68 ? 20  ASN A OD1 1 
ATOM   153  N ND2 . ASN A 1 20  ? -4.696  -7.349  -15.160 1.00 22.71 ? 20  ASN A ND2 1 
ATOM   154  N N   . GLY A 1 21  ? -8.474  -3.624  -14.736 1.00 18.93 ? 21  GLY A N   1 
ATOM   155  C CA  . GLY A 1 21  ? -9.091  -2.711  -15.699 1.00 19.05 ? 21  GLY A CA  1 
ATOM   156  C C   . GLY A 1 21  ? -8.094  -2.172  -16.729 1.00 19.84 ? 21  GLY A C   1 
ATOM   157  O O   . GLY A 1 21  ? -6.997  -2.700  -16.895 1.00 19.87 ? 21  GLY A O   1 
ATOM   158  N N   . SER A 1 22  ? -8.498  -1.120  -17.427 1.00 19.59 ? 22  SER A N   1 
ATOM   159  C CA  . SER A 1 22  ? -7.718  -0.585  -18.505 1.00 20.17 ? 22  SER A CA  1 
ATOM   160  C C   . SER A 1 22  ? -6.460  0.055   -17.941 1.00 19.79 ? 22  SER A C   1 
ATOM   161  O O   . SER A 1 22  ? -6.555  0.915   -17.064 1.00 19.66 ? 22  SER A O   1 
ATOM   162  C CB  . SER A 1 22  ? -8.502  0.470   -19.248 1.00 21.32 ? 22  SER A CB  1 
ATOM   163  O OG  . SER A 1 22  ? -7.694  1.035   -20.258 1.00 21.60 ? 22  SER A OG  1 
ATOM   164  N N   . GLY A 1 23  ? -5.302  -0.375  -18.441 1.00 18.92 ? 23  GLY A N   1 
ATOM   165  C CA  . GLY A 1 23  ? -4.051  0.291   -18.122 1.00 19.90 ? 23  GLY A CA  1 
ATOM   166  C C   . GLY A 1 23  ? -3.788  0.185   -16.637 1.00 19.63 ? 23  GLY A C   1 
ATOM   167  O O   . GLY A 1 23  ? -3.729  -0.922  -16.087 1.00 20.35 ? 23  GLY A O   1 
ATOM   168  N N   . GLY A 1 24  ? -3.660  1.336   -15.998 1.00 20.14 ? 24  GLY A N   1 
ATOM   169  C CA  . GLY A 1 24  ? -3.383  1.414   -14.578 1.00 19.78 ? 24  GLY A CA  1 
ATOM   170  C C   . GLY A 1 24  ? -4.654  1.375   -13.739 1.00 19.79 ? 24  GLY A C   1 
ATOM   171  O O   . GLY A 1 24  ? -4.591  1.491   -12.520 1.00 19.33 ? 24  GLY A O   1 
ATOM   172  N N   . ASN A 1 25  ? -5.808  1.194   -14.383 1.00 18.95 ? 25  ASN A N   1 
ATOM   173  C CA  . ASN A 1 25  ? -7.047  1.150   -13.638 1.00 18.87 ? 25  ASN A CA  1 
ATOM   174  C C   . ASN A 1 25  ? -7.326  -0.214  -13.075 1.00 19.28 ? 25  ASN A C   1 
ATOM   175  O O   . ASN A 1 25  ? -7.059  -1.213  -13.717 1.00 19.42 ? 25  ASN A O   1 
ATOM   176  C CB  . ASN A 1 25  ? -8.224  1.536   -14.500 1.00 18.87 ? 25  ASN A CB  1 
ATOM   177  C CG  . ASN A 1 25  ? -9.507  1.493   -13.730 1.00 16.82 ? 25  ASN A CG  1 
ATOM   178  O OD1 . ASN A 1 25  ? -10.367 0.647   -13.990 1.00 20.68 ? 25  ASN A OD1 1 
ATOM   179  N ND2 . ASN A 1 25  ? -9.630  2.380   -12.740 1.00 17.15 ? 25  ASN A ND2 1 
ATOM   180  N N   . TYR A 1 26  ? -7.918  -0.252  -11.886 1.00 19.46 ? 26  TYR A N   1 
ATOM   181  C CA  . TYR A 1 26  ? -8.443  -1.472  -11.353 1.00 18.86 ? 26  TYR A CA  1 
ATOM   182  C C   . TYR A 1 26  ? -9.558  -1.107  -10.402 1.00 19.51 ? 26  TYR A C   1 
ATOM   183  O O   . TYR A 1 26  ? -9.689  0.037   -9.973  1.00 19.92 ? 26  TYR A O   1 
ATOM   184  C CB  . TYR A 1 26  ? -7.339  -2.250  -10.635 1.00 19.27 ? 26  TYR A CB  1 
ATOM   185  C CG  . TYR A 1 26  ? -6.879  -1.649  -9.315  1.00 19.56 ? 26  TYR A CG  1 
ATOM   186  C CD1 . TYR A 1 26  ? -7.407  -2.107  -8.101  1.00 21.82 ? 26  TYR A CD1 1 
ATOM   187  C CD2 . TYR A 1 26  ? -5.913  -0.638  -9.275  1.00 20.04 ? 26  TYR A CD2 1 
ATOM   188  C CE1 . TYR A 1 26  ? -6.990  -1.568  -6.891  1.00 18.39 ? 26  TYR A CE1 1 
ATOM   189  C CE2 . TYR A 1 26  ? -5.484  -0.098  -8.061  1.00 18.91 ? 26  TYR A CE2 1 
ATOM   190  C CZ  . TYR A 1 26  ? -6.039  -0.565  -6.882  1.00 19.38 ? 26  TYR A CZ  1 
ATOM   191  O OH  . TYR A 1 26  ? -5.629  -0.040  -5.707  1.00 18.15 ? 26  TYR A OH  1 
ATOM   192  N N   . SER A 1 27  ? -10.360 -2.093  -10.066 1.00 19.94 ? 27  SER A N   1 
ATOM   193  C CA  . SER A 1 27  ? -11.392 -1.864  -9.098  1.00 19.38 ? 27  SER A CA  1 
ATOM   194  C C   . SER A 1 27  ? -11.535 -3.120  -8.280  1.00 19.36 ? 27  SER A C   1 
ATOM   195  O O   . SER A 1 27  ? -11.048 -4.200  -8.667  1.00 18.51 ? 27  SER A O   1 
ATOM   196  C CB  . SER A 1 27  ? -12.672 -1.441  -9.800  1.00 20.78 ? 27  SER A CB  1 
ATOM   197  O OG  . SER A 1 27  ? -12.858 -2.273  -10.924 1.00 21.59 ? 27  SER A OG  1 
ATOM   198  N N   . VAL A 1 28  ? -12.110 -2.969  -7.096  1.00 17.89 ? 28  VAL A N   1 
ATOM   199  C CA  . VAL A 1 28  ? -12.259 -4.123  -6.228  1.00 18.96 ? 28  VAL A CA  1 
ATOM   200  C C   . VAL A 1 28  ? -13.580 -3.992  -5.558  1.00 19.29 ? 28  VAL A C   1 
ATOM   201  O O   . VAL A 1 28  ? -13.932 -2.911  -5.090  1.00 19.09 ? 28  VAL A O   1 
ATOM   202  C CB  . VAL A 1 28  ? -11.179 -4.197  -5.108  1.00 19.18 ? 28  VAL A CB  1 
ATOM   203  C CG1 . VAL A 1 28  ? -11.178 -5.591  -4.445  1.00 18.87 ? 28  VAL A CG1 1 
ATOM   204  C CG2 . VAL A 1 28  ? -9.777  -3.843  -5.622  1.00 19.13 ? 28  VAL A CG2 1 
ATOM   205  N N   . ASN A 1 29  ? -14.330 -5.083  -5.547  1.00 19.60 ? 29  ASN A N   1 
ATOM   206  C CA  . ASN A 1 29  ? -15.529 -5.176  -4.752  1.00 20.09 ? 29  ASN A CA  1 
ATOM   207  C C   . ASN A 1 29  ? -15.276 -6.309  -3.811  1.00 20.08 ? 29  ASN A C   1 
ATOM   208  O O   . ASN A 1 29  ? -14.946 -7.409  -4.242  1.00 20.49 ? 29  ASN A O   1 
ATOM   209  C CB  . ASN A 1 29  ? -16.747 -5.475  -5.627  1.00 20.12 ? 29  ASN A CB  1 
ATOM   210  C CG  . ASN A 1 29  ? -17.216 -4.260  -6.391  1.00 21.93 ? 29  ASN A CG  1 
ATOM   211  O OD1 . ASN A 1 29  ? -17.087 -3.117  -5.923  1.00 22.57 ? 29  ASN A OD1 1 
ATOM   212  N ND2 . ASN A 1 29  ? -17.772 -4.491  -7.568  1.00 22.30 ? 29  ASN A ND2 1 
ATOM   213  N N   . TRP A 1 30  ? -15.363 -6.029  -2.523  1.00 20.33 ? 30  TRP A N   1 
ATOM   214  C CA  . TRP A 1 30  ? -15.098 -7.089  -1.563  1.00 20.59 ? 30  TRP A CA  1 
ATOM   215  C C   . TRP A 1 30  ? -16.124 -7.165  -0.470  1.00 20.16 ? 30  TRP A C   1 
ATOM   216  O O   . TRP A 1 30  ? -16.855 -6.216  -0.228  1.00 19.31 ? 30  TRP A O   1 
ATOM   217  C CB  . TRP A 1 30  ? -13.693 -6.960  -0.991  1.00 20.09 ? 30  TRP A CB  1 
ATOM   218  C CG  . TRP A 1 30  ? -13.453 -5.837  -0.037  1.00 19.71 ? 30  TRP A CG  1 
ATOM   219  C CD1 . TRP A 1 30  ? -13.432 -5.916  1.308   1.00 18.26 ? 30  TRP A CD1 1 
ATOM   220  C CD2 . TRP A 1 30  ? -13.088 -4.485  -0.375  1.00 19.79 ? 30  TRP A CD2 1 
ATOM   221  N NE1 . TRP A 1 30  ? -13.082 -4.704  1.853   1.00 20.13 ? 30  TRP A NE1 1 
ATOM   222  C CE2 . TRP A 1 30  ? -12.870 -3.801  0.841   1.00 20.45 ? 30  TRP A CE2 1 
ATOM   223  C CE3 . TRP A 1 30  ? -12.917 -3.793  -1.582  1.00 19.93 ? 30  TRP A CE3 1 
ATOM   224  C CZ2 . TRP A 1 30  ? -12.502 -2.451  0.893   1.00 18.83 ? 30  TRP A CZ2 1 
ATOM   225  C CZ3 . TRP A 1 30  ? -12.559 -2.445  -1.536  1.00 19.28 ? 30  TRP A CZ3 1 
ATOM   226  C CH2 . TRP A 1 30  ? -12.360 -1.787  -0.298  1.00 20.59 ? 30  TRP A CH2 1 
ATOM   227  N N   . SER A 1 31  ? -16.185 -8.311  0.198   1.00 20.91 ? 31  SER A N   1 
ATOM   228  C CA  . SER A 1 31  ? -17.263 -8.501  1.143   1.00 22.03 ? 31  SER A CA  1 
ATOM   229  C C   . SER A 1 31  ? -16.819 -9.530  2.137   1.00 22.77 ? 31  SER A C   1 
ATOM   230  O O   . SER A 1 31  ? -16.319 -10.586 1.749   1.00 21.72 ? 31  SER A O   1 
ATOM   231  C CB  . SER A 1 31  ? -18.537 -8.964  0.401   1.00 22.79 ? 31  SER A CB  1 
ATOM   232  O OG  . SER A 1 31  ? -19.539 -9.353  1.316   1.00 25.84 ? 31  SER A OG  1 
ATOM   233  N N   . ASN A 1 32  ? -16.984 -9.201  3.419   1.00 23.62 ? 32  ASN A N   1 
ATOM   234  C CA  . ASN A 1 32  ? -16.791 -10.172 4.467   1.00 24.97 ? 32  ASN A CA  1 
ATOM   235  C C   . ASN A 1 32  ? -15.420 -10.859 4.335   1.00 24.77 ? 32  ASN A C   1 
ATOM   236  O O   . ASN A 1 32  ? -15.291 -12.082 4.479   1.00 24.55 ? 32  ASN A O   1 
ATOM   237  C CB  . ASN A 1 32  ? -17.972 -11.171 4.396   1.00 26.33 ? 32  ASN A CB  1 
ATOM   238  C CG  . ASN A 1 32  ? -17.880 -12.257 5.433   1.00 30.03 ? 32  ASN A CG  1 
ATOM   239  O OD1 . ASN A 1 32  ? -17.401 -12.036 6.550   1.00 36.73 ? 32  ASN A OD1 1 
ATOM   240  N ND2 . ASN A 1 32  ? -18.314 -13.444 5.068   1.00 32.83 ? 32  ASN A ND2 1 
ATOM   241  N N   . THR A 1 33  ? -14.387 -10.055 4.059   1.00 23.73 ? 33  THR A N   1 
ATOM   242  C CA  . THR A 1 33  ? -13.118 -10.613 3.637   1.00 23.99 ? 33  THR A CA  1 
ATOM   243  C C   . THR A 1 33  ? -12.286 -11.049 4.825   1.00 23.52 ? 33  THR A C   1 
ATOM   244  O O   . THR A 1 33  ? -12.607 -10.751 5.990   1.00 22.70 ? 33  THR A O   1 
ATOM   245  C CB  . THR A 1 33  ? -12.261 -9.593  2.841   1.00 23.54 ? 33  THR A CB  1 
ATOM   246  O OG1 . THR A 1 33  ? -11.907 -8.500  3.697   1.00 23.22 ? 33  THR A OG1 1 
ATOM   247  C CG2 . THR A 1 33  ? -13.025 -9.088  1.609   1.00 22.95 ? 33  THR A CG2 1 
ATOM   248  N N   . GLY A 1 34  ? -11.205 -11.760 4.507   1.00 23.56 ? 34  GLY A N   1 
ATOM   249  C CA  . GLY A 1 34  ? -10.081 -11.858 5.433   1.00 22.96 ? 34  GLY A CA  1 
ATOM   250  C C   . GLY A 1 34  ? -9.159  -10.698 5.108   1.00 22.71 ? 34  GLY A C   1 
ATOM   251  O O   . GLY A 1 34  ? -9.557  -9.541  5.151   1.00 21.89 ? 34  GLY A O   1 
ATOM   252  N N   . ASN A 1 35  ? -7.936  -11.023 4.741   1.00 21.65 ? 35  ASN A N   1 
ATOM   253  C CA  . ASN A 1 35  ? -7.006  -10.009 4.278   1.00 21.52 ? 35  ASN A CA  1 
ATOM   254  C C   . ASN A 1 35  ? -6.785  -10.220 2.801   1.00 20.83 ? 35  ASN A C   1 
ATOM   255  O O   . ASN A 1 35  ? -6.782  -11.354 2.311   1.00 20.72 ? 35  ASN A O   1 
ATOM   256  C CB  . ASN A 1 35  ? -5.708  -10.084 5.090   1.00 21.58 ? 35  ASN A CB  1 
ATOM   257  C CG  . ASN A 1 35  ? -4.634  -9.115  4.611   1.00 22.46 ? 35  ASN A CG  1 
ATOM   258  O OD1 . ASN A 1 35  ? -4.880  -7.931  4.383   1.00 22.33 ? 35  ASN A OD1 1 
ATOM   259  N ND2 . ASN A 1 35  ? -3.432  -9.632  4.468   1.00 23.03 ? 35  ASN A ND2 1 
ATOM   260  N N   . PHE A 1 36  ? -6.662  -9.119  2.077   1.00 19.99 ? 36  PHE A N   1 
ATOM   261  C CA  . PHE A 1 36  ? -6.361  -9.168  0.658   1.00 19.77 ? 36  PHE A CA  1 
ATOM   262  C C   . PHE A 1 36  ? -5.656  -7.884  0.302   1.00 19.81 ? 36  PHE A C   1 
ATOM   263  O O   . PHE A 1 36  ? -5.845  -6.864  0.964   1.00 20.12 ? 36  PHE A O   1 
ATOM   264  C CB  . PHE A 1 36  ? -7.643  -9.280  -0.181  1.00 20.16 ? 36  PHE A CB  1 
ATOM   265  C CG  . PHE A 1 36  ? -8.488  -8.051  -0.127  1.00 18.82 ? 36  PHE A CG  1 
ATOM   266  C CD1 . PHE A 1 36  ? -9.471  -7.929  0.835   1.00 19.10 ? 36  PHE A CD1 1 
ATOM   267  C CD2 . PHE A 1 36  ? -8.289  -7.008  -1.027  1.00 18.91 ? 36  PHE A CD2 1 
ATOM   268  C CE1 . PHE A 1 36  ? -10.266 -6.797  0.897   1.00 17.87 ? 36  PHE A CE1 1 
ATOM   269  C CE2 . PHE A 1 36  ? -9.079  -5.857  -0.969  1.00 18.06 ? 36  PHE A CE2 1 
ATOM   270  C CZ  . PHE A 1 36  ? -10.062 -5.761  -0.001  1.00 17.82 ? 36  PHE A CZ  1 
ATOM   271  N N   . VAL A 1 37  ? -4.859  -7.937  -0.756  1.00 20.20 ? 37  VAL A N   1 
ATOM   272  C CA  . VAL A 1 37  ? -4.175  -6.755  -1.252  1.00 19.19 ? 37  VAL A CA  1 
ATOM   273  C C   . VAL A 1 37  ? -4.347  -6.804  -2.744  1.00 19.07 ? 37  VAL A C   1 
ATOM   274  O O   . VAL A 1 37  ? -3.988  -7.793  -3.368  1.00 18.81 ? 37  VAL A O   1 
ATOM   275  C CB  . VAL A 1 37  ? -2.673  -6.771  -0.871  1.00 19.55 ? 37  VAL A CB  1 
ATOM   276  C CG1 . VAL A 1 37  ? -1.910  -5.674  -1.592  1.00 21.48 ? 37  VAL A CG1 1 
ATOM   277  C CG2 . VAL A 1 37  ? -2.524  -6.613  0.620   1.00 19.77 ? 37  VAL A CG2 1 
ATOM   278  N N   . VAL A 1 38  ? -4.923  -5.753  -3.306  1.00 17.23 ? 38  VAL A N   1 
ATOM   279  C CA  . VAL A 1 38  ? -5.075  -5.690  -4.756  1.00 18.20 ? 38  VAL A CA  1 
ATOM   280  C C   . VAL A 1 38  ? -4.530  -4.345  -5.212  1.00 18.10 ? 38  VAL A C   1 
ATOM   281  O O   . VAL A 1 38  ? -4.772  -3.328  -4.581  1.00 17.85 ? 38  VAL A O   1 
ATOM   282  C CB  . VAL A 1 38  ? -6.554  -5.789  -5.195  1.00 17.83 ? 38  VAL A CB  1 
ATOM   283  C CG1 . VAL A 1 38  ? -6.697  -5.536  -6.696  1.00 17.45 ? 38  VAL A CG1 1 
ATOM   284  C CG2 . VAL A 1 38  ? -7.154  -7.149  -4.819  1.00 18.27 ? 38  VAL A CG2 1 
ATOM   285  N N   . GLY A 1 39  ? -3.791  -4.333  -6.310  1.00 17.86 ? 39  GLY A N   1 
ATOM   286  C CA  . GLY A 1 39  ? -3.394  -3.050  -6.865  1.00 17.61 ? 39  GLY A CA  1 
ATOM   287  C C   . GLY A 1 39  ? -2.680  -3.129  -8.174  1.00 17.63 ? 39  GLY A C   1 
ATOM   288  O O   . GLY A 1 39  ? -2.311  -4.210  -8.667  1.00 19.03 ? 39  GLY A O   1 
ATOM   289  N N   . LYS A 1 40  ? -2.472  -1.951  -8.737  1.00 17.51 ? 40  LYS A N   1 
ATOM   290  C CA  . LYS A 1 40  ? -1.660  -1.833  -9.949  1.00 19.31 ? 40  LYS A CA  1 
ATOM   291  C C   . LYS A 1 40  ? -0.402  -1.060  -9.693  1.00 19.07 ? 40  LYS A C   1 
ATOM   292  O O   . LYS A 1 40  ? -0.358  -0.205  -8.835  1.00 20.06 ? 40  LYS A O   1 
ATOM   293  C CB  . LYS A 1 40  ? -2.473  -1.218  -11.067 1.00 18.89 ? 40  LYS A CB  1 
ATOM   294  C CG  . LYS A 1 40  ? -3.431  -2.235  -11.593 1.00 21.13 ? 40  LYS A CG  1 
ATOM   295  C CD  . LYS A 1 40  ? -3.757  -1.957  -13.007 1.00 22.08 ? 40  LYS A CD  1 
ATOM   296  C CE  . LYS A 1 40  ? -4.371  -3.183  -13.669 1.00 22.69 ? 40  LYS A CE  1 
ATOM   297  N NZ  . LYS A 1 40  ? -5.198  -2.717  -14.821 1.00 20.70 ? 40  LYS A NZ  1 
ATOM   298  N N   . GLY A 1 41  ? 0.647   -1.392  -10.422 1.00 19.45 ? 41  GLY A N   1 
ATOM   299  C CA  . GLY A 1 41  ? 1.894   -0.686  -10.248 1.00 19.11 ? 41  GLY A CA  1 
ATOM   300  C C   . GLY A 1 41  ? 2.947   -1.336  -11.116 1.00 20.08 ? 41  GLY A C   1 
ATOM   301  O O   . GLY A 1 41  ? 2.713   -1.624  -12.291 1.00 20.01 ? 41  GLY A O   1 
ATOM   302  N N   . TRP A 1 42  ? 4.090   -1.596  -10.506 1.00 20.80 ? 42  TRP A N   1 
ATOM   303  C CA  . TRP A 1 42  ? 5.256   -1.941  -11.264 1.00 20.79 ? 42  TRP A CA  1 
ATOM   304  C C   . TRP A 1 42  ? 5.892   -3.170  -10.687 1.00 22.21 ? 42  TRP A C   1 
ATOM   305  O O   . TRP A 1 42  ? 5.986   -3.294  -9.472  1.00 21.52 ? 42  TRP A O   1 
ATOM   306  C CB  . TRP A 1 42  ? 6.218   -0.777  -11.224 1.00 20.14 ? 42  TRP A CB  1 
ATOM   307  C CG  . TRP A 1 42  ? 5.677   0.409   -11.887 1.00 20.48 ? 42  TRP A CG  1 
ATOM   308  C CD1 . TRP A 1 42  ? 5.884   0.783   -13.195 1.00 20.91 ? 42  TRP A CD1 1 
ATOM   309  C CD2 . TRP A 1 42  ? 4.820   1.409   -11.314 1.00 20.06 ? 42  TRP A CD2 1 
ATOM   310  N NE1 . TRP A 1 42  ? 5.213   1.949   -13.463 1.00 20.80 ? 42  TRP A NE1 1 
ATOM   311  C CE2 . TRP A 1 42  ? 4.558   2.366   -12.334 1.00 19.85 ? 42  TRP A CE2 1 
ATOM   312  C CE3 . TRP A 1 42  ? 4.261   1.605   -10.037 1.00 18.91 ? 42  TRP A CE3 1 
ATOM   313  C CZ2 . TRP A 1 42  ? 3.756   3.510   -12.115 1.00 19.98 ? 42  TRP A CZ2 1 
ATOM   314  C CZ3 . TRP A 1 42  ? 3.457   2.743   -9.822  1.00 19.01 ? 42  TRP A CZ3 1 
ATOM   315  C CH2 . TRP A 1 42  ? 3.213   3.671   -10.866 1.00 19.06 ? 42  TRP A CH2 1 
ATOM   316  N N   . THR A 1 43  ? 6.362   -4.066  -11.560 1.00 22.83 ? 43  THR A N   1 
ATOM   317  C CA  . THR A 1 43  ? 6.950   -5.326  -11.105 1.00 23.85 ? 43  THR A CA  1 
ATOM   318  C C   . THR A 1 43  ? 8.192   -5.080  -10.255 1.00 23.44 ? 43  THR A C   1 
ATOM   319  O O   . THR A 1 43  ? 8.516   -5.866  -9.365  1.00 23.69 ? 43  THR A O   1 
ATOM   320  C CB  . THR A 1 43  ? 7.316   -6.224  -12.297 1.00 23.60 ? 43  THR A CB  1 
ATOM   321  O OG1 . THR A 1 43  ? 8.300   -5.557  -13.075 1.00 27.19 ? 43  THR A OG1 1 
ATOM   322  C CG2 . THR A 1 43  ? 6.120   -6.421  -13.182 1.00 25.54 ? 43  THR A CG2 1 
ATOM   323  N N   . THR A 1 44  ? 8.893   -3.985  -10.528 1.00 23.16 ? 44  THR A N   1 
ATOM   324  C CA  . THR A 1 44  ? 10.096  -3.651  -9.766  1.00 22.96 ? 44  THR A CA  1 
ATOM   325  C C   . THR A 1 44  ? 9.952   -2.245  -9.213  1.00 22.32 ? 44  THR A C   1 
ATOM   326  O O   . THR A 1 44  ? 9.894   -1.260  -9.965  1.00 22.91 ? 44  THR A O   1 
ATOM   327  C CB  . THR A 1 44  ? 11.378  -3.721  -10.618 1.00 22.98 ? 44  THR A CB  1 
ATOM   328  O OG1 . THR A 1 44  ? 11.251  -2.841  -11.747 1.00 26.65 ? 44  THR A OG1 1 
ATOM   329  C CG2 . THR A 1 44  ? 11.602  -5.081  -11.094 1.00 22.27 ? 44  THR A CG2 1 
ATOM   330  N N   . GLY A 1 45  ? 9.917   -2.162  -7.894  1.00 21.51 ? 45  GLY A N   1 
ATOM   331  C CA  . GLY A 1 45  ? 9.757   -0.897  -7.231  1.00 20.40 ? 45  GLY A CA  1 
ATOM   332  C C   . GLY A 1 45  ? 11.012  -0.064  -7.417  1.00 20.43 ? 45  GLY A C   1 
ATOM   333  O O   . GLY A 1 45  ? 12.073  -0.581  -7.681  1.00 20.49 ? 45  GLY A O   1 
ATOM   334  N N   . SER A 1 46  ? 10.868  1.241   -7.289  1.00 19.38 ? 46  SER A N   1 
ATOM   335  C CA  . SER A 1 46  ? 12.008  2.103   -7.279  1.00 19.88 ? 46  SER A CA  1 
ATOM   336  C C   . SER A 1 46  ? 11.849  3.069   -6.126  1.00 19.70 ? 46  SER A C   1 
ATOM   337  O O   . SER A 1 46  ? 10.752  3.543   -5.876  1.00 19.72 ? 46  SER A O   1 
ATOM   338  C CB  . SER A 1 46  ? 12.084  2.866   -8.585  1.00 20.21 ? 46  SER A CB  1 
ATOM   339  O OG  . SER A 1 46  ? 13.005  3.924   -8.478  1.00 20.37 ? 46  SER A OG  1 
ATOM   340  N N   . PRO A 1 47  ? 12.958  3.403   -5.456  1.00 19.75 ? 47  PRO A N   1 
ATOM   341  C CA  . PRO A 1 47  ? 12.878  4.422   -4.430  1.00 19.81 ? 47  PRO A CA  1 
ATOM   342  C C   . PRO A 1 47  ? 12.703  5.807   -5.055  1.00 20.49 ? 47  PRO A C   1 
ATOM   343  O O   . PRO A 1 47  ? 12.513  6.788   -4.344  1.00 20.95 ? 47  PRO A O   1 
ATOM   344  C CB  . PRO A 1 47  ? 14.246  4.343   -3.760  1.00 20.25 ? 47  PRO A CB  1 
ATOM   345  C CG  . PRO A 1 47  ? 15.170  3.881   -4.874  1.00 19.12 ? 47  PRO A CG  1 
ATOM   346  C CD  . PRO A 1 47  ? 14.336  2.886   -5.623  1.00 19.57 ? 47  PRO A CD  1 
ATOM   347  N N   . PHE A 1 48  ? 12.768  5.869   -6.381  1.00 19.76 ? 48  PHE A N   1 
ATOM   348  C CA  . PHE A 1 48  ? 12.728  7.162   -7.066  1.00 19.82 ? 48  PHE A CA  1 
ATOM   349  C C   . PHE A 1 48  ? 11.432  7.400   -7.775  1.00 19.28 ? 48  PHE A C   1 
ATOM   350  O O   . PHE A 1 48  ? 11.226  8.472   -8.335  1.00 19.40 ? 48  PHE A O   1 
ATOM   351  C CB  . PHE A 1 48  ? 13.880  7.267   -8.073  1.00 20.41 ? 48  PHE A CB  1 
ATOM   352  C CG  . PHE A 1 48  ? 15.206  6.956   -7.475  1.00 21.31 ? 48  PHE A CG  1 
ATOM   353  C CD1 . PHE A 1 48  ? 15.710  7.735   -6.448  1.00 21.37 ? 48  PHE A CD1 1 
ATOM   354  C CD2 . PHE A 1 48  ? 15.949  5.879   -7.936  1.00 22.62 ? 48  PHE A CD2 1 
ATOM   355  C CE1 . PHE A 1 48  ? 16.966  7.445   -5.886  1.00 22.58 ? 48  PHE A CE1 1 
ATOM   356  C CE2 . PHE A 1 48  ? 17.194  5.588   -7.375  1.00 23.40 ? 48  PHE A CE2 1 
ATOM   357  C CZ  . PHE A 1 48  ? 17.688  6.365   -6.358  1.00 21.46 ? 48  PHE A CZ  1 
ATOM   358  N N   . ARG A 1 49  ? 10.566  6.399   -7.770  1.00 19.40 ? 49  ARG A N   1 
ATOM   359  C CA  . ARG A 1 49  ? 9.364   6.509   -8.548  1.00 19.37 ? 49  ARG A CA  1 
ATOM   360  C C   . ARG A 1 49  ? 8.435   7.547   -7.911  1.00 19.14 ? 49  ARG A C   1 
ATOM   361  O O   . ARG A 1 49  ? 8.367   7.669   -6.692  1.00 18.77 ? 49  ARG A O   1 
ATOM   362  C CB  . ARG A 1 49  ? 8.640   5.189   -8.653  1.00 19.86 ? 49  ARG A CB  1 
ATOM   363  C CG  . ARG A 1 49  ? 7.468   5.266   -9.640  1.00 20.71 ? 49  ARG A CG  1 
ATOM   364  C CD  . ARG A 1 49  ? 6.715   3.996   -9.709  1.00 23.94 ? 49  ARG A CD  1 
ATOM   365  N NE  . ARG A 1 49  ? 7.586   2.820   -9.674  1.00 26.27 ? 49  ARG A NE  1 
ATOM   366  C CZ  . ARG A 1 49  ? 8.206   2.324   -10.729 1.00 25.57 ? 49  ARG A CZ  1 
ATOM   367  N NH1 . ARG A 1 49  ? 8.073   2.900   -11.914 1.00 27.64 ? 49  ARG A NH1 1 
ATOM   368  N NH2 . ARG A 1 49  ? 8.962   1.252   -10.588 1.00 30.44 ? 49  ARG A NH2 1 
ATOM   369  N N   . THR A 1 50  ? 7.760   8.301   -8.779  1.00 18.00 ? 50  THR A N   1 
ATOM   370  C CA  . THR A 1 50  ? 6.708   9.198   -8.390  1.00 18.94 ? 50  THR A CA  1 
ATOM   371  C C   . THR A 1 50  ? 5.437   8.530   -8.888  1.00 19.28 ? 50  THR A C   1 
ATOM   372  O O   . THR A 1 50  ? 5.227   8.365   -10.092 1.00 18.97 ? 50  THR A O   1 
ATOM   373  C CB  . THR A 1 50  ? 6.889   10.594  -9.030  1.00 18.88 ? 50  THR A CB  1 
ATOM   374  O OG1 . THR A 1 50  ? 8.133   11.121  -8.604  1.00 18.79 ? 50  THR A OG1 1 
ATOM   375  C CG2 . THR A 1 50  ? 5.826   11.543  -8.547  1.00 18.66 ? 50  THR A CG2 1 
ATOM   376  N N   . ILE A 1 51  ? 4.615   8.086   -7.938  1.00 19.58 ? 51  ILE A N   1 
ATOM   377  C CA  . ILE A 1 51  ? 3.423   7.338   -8.247  1.00 18.98 ? 51  ILE A CA  1 
ATOM   378  C C   . ILE A 1 51  ? 2.283   8.309   -8.321  1.00 19.43 ? 51  ILE A C   1 
ATOM   379  O O   . ILE A 1 51  ? 2.146   9.185   -7.490  1.00 19.32 ? 51  ILE A O   1 
ATOM   380  C CB  . ILE A 1 51  ? 3.129   6.264   -7.185  1.00 19.12 ? 51  ILE A CB  1 
ATOM   381  C CG1 . ILE A 1 51  ? 4.280   5.247   -7.148  1.00 18.07 ? 51  ILE A CG1 1 
ATOM   382  C CG2 . ILE A 1 51  ? 1.781   5.575   -7.456  1.00 19.53 ? 51  ILE A CG2 1 
ATOM   383  C CD1 . ILE A 1 51  ? 5.409   5.634   -6.180  1.00 17.93 ? 51  ILE A CD1 1 
ATOM   384  N N   . ASN A 1 52  ? 1.475   8.137   -9.353  1.00 19.21 ? 52  ASN A N   1 
ATOM   385  C CA  . ASN A 1 52  ? 0.331   8.983   -9.610  1.00 18.63 ? 52  ASN A CA  1 
ATOM   386  C C   . ASN A 1 52  ? -0.830  8.058   -9.501  1.00 18.16 ? 52  ASN A C   1 
ATOM   387  O O   . ASN A 1 52  ? -0.773  6.934   -9.999  1.00 18.01 ? 52  ASN A O   1 
ATOM   388  C CB  . ASN A 1 52  ? 0.342   9.518   -11.038 1.00 19.92 ? 52  ASN A CB  1 
ATOM   389  C CG  . ASN A 1 52  ? 1.543   10.360  -11.327 1.00 23.31 ? 52  ASN A CG  1 
ATOM   390  O OD1 . ASN A 1 52  ? 1.607   11.509  -10.896 1.00 27.54 ? 52  ASN A OD1 1 
ATOM   391  N ND2 . ASN A 1 52  ? 2.523   9.788   -12.031 1.00 25.59 ? 52  ASN A ND2 1 
ATOM   392  N N   . TYR A 1 53  ? -1.885  8.519   -8.854  1.00 16.80 ? 53  TYR A N   1 
ATOM   393  C CA  . TYR A 1 53  ? -3.099  7.745   -8.880  1.00 16.69 ? 53  TYR A CA  1 
ATOM   394  C C   . TYR A 1 53  ? -4.310  8.621   -8.754  1.00 17.59 ? 53  TYR A C   1 
ATOM   395  O O   . TYR A 1 53  ? -4.238  9.789   -8.360  1.00 17.52 ? 53  TYR A O   1 
ATOM   396  C CB  . TYR A 1 53  ? -3.066  6.677   -7.779  1.00 16.49 ? 53  TYR A CB  1 
ATOM   397  C CG  . TYR A 1 53  ? -3.269  7.220   -6.371  1.00 16.04 ? 53  TYR A CG  1 
ATOM   398  C CD1 . TYR A 1 53  ? -2.196  7.675   -5.597  1.00 15.64 ? 53  TYR A CD1 1 
ATOM   399  C CD2 . TYR A 1 53  ? -4.565  7.278   -5.827  1.00 17.97 ? 53  TYR A CD2 1 
ATOM   400  C CE1 . TYR A 1 53  ? -2.420  8.180   -4.301  1.00 16.80 ? 53  TYR A CE1 1 
ATOM   401  C CE2 . TYR A 1 53  ? -4.794  7.757   -4.554  1.00 17.69 ? 53  TYR A CE2 1 
ATOM   402  C CZ  . TYR A 1 53  ? -3.720  8.200   -3.784  1.00 16.33 ? 53  TYR A CZ  1 
ATOM   403  O OH  . TYR A 1 53  ? -4.021  8.671   -2.517  1.00 17.16 ? 53  TYR A OH  1 
ATOM   404  N N   . ASN A 1 54  ? -5.438  8.035   -9.111  1.00 18.55 ? 54  ASN A N   1 
ATOM   405  C CA  . ASN A 1 54  ? -6.680  8.696   -8.962  1.00 19.29 ? 54  ASN A CA  1 
ATOM   406  C C   . ASN A 1 54  ? -7.618  7.595   -8.501  1.00 19.08 ? 54  ASN A C   1 
ATOM   407  O O   . ASN A 1 54  ? -7.890  6.654   -9.238  1.00 19.12 ? 54  ASN A O   1 
ATOM   408  C CB  . ASN A 1 54  ? -7.114  9.302   -10.291 1.00 19.63 ? 54  ASN A CB  1 
ATOM   409  C CG  . ASN A 1 54  ? -8.360  10.150  -10.162 1.00 22.44 ? 54  ASN A CG  1 
ATOM   410  O OD1 . ASN A 1 54  ? -8.390  11.322  -10.580 1.00 23.80 ? 54  ASN A OD1 1 
ATOM   411  N ND2 . ASN A 1 54  ? -9.387  9.570   -9.584  1.00 21.08 ? 54  ASN A ND2 1 
ATOM   412  N N   . ALA A 1 55  ? -8.076  7.722   -7.267  1.00 18.81 ? 55  ALA A N   1 
ATOM   413  C CA  . ALA A 1 55  ? -9.008  6.795   -6.693  1.00 18.55 ? 55  ALA A CA  1 
ATOM   414  C C   . ALA A 1 55  ? -10.383 7.342   -6.917  1.00 19.09 ? 55  ALA A C   1 
ATOM   415  O O   . ALA A 1 55  ? -10.876 8.129   -6.108  1.00 19.29 ? 55  ALA A O   1 
ATOM   416  C CB  . ALA A 1 55  ? -8.745  6.627   -5.205  1.00 18.17 ? 55  ALA A CB  1 
ATOM   417  N N   . GLY A 1 56  ? -11.010 6.906   -8.012  1.00 19.25 ? 56  GLY A N   1 
ATOM   418  C CA  . GLY A 1 56  ? -12.338 7.375   -8.396  1.00 19.18 ? 56  GLY A CA  1 
ATOM   419  C C   . GLY A 1 56  ? -13.368 6.860   -7.425  1.00 19.73 ? 56  GLY A C   1 
ATOM   420  O O   . GLY A 1 56  ? -14.399 7.504   -7.208  1.00 19.60 ? 56  GLY A O   1 
ATOM   421  N N   . VAL A 1 57  ? -13.084 5.694   -6.844  1.00 19.05 ? 57  VAL A N   1 
ATOM   422  C CA  . VAL A 1 57  ? -13.905 5.167   -5.784  1.00 19.57 ? 57  VAL A CA  1 
ATOM   423  C C   . VAL A 1 57  ? -13.024 4.751   -4.624  1.00 19.15 ? 57  VAL A C   1 
ATOM   424  O O   . VAL A 1 57  ? -12.160 3.896   -4.772  1.00 18.30 ? 57  VAL A O   1 
ATOM   425  C CB  . VAL A 1 57  ? -14.779 3.974   -6.258  1.00 20.00 ? 57  VAL A CB  1 
ATOM   426  C CG1 . VAL A 1 57  ? -15.597 3.421   -5.089  1.00 20.47 ? 57  VAL A CG1 1 
ATOM   427  C CG2 . VAL A 1 57  ? -15.708 4.412   -7.389  1.00 19.66 ? 57  VAL A CG2 1 
ATOM   428  N N   . TRP A 1 58  ? -13.211 5.378   -3.474  1.00 18.49 ? 58  TRP A N   1 
ATOM   429  C CA  . TRP A 1 58  ? -12.582 4.834   -2.272  1.00 19.03 ? 58  TRP A CA  1 
ATOM   430  C C   . TRP A 1 58  ? -13.695 4.680   -1.255  1.00 19.03 ? 58  TRP A C   1 
ATOM   431  O O   . TRP A 1 58  ? -14.076 5.631   -0.595  1.00 18.94 ? 58  TRP A O   1 
ATOM   432  C CB  . TRP A 1 58  ? -11.413 5.680   -1.755  1.00 18.96 ? 58  TRP A CB  1 
ATOM   433  C CG  . TRP A 1 58  ? -10.911 5.158   -0.491  1.00 18.54 ? 58  TRP A CG  1 
ATOM   434  C CD1 . TRP A 1 58  ? -10.878 5.809   0.708   1.00 18.38 ? 58  TRP A CD1 1 
ATOM   435  C CD2 . TRP A 1 58  ? -10.339 3.857   -0.263  1.00 17.69 ? 58  TRP A CD2 1 
ATOM   436  N NE1 . TRP A 1 58  ? -10.333 4.991   1.675   1.00 16.72 ? 58  TRP A NE1 1 
ATOM   437  C CE2 . TRP A 1 58  ? -10.002 3.791   1.114   1.00 17.60 ? 58  TRP A CE2 1 
ATOM   438  C CE3 . TRP A 1 58  ? -10.059 2.749   -1.088  1.00 18.31 ? 58  TRP A CE3 1 
ATOM   439  C CZ2 . TRP A 1 58  ? -9.424  2.671   1.691   1.00 18.49 ? 58  TRP A CZ2 1 
ATOM   440  C CZ3 . TRP A 1 58  ? -9.481  1.606   -0.483  1.00 17.27 ? 58  TRP A CZ3 1 
ATOM   441  C CH2 . TRP A 1 58  ? -9.167  1.593   0.873   1.00 18.62 ? 58  TRP A CH2 1 
ATOM   442  N N   . ALA A 1 59  ? -14.256 3.480   -1.192  1.00 18.87 ? 59  ALA A N   1 
ATOM   443  C CA  . ALA A 1 59  ? -15.448 3.240   -0.397  1.00 18.72 ? 59  ALA A CA  1 
ATOM   444  C C   . ALA A 1 59  ? -15.285 1.973   0.426   1.00 18.89 ? 59  ALA A C   1 
ATOM   445  O O   . ALA A 1 59  ? -16.048 1.025   0.262   1.00 18.24 ? 59  ALA A O   1 
ATOM   446  C CB  . ALA A 1 59  ? -16.687 3.125   -1.302  1.00 19.24 ? 59  ALA A CB  1 
ATOM   447  N N   . PRO A 1 60  ? -14.275 1.949   1.340   1.00 18.87 ? 60  PRO A N   1 
ATOM   448  C CA  . PRO A 1 60  ? -14.234 0.783   2.241   1.00 19.57 ? 60  PRO A CA  1 
ATOM   449  C C   . PRO A 1 60  ? -15.447 0.824   3.171   1.00 19.18 ? 60  PRO A C   1 
ATOM   450  O O   . PRO A 1 60  ? -15.835 1.918   3.598   1.00 21.25 ? 60  PRO A O   1 
ATOM   451  C CB  . PRO A 1 60  ? -12.948 1.013   3.059   1.00 18.90 ? 60  PRO A CB  1 
ATOM   452  C CG  . PRO A 1 60  ? -12.728 2.460   3.016   1.00 18.99 ? 60  PRO A CG  1 
ATOM   453  C CD  . PRO A 1 60  ? -13.203 2.900   1.627   1.00 19.79 ? 60  PRO A CD  1 
ATOM   454  N N   . ASN A 1 61  ? -16.056 -0.331  3.437   1.00 20.20 ? 61  ASN A N   1 
ATOM   455  C CA  . ASN A 1 61  ? -17.106 -0.488  4.426   1.00 19.64 ? 61  ASN A CA  1 
ATOM   456  C C   . ASN A 1 61  ? -16.477 -1.243  5.581   1.00 18.96 ? 61  ASN A C   1 
ATOM   457  O O   . ASN A 1 61  ? -16.593 -2.460  5.687   1.00 19.80 ? 61  ASN A O   1 
ATOM   458  C CB  . ASN A 1 61  ? -18.281 -1.298  3.850   1.00 20.04 ? 61  ASN A CB  1 
ATOM   459  C CG  . ASN A 1 61  ? -18.874 -0.674  2.607   1.00 21.25 ? 61  ASN A CG  1 
ATOM   460  O OD1 . ASN A 1 61  ? -19.125 0.524   2.574   1.00 22.45 ? 61  ASN A OD1 1 
ATOM   461  N ND2 . ASN A 1 61  ? -19.166 -1.504  1.601   1.00 24.92 ? 61  ASN A ND2 1 
ATOM   462  N N   . GLY A 1 62  ? -15.747 -0.527  6.417   1.00 19.06 ? 62  GLY A N   1 
ATOM   463  C CA  . GLY A 1 62  ? -14.967 -1.172  7.444   1.00 18.77 ? 62  GLY A CA  1 
ATOM   464  C C   . GLY A 1 62  ? -13.498 -0.929  7.176   1.00 18.49 ? 62  GLY A C   1 
ATOM   465  O O   . GLY A 1 62  ? -13.097 0.128   6.674   1.00 18.30 ? 62  GLY A O   1 
ATOM   466  N N   . ASN A 1 63  ? -12.695 -1.927  7.493   1.00 17.92 ? 63  ASN A N   1 
ATOM   467  C CA  . ASN A 1 63  ? -11.257 -1.743  7.508   1.00 19.47 ? 63  ASN A CA  1 
ATOM   468  C C   . ASN A 1 63  ? -10.618 -1.967  6.120   1.00 19.22 ? 63  ASN A C   1 
ATOM   469  O O   . ASN A 1 63  ? -10.493 -3.088  5.651   1.00 18.58 ? 63  ASN A O   1 
ATOM   470  C CB  . ASN A 1 63  ? -10.683 -2.705  8.544   1.00 19.69 ? 63  ASN A CB  1 
ATOM   471  C CG  . ASN A 1 63  ? -9.224  -2.497  8.836   1.00 22.67 ? 63  ASN A CG  1 
ATOM   472  O OD1 . ASN A 1 63  ? -8.677  -3.230  9.650   1.00 23.96 ? 63  ASN A OD1 1 
ATOM   473  N ND2 . ASN A 1 63  ? -8.573  -1.530  8.182   1.00 21.57 ? 63  ASN A ND2 1 
ATOM   474  N N   . GLY A 1 64  ? -10.181 -0.888  5.481   1.00 19.33 ? 64  GLY A N   1 
ATOM   475  C CA  . GLY A 1 64  ? -9.380  -1.052  4.257   1.00 19.80 ? 64  GLY A CA  1 
ATOM   476  C C   . GLY A 1 64  ? -8.366  0.062   4.187   1.00 19.49 ? 64  GLY A C   1 
ATOM   477  O O   . GLY A 1 64  ? -8.556  1.105   4.824   1.00 19.56 ? 64  GLY A O   1 
ATOM   478  N N   . TYR A 1 65  ? -7.295  -0.139  3.422   1.00 18.42 ? 65  TYR A N   1 
ATOM   479  C CA  . TYR A 1 65  ? -6.292  0.906   3.230   1.00 18.97 ? 65  TYR A CA  1 
ATOM   480  C C   . TYR A 1 65  ? -6.182  1.228   1.760   1.00 19.42 ? 65  TYR A C   1 
ATOM   481  O O   . TYR A 1 65  ? -6.202  0.314   0.925   1.00 19.26 ? 65  TYR A O   1 
ATOM   482  C CB  . TYR A 1 65  ? -4.896  0.459   3.658   1.00 18.93 ? 65  TYR A CB  1 
ATOM   483  C CG  . TYR A 1 65  ? -4.759  -0.190  5.026   1.00 19.91 ? 65  TYR A CG  1 
ATOM   484  C CD1 . TYR A 1 65  ? -5.510  0.246   6.117   1.00 19.05 ? 65  TYR A CD1 1 
ATOM   485  C CD2 . TYR A 1 65  ? -3.821  -1.189  5.221   1.00 20.11 ? 65  TYR A CD2 1 
ATOM   486  C CE1 . TYR A 1 65  ? -5.352  -0.329  7.376   1.00 19.25 ? 65  TYR A CE1 1 
ATOM   487  C CE2 . TYR A 1 65  ? -3.653  -1.776  6.452   1.00 20.83 ? 65  TYR A CE2 1 
ATOM   488  C CZ  . TYR A 1 65  ? -4.429  -1.348  7.527   1.00 21.11 ? 65  TYR A CZ  1 
ATOM   489  O OH  . TYR A 1 65  ? -4.248  -1.925  8.749   1.00 21.00 ? 65  TYR A OH  1 
ATOM   490  N N   . LEU A 1 66  ? -6.072  2.530   1.464   1.00 18.86 ? 66  LEU A N   1 
ATOM   491  C CA  . LEU A 1 66  ? -5.669  3.019   0.163   1.00 17.93 ? 66  LEU A CA  1 
ATOM   492  C C   . LEU A 1 66  ? -4.194  3.414   0.295   1.00 17.87 ? 66  LEU A C   1 
ATOM   493  O O   . LEU A 1 66  ? -3.869  4.402   0.957   1.00 18.35 ? 66  LEU A O   1 
ATOM   494  C CB  . LEU A 1 66  ? -6.527  4.211   -0.230  1.00 18.12 ? 66  LEU A CB  1 
ATOM   495  C CG  . LEU A 1 66  ? -6.178  4.788   -1.606  1.00 16.60 ? 66  LEU A CG  1 
ATOM   496  C CD1 . LEU A 1 66  ? -6.312  3.755   -2.708  1.00 17.16 ? 66  LEU A CD1 1 
ATOM   497  C CD2 . LEU A 1 66  ? -7.062  5.972   -1.897  1.00 19.37 ? 66  LEU A CD2 1 
ATOM   498  N N   . THR A 1 67  ? -3.295  2.611   -0.270  1.00 17.12 ? 67  THR A N   1 
ATOM   499  C CA  . THR A 1 67  ? -1.911  2.684   0.140   1.00 16.51 ? 67  THR A CA  1 
ATOM   500  C C   . THR A 1 67  ? -0.947  2.309   -0.965  1.00 15.64 ? 67  THR A C   1 
ATOM   501  O O   . THR A 1 67  ? -1.197  1.377   -1.742  1.00 15.43 ? 67  THR A O   1 
ATOM   502  C CB  . THR A 1 67  ? -1.676  1.754   1.355   1.00 16.65 ? 67  THR A CB  1 
ATOM   503  O OG1 . THR A 1 67  ? -0.343  1.906   1.845   1.00 16.55 ? 67  THR A OG1 1 
ATOM   504  C CG2 . THR A 1 67  ? -1.958  0.287   0.992   1.00 16.26 ? 67  THR A CG2 1 
ATOM   505  N N   . LEU A 1 68  ? 0.172   3.027   -1.035  1.00 16.08 ? 68  LEU A N   1 
ATOM   506  C CA  . LEU A 1 68  ? 1.242   2.517   -1.860  1.00 16.24 ? 68  LEU A CA  1 
ATOM   507  C C   . LEU A 1 68  ? 1.647   1.270   -1.092  1.00 16.21 ? 68  LEU A C   1 
ATOM   508  O O   . LEU A 1 68  ? 1.621   1.260   0.134   1.00 17.45 ? 68  LEU A O   1 
ATOM   509  C CB  . LEU A 1 68  ? 2.394   3.494   -1.915  1.00 16.91 ? 68  LEU A CB  1 
ATOM   510  C CG  . LEU A 1 68  ? 3.515   3.093   -2.867  1.00 16.12 ? 68  LEU A CG  1 
ATOM   511  C CD1 . LEU A 1 68  ? 3.075   3.256   -4.320  1.00 16.73 ? 68  LEU A CD1 1 
ATOM   512  C CD2 . LEU A 1 68  ? 4.769   3.888   -2.554  1.00 18.04 ? 68  LEU A CD2 1 
ATOM   513  N N   . TYR A 1 69  ? 2.033   0.222   -1.797  1.00 15.91 ? 69  TYR A N   1 
ATOM   514  C CA  . TYR A 1 69  ? 2.297   -1.026  -1.125  1.00 16.51 ? 69  TYR A CA  1 
ATOM   515  C C   . TYR A 1 69  ? 3.395   -1.728  -1.915  1.00 16.92 ? 69  TYR A C   1 
ATOM   516  O O   . TYR A 1 69  ? 3.343   -1.802  -3.138  1.00 16.19 ? 69  TYR A O   1 
ATOM   517  C CB  . TYR A 1 69  ? 1.016   -1.876  -1.108  1.00 16.58 ? 69  TYR A CB  1 
ATOM   518  C CG  . TYR A 1 69  ? 1.242   -3.243  -0.528  1.00 17.38 ? 69  TYR A CG  1 
ATOM   519  C CD1 . TYR A 1 69  ? 1.361   -3.428  0.836   1.00 18.13 ? 69  TYR A CD1 1 
ATOM   520  C CD2 . TYR A 1 69  ? 1.366   -4.345  -1.355  1.00 18.02 ? 69  TYR A CD2 1 
ATOM   521  C CE1 . TYR A 1 69  ? 1.576   -4.710  1.380   1.00 17.85 ? 69  TYR A CE1 1 
ATOM   522  C CE2 . TYR A 1 69  ? 1.579   -5.593  -0.829  1.00 15.99 ? 69  TYR A CE2 1 
ATOM   523  C CZ  . TYR A 1 69  ? 1.692   -5.761  0.531   1.00 16.46 ? 69  TYR A CZ  1 
ATOM   524  O OH  . TYR A 1 69  ? 1.904   -7.023  1.002   1.00 19.47 ? 69  TYR A OH  1 
ATOM   525  N N   . GLY A 1 70  ? 4.396   -2.232  -1.218  1.00 17.56 ? 70  GLY A N   1 
ATOM   526  C CA  . GLY A 1 70  ? 5.394   -3.022  -1.915  1.00 17.71 ? 70  GLY A CA  1 
ATOM   527  C C   . GLY A 1 70  ? 6.330   -3.765  -1.024  1.00 18.23 ? 70  GLY A C   1 
ATOM   528  O O   . GLY A 1 70  ? 6.202   -3.723  0.193   1.00 17.01 ? 70  GLY A O   1 
ATOM   529  N N   . TRP A 1 71  ? 7.291   -4.425  -1.656  1.00 17.31 ? 71  TRP A N   1 
ATOM   530  C CA  . TRP A 1 71  ? 8.229   -5.224  -0.926  1.00 17.96 ? 71  TRP A CA  1 
ATOM   531  C C   . TRP A 1 71  ? 9.638   -4.990  -1.400  1.00 18.29 ? 71  TRP A C   1 
ATOM   532  O O   . TRP A 1 71  ? 9.858   -4.633  -2.566  1.00 17.05 ? 71  TRP A O   1 
ATOM   533  C CB  . TRP A 1 71  ? 7.905   -6.686  -1.179  1.00 18.08 ? 71  TRP A CB  1 
ATOM   534  C CG  . TRP A 1 71  ? 6.704   -7.152  -0.480  1.00 18.17 ? 71  TRP A CG  1 
ATOM   535  C CD1 . TRP A 1 71  ? 5.416   -6.998  -0.882  1.00 18.16 ? 71  TRP A CD1 1 
ATOM   536  C CD2 . TRP A 1 71  ? 6.660   -7.915  0.748   1.00 19.36 ? 71  TRP A CD2 1 
ATOM   537  N NE1 . TRP A 1 71  ? 4.565   -7.599  0.016   1.00 19.25 ? 71  TRP A NE1 1 
ATOM   538  C CE2 . TRP A 1 71  ? 5.299   -8.181  1.017   1.00 20.07 ? 71  TRP A CE2 1 
ATOM   539  C CE3 . TRP A 1 71  ? 7.640   -8.406  1.621   1.00 19.24 ? 71  TRP A CE3 1 
ATOM   540  C CZ2 . TRP A 1 71  ? 4.885   -8.904  2.140   1.00 19.69 ? 71  TRP A CZ2 1 
ATOM   541  C CZ3 . TRP A 1 71  ? 7.232   -9.145  2.734   1.00 18.57 ? 71  TRP A CZ3 1 
ATOM   542  C CH2 . TRP A 1 71  ? 5.865   -9.380  2.983   1.00 17.20 ? 71  TRP A CH2 1 
ATOM   543  N N   . THR A 1 72  ? 10.583  -5.215  -0.486  1.00 18.52 ? 72  THR A N   1 
ATOM   544  C CA  . THR A 1 72  ? 11.942  -5.392  -0.894  1.00 19.27 ? 72  THR A CA  1 
ATOM   545  C C   . THR A 1 72  ? 12.388  -6.693  -0.270  1.00 19.54 ? 72  THR A C   1 
ATOM   546  O O   . THR A 1 72  ? 11.739  -7.208  0.644   1.00 18.63 ? 72  THR A O   1 
ATOM   547  C CB  . THR A 1 72  ? 12.818  -4.246  -0.431  1.00 19.22 ? 72  THR A CB  1 
ATOM   548  O OG1 . THR A 1 72  ? 12.903  -4.259  0.998   1.00 20.81 ? 72  THR A OG1 1 
ATOM   549  C CG2 . THR A 1 72  ? 12.239  -2.888  -0.876  1.00 17.71 ? 72  THR A CG2 1 
ATOM   550  N N   . ARG A 1 73  ? 13.505  -7.205  -0.766  1.00 19.97 ? 73  ARG A N   1 
ATOM   551  C CA  . ARG A 1 73  ? 14.239  -8.280  -0.114  1.00 20.80 ? 73  ARG A CA  1 
ATOM   552  C C   . ARG A 1 73  ? 15.624  -7.716  0.214   1.00 21.17 ? 73  ARG A C   1 
ATOM   553  O O   . ARG A 1 73  ? 16.062  -6.726  -0.396  1.00 21.87 ? 73  ARG A O   1 
ATOM   554  C CB  . ARG A 1 73  ? 14.402  -9.458  -1.047  1.00 20.41 ? 73  ARG A CB  1 
ATOM   555  C CG  . ARG A 1 73  ? 13.147  -10.207 -1.303  1.00 21.46 ? 73  ARG A CG  1 
ATOM   556  C CD  . ARG A 1 73  ? 13.330  -11.118 -2.506  1.00 22.72 ? 73  ARG A CD  1 
ATOM   557  N NE  . ARG A 1 73  ? 12.056  -11.605 -3.007  1.00 24.91 ? 73  ARG A NE  1 
ATOM   558  C CZ  . ARG A 1 73  ? 11.387  -11.080 -4.032  1.00 27.06 ? 73  ARG A CZ  1 
ATOM   559  N NH1 . ARG A 1 73  ? 11.881  -10.041 -4.699  1.00 29.63 ? 73  ARG A NH1 1 
ATOM   560  N NH2 . ARG A 1 73  ? 10.232  -11.617 -4.405  1.00 27.31 ? 73  ARG A NH2 1 
ATOM   561  N N   . SER A 1 74  ? 16.283  -8.312  1.197   1.00 21.51 ? 74  SER A N   1 
ATOM   562  C CA  . SER A 1 74  ? 17.641  -7.899  1.617   1.00 22.20 ? 74  SER A CA  1 
ATOM   563  C C   . SER A 1 74  ? 17.769  -6.451  2.096   1.00 22.38 ? 74  SER A C   1 
ATOM   564  O O   . SER A 1 74  ? 18.612  -5.697  1.588   1.00 22.52 ? 74  SER A O   1 
ATOM   565  C CB  . SER A 1 74  ? 18.650  -8.136  0.508   1.00 22.30 ? 74  SER A CB  1 
ATOM   566  O OG  . SER A 1 74  ? 18.298  -9.301  -0.188  1.00 27.14 ? 74  SER A OG  1 
ATOM   567  N N   . PRO A 1 75  ? 17.027  -6.088  3.157   1.00 22.36 ? 75  PRO A N   1 
ATOM   568  C CA  . PRO A 1 75  ? 16.150  -7.018  3.874   1.00 22.28 ? 75  PRO A CA  1 
ATOM   569  C C   . PRO A 1 75  ? 14.735  -7.160  3.300   1.00 21.57 ? 75  PRO A C   1 
ATOM   570  O O   . PRO A 1 75  ? 14.323  -6.418  2.410   1.00 21.03 ? 75  PRO A O   1 
ATOM   571  C CB  . PRO A 1 75  ? 16.086  -6.419  5.287   1.00 22.63 ? 75  PRO A CB  1 
ATOM   572  C CG  . PRO A 1 75  ? 16.329  -4.932  5.090   1.00 23.94 ? 75  PRO A CG  1 
ATOM   573  C CD  . PRO A 1 75  ? 17.066  -4.754  3.780   1.00 23.33 ? 75  PRO A CD  1 
ATOM   574  N N   . LEU A 1 76  ? 14.030  -8.147  3.820   1.00 20.99 ? 76  LEU A N   1 
ATOM   575  C CA  . LEU A 1 76  ? 12.638  -8.395  3.471   1.00 19.88 ? 76  LEU A CA  1 
ATOM   576  C C   . LEU A 1 76  ? 11.761  -7.382  4.217   1.00 19.19 ? 76  LEU A C   1 
ATOM   577  O O   . LEU A 1 76  ? 11.647  -7.431  5.438   1.00 19.52 ? 76  LEU A O   1 
ATOM   578  C CB  . LEU A 1 76  ? 12.282  -9.824  3.880   1.00 20.78 ? 76  LEU A CB  1 
ATOM   579  C CG  . LEU A 1 76  ? 10.915  -10.351 3.494   1.00 20.51 ? 76  LEU A CG  1 
ATOM   580  C CD1 . LEU A 1 76  ? 10.840  -10.533 1.976   1.00 20.73 ? 76  LEU A CD1 1 
ATOM   581  C CD2 . LEU A 1 76  ? 10.678  -11.676 4.189   1.00 21.54 ? 76  LEU A CD2 1 
ATOM   582  N N   . ILE A 1 77  ? 11.157  -6.464  3.472   1.00 18.83 ? 77  ILE A N   1 
ATOM   583  C CA  . ILE A 1 77  ? 10.315  -5.406  4.030   1.00 18.42 ? 77  ILE A CA  1 
ATOM   584  C C   . ILE A 1 77  ? 9.035   -5.290  3.217   1.00 17.49 ? 77  ILE A C   1 
ATOM   585  O O   . ILE A 1 77  ? 9.041   -5.242  1.982   1.00 18.10 ? 77  ILE A O   1 
ATOM   586  C CB  . ILE A 1 77  ? 11.013  -4.029  3.988   1.00 18.32 ? 77  ILE A CB  1 
ATOM   587  C CG1 . ILE A 1 77  ? 12.311  -4.072  4.790   1.00 21.13 ? 77  ILE A CG1 1 
ATOM   588  C CG2 . ILE A 1 77  ? 10.102  -2.899  4.545   1.00 16.99 ? 77  ILE A CG2 1 
ATOM   589  C CD1 . ILE A 1 77  ? 13.215  -2.994  4.446   1.00 28.28 ? 77  ILE A CD1 1 
ATOM   590  N N   . GLU A 1 78  ? 7.927   -5.223  3.928   1.00 16.97 ? 78  GLU A N   1 
ATOM   591  C CA  . GLU A 1 78  ? 6.670   -4.935  3.310   1.00 17.05 ? 78  GLU A CA  1 
ATOM   592  C C   . GLU A 1 78  ? 6.472   -3.489  3.704   1.00 16.72 ? 78  GLU A C   1 
ATOM   593  O O   . GLU A 1 78  ? 6.565   -3.162  4.893   1.00 18.19 ? 78  GLU A O   1 
ATOM   594  C CB  . GLU A 1 78  ? 5.614   -5.821  3.952   1.00 17.53 ? 78  GLU A CB  1 
ATOM   595  C CG  . GLU A 1 78  ? 4.210   -5.628  3.394   1.00 19.62 ? 78  GLU A CG  1 
ATOM   596  C CD  . GLU A 1 78  ? 3.202   -6.487  4.122   1.00 22.38 ? 78  GLU A CD  1 
ATOM   597  O OE1 . GLU A 1 78  ? 3.327   -6.614  5.353   1.00 22.59 ? 78  GLU A OE1 1 
ATOM   598  O OE2 . GLU A 1 78  ? 2.305   -7.041  3.464   1.00 22.83 ? 78  GLU A OE2 1 
ATOM   599  N N   . TYR A 1 79  ? 6.188   -2.624  2.746   1.00 16.08 ? 79  TYR A N   1 
ATOM   600  C CA  . TYR A 1 79  ? 6.085   -1.218  3.084   1.00 17.38 ? 79  TYR A CA  1 
ATOM   601  C C   . TYR A 1 79  ? 4.827   -0.559  2.553   1.00 16.42 ? 79  TYR A C   1 
ATOM   602  O O   . TYR A 1 79  ? 4.189   -1.048  1.606   1.00 17.39 ? 79  TYR A O   1 
ATOM   603  C CB  . TYR A 1 79  ? 7.346   -0.456  2.632   1.00 18.12 ? 79  TYR A CB  1 
ATOM   604  C CG  . TYR A 1 79  ? 7.505   -0.387  1.136   1.00 17.44 ? 79  TYR A CG  1 
ATOM   605  C CD1 . TYR A 1 79  ? 6.789   0.555   0.388   1.00 18.50 ? 79  TYR A CD1 1 
ATOM   606  C CD2 . TYR A 1 79  ? 8.358   -1.277  0.452   1.00 17.88 ? 79  TYR A CD2 1 
ATOM   607  C CE1 . TYR A 1 79  ? 6.925   0.618   -1.019  1.00 19.48 ? 79  TYR A CE1 1 
ATOM   608  C CE2 . TYR A 1 79  ? 8.499   -1.216  -0.944  1.00 21.34 ? 79  TYR A CE2 1 
ATOM   609  C CZ  . TYR A 1 79  ? 7.788   -0.261  -1.669  1.00 19.25 ? 79  TYR A CZ  1 
ATOM   610  O OH  . TYR A 1 79  ? 7.903   -0.187  -3.043  1.00 19.24 ? 79  TYR A OH  1 
ATOM   611  N N   . TYR A 1 80  ? 4.474   0.550   3.197   1.00 16.93 ? 80  TYR A N   1 
ATOM   612  C CA  . TYR A 1 80  ? 3.221   1.231   2.941   1.00 17.41 ? 80  TYR A CA  1 
ATOM   613  C C   . TYR A 1 80  ? 3.392   2.716   2.889   1.00 16.28 ? 80  TYR A C   1 
ATOM   614  O O   . TYR A 1 80  ? 4.129   3.270   3.694   1.00 18.67 ? 80  TYR A O   1 
ATOM   615  C CB  . TYR A 1 80  ? 2.279   0.990   4.105   1.00 17.97 ? 80  TYR A CB  1 
ATOM   616  C CG  . TYR A 1 80  ? 1.715   -0.378  4.204   1.00 18.54 ? 80  TYR A CG  1 
ATOM   617  C CD1 . TYR A 1 80  ? 2.394   -1.381  4.895   1.00 19.32 ? 80  TYR A CD1 1 
ATOM   618  C CD2 . TYR A 1 80  ? 0.471   -0.661  3.645   1.00 18.64 ? 80  TYR A CD2 1 
ATOM   619  C CE1 . TYR A 1 80  ? 1.841   -2.650  5.004   1.00 20.15 ? 80  TYR A CE1 1 
ATOM   620  C CE2 . TYR A 1 80  ? -0.087  -1.908  3.754   1.00 17.27 ? 80  TYR A CE2 1 
ATOM   621  C CZ  . TYR A 1 80  ? 0.611   -2.899  4.434   1.00 19.73 ? 80  TYR A CZ  1 
ATOM   622  O OH  . TYR A 1 80  ? 0.058   -4.148  4.538   1.00 19.60 ? 80  TYR A OH  1 
ATOM   623  N N   . VAL A 1 81  ? 2.681   3.359   1.979   1.00 16.19 ? 81  VAL A N   1 
ATOM   624  C CA  . VAL A 1 81  ? 2.408   4.799   2.147   1.00 16.33 ? 81  VAL A CA  1 
ATOM   625  C C   . VAL A 1 81  ? 0.889   4.907   2.099   1.00 16.51 ? 81  VAL A C   1 
ATOM   626  O O   . VAL A 1 81  ? 0.284   4.836   1.019   1.00 16.83 ? 81  VAL A O   1 
ATOM   627  C CB  . VAL A 1 81  ? 3.054   5.676   1.057   1.00 16.60 ? 81  VAL A CB  1 
ATOM   628  C CG1 . VAL A 1 81  ? 2.678   7.148   1.272   1.00 15.22 ? 81  VAL A CG1 1 
ATOM   629  C CG2 . VAL A 1 81  ? 4.550   5.480   1.011   1.00 17.89 ? 81  VAL A CG2 1 
ATOM   630  N N   . VAL A 1 82  ? 0.271   5.010   3.279   1.00 16.24 ? 82  VAL A N   1 
ATOM   631  C CA  . VAL A 1 82  ? -1.166  4.929   3.391   1.00 16.77 ? 82  VAL A CA  1 
ATOM   632  C C   . VAL A 1 82  ? -1.760  6.309   3.274   1.00 16.41 ? 82  VAL A C   1 
ATOM   633  O O   . VAL A 1 82  ? -1.505  7.161   4.114   1.00 17.06 ? 82  VAL A O   1 
ATOM   634  C CB  . VAL A 1 82  ? -1.614  4.320   4.737   1.00 17.01 ? 82  VAL A CB  1 
ATOM   635  C CG1 . VAL A 1 82  ? -3.173  4.232   4.778   1.00 14.37 ? 82  VAL A CG1 1 
ATOM   636  C CG2 . VAL A 1 82  ? -0.990  2.939   4.910   1.00 17.10 ? 82  VAL A CG2 1 
ATOM   637  N N   . ASP A 1 83  ? -2.551  6.512   2.226   1.00 16.54 ? 83  ASP A N   1 
ATOM   638  C CA  . ASP A 1 83  ? -3.132  7.830   1.983   1.00 17.17 ? 83  ASP A CA  1 
ATOM   639  C C   . ASP A 1 83  ? -4.531  7.955   2.561   1.00 16.76 ? 83  ASP A C   1 
ATOM   640  O O   . ASP A 1 83  ? -4.964  9.047   2.957   1.00 18.09 ? 83  ASP A O   1 
ATOM   641  C CB  . ASP A 1 83  ? -3.169  8.120   0.476   1.00 15.32 ? 83  ASP A CB  1 
ATOM   642  C CG  . ASP A 1 83  ? -1.979  8.916   0.022   1.00 16.73 ? 83  ASP A CG  1 
ATOM   643  O OD1 . ASP A 1 83  ? -1.181  9.305   0.881   1.00 16.33 ? 83  ASP A OD1 1 
ATOM   644  O OD2 . ASP A 1 83  ? -1.877  9.200   -1.179  1.00 18.14 ? 83  ASP A OD2 1 
ATOM   645  N N   . SER A 1 84  ? -5.257  6.847   2.533   1.00 17.42 ? 84  SER A N   1 
ATOM   646  C CA  . SER A 1 84  ? -6.569  6.803   3.135   1.00 16.66 ? 84  SER A CA  1 
ATOM   647  C C   . SER A 1 84  ? -6.842  5.413   3.647   1.00 17.09 ? 84  SER A C   1 
ATOM   648  O O   . SER A 1 84  ? -6.102  4.465   3.385   1.00 16.90 ? 84  SER A O   1 
ATOM   649  C CB  . SER A 1 84  ? -7.642  7.246   2.144   1.00 16.51 ? 84  SER A CB  1 
ATOM   650  O OG  . SER A 1 84  ? -8.866  7.450   2.832   1.00 17.70 ? 84  SER A OG  1 
ATOM   651  N N   . TRP A 1 85  ? -7.935  5.291   4.369   1.00 17.09 ? 85  TRP A N   1 
ATOM   652  C CA  . TRP A 1 85  ? -8.304  4.032   4.986   1.00 16.64 ? 85  TRP A CA  1 
ATOM   653  C C   . TRP A 1 85  ? -9.773  4.104   5.294   1.00 16.97 ? 85  TRP A C   1 
ATOM   654  O O   . TRP A 1 85  ? -10.447 5.065   4.925   1.00 17.93 ? 85  TRP A O   1 
ATOM   655  C CB  . TRP A 1 85  ? -7.482  3.807   6.257   1.00 16.74 ? 85  TRP A CB  1 
ATOM   656  C CG  . TRP A 1 85  ? -7.597  4.925   7.241   1.00 17.91 ? 85  TRP A CG  1 
ATOM   657  C CD1 . TRP A 1 85  ? -8.525  5.045   8.238   1.00 18.89 ? 85  TRP A CD1 1 
ATOM   658  C CD2 . TRP A 1 85  ? -6.766  6.087   7.325   1.00 16.67 ? 85  TRP A CD2 1 
ATOM   659  N NE1 . TRP A 1 85  ? -8.324  6.201   8.939   1.00 17.78 ? 85  TRP A NE1 1 
ATOM   660  C CE2 . TRP A 1 85  ? -7.253  6.866   8.406   1.00 18.45 ? 85  TRP A CE2 1 
ATOM   661  C CE3 . TRP A 1 85  ? -5.661  6.549   6.602   1.00 16.65 ? 85  TRP A CE3 1 
ATOM   662  C CZ2 . TRP A 1 85  ? -6.666  8.093   8.786   1.00 18.89 ? 85  TRP A CZ2 1 
ATOM   663  C CZ3 . TRP A 1 85  ? -5.053  7.779   7.000   1.00 17.94 ? 85  TRP A CZ3 1 
ATOM   664  C CH2 . TRP A 1 85  ? -5.570  8.528   8.068   1.00 16.74 ? 85  TRP A CH2 1 
ATOM   665  N N   . GLY A 1 86  ? -10.285 3.082   5.960   1.00 16.98 ? 86  GLY A N   1 
ATOM   666  C CA  . GLY A 1 86  ? -11.687 3.036   6.268   1.00 18.01 ? 86  GLY A CA  1 
ATOM   667  C C   . GLY A 1 86  ? -11.907 3.394   7.709   1.00 18.24 ? 86  GLY A C   1 
ATOM   668  O O   . GLY A 1 86  ? -11.684 4.536   8.130   1.00 19.30 ? 86  GLY A O   1 
ATOM   669  N N   . THR A 1 87  ? -12.330 2.397   8.468   1.00 18.60 ? 87  THR A N   1 
ATOM   670  C CA  . THR A 1 87  ? -12.711 2.617   9.840   1.00 19.13 ? 87  THR A CA  1 
ATOM   671  C C   . THR A 1 87  ? -11.507 2.566   10.777  1.00 19.02 ? 87  THR A C   1 
ATOM   672  O O   . THR A 1 87  ? -11.621 2.872   11.953  1.00 19.47 ? 87  THR A O   1 
ATOM   673  C CB  . THR A 1 87  ? -13.705 1.563   10.291  1.00 18.27 ? 87  THR A CB  1 
ATOM   674  O OG1 . THR A 1 87  ? -13.186 0.264   9.977   1.00 19.17 ? 87  THR A OG1 1 
ATOM   675  C CG2 . THR A 1 87  ? -15.061 1.743   9.599   1.00 17.20 ? 87  THR A CG2 1 
ATOM   676  N N   . TYR A 1 88  ? -10.362 2.153   10.255  1.00 17.77 ? 88  TYR A N   1 
ATOM   677  C CA  . TYR A 1 88  ? -9.221  1.891   11.097  1.00 18.00 ? 88  TYR A CA  1 
ATOM   678  C C   . TYR A 1 88  ? -7.952  2.471   10.482  1.00 17.67 ? 88  TYR A C   1 
ATOM   679  O O   . TYR A 1 88  ? -7.586  2.134   9.343   1.00 16.59 ? 88  TYR A O   1 
ATOM   680  C CB  . TYR A 1 88  ? -9.066  0.370   11.306  1.00 17.59 ? 88  TYR A CB  1 
ATOM   681  C CG  . TYR A 1 88  ? -7.802  0.073   12.064  1.00 19.02 ? 88  TYR A CG  1 
ATOM   682  C CD1 . TYR A 1 88  ? -7.752  0.273   13.429  1.00 18.91 ? 88  TYR A CD1 1 
ATOM   683  C CD2 . TYR A 1 88  ? -6.642  -0.339  11.410  1.00 18.16 ? 88  TYR A CD2 1 
ATOM   684  C CE1 . TYR A 1 88  ? -6.601  0.045   14.138  1.00 18.80 ? 88  TYR A CE1 1 
ATOM   685  C CE2 . TYR A 1 88  ? -5.486  -0.596  12.120  1.00 19.14 ? 88  TYR A CE2 1 
ATOM   686  C CZ  . TYR A 1 88  ? -5.475  -0.388  13.499  1.00 18.47 ? 88  TYR A CZ  1 
ATOM   687  O OH  . TYR A 1 88  ? -4.360  -0.595  14.289  1.00 20.02 ? 88  TYR A OH  1 
ATOM   688  N N   . ARG A 1 89  ? -7.287  3.317   11.253  1.00 16.94 ? 89  ARG A N   1 
ATOM   689  C CA  . ARG A 1 89  ? -6.048  3.898   10.805  1.00 17.58 ? 89  ARG A CA  1 
ATOM   690  C C   . ARG A 1 89  ? -4.915  3.048   11.308  1.00 18.31 ? 89  ARG A C   1 
ATOM   691  O O   . ARG A 1 89  ? -4.730  2.931   12.515  1.00 18.73 ? 89  ARG A O   1 
ATOM   692  C CB  . ARG A 1 89  ? -5.885  5.323   11.318  1.00 17.88 ? 89  ARG A CB  1 
ATOM   693  C CG  . ARG A 1 89  ? -4.628  5.980   10.764  1.00 16.30 ? 89  ARG A CG  1 
ATOM   694  C CD  . ARG A 1 89  ? -4.504  7.417   11.269  1.00 18.72 ? 89  ARG A CD  1 
ATOM   695  N NE  . ARG A 1 89  ? -3.317  8.071   10.748  1.00 16.49 ? 89  ARG A NE  1 
ATOM   696  C CZ  . ARG A 1 89  ? -2.152  8.119   11.396  1.00 17.84 ? 89  ARG A CZ  1 
ATOM   697  N NH1 . ARG A 1 89  ? -2.038  7.570   12.613  1.00 15.11 ? 89  ARG A NH1 1 
ATOM   698  N NH2 . ARG A 1 89  ? -1.114  8.723   10.845  1.00 19.58 ? 89  ARG A NH2 1 
ATOM   699  N N   . PRO A 1 90  ? -4.105  2.496   10.387  1.00 19.56 ? 90  PRO A N   1 
ATOM   700  C CA  . PRO A 1 90  ? -3.051  1.598   10.811  1.00 19.63 ? 90  PRO A CA  1 
ATOM   701  C C   . PRO A 1 90  ? -1.914  2.401   11.438  1.00 19.75 ? 90  PRO A C   1 
ATOM   702  O O   . PRO A 1 90  ? -1.635  3.544   11.032  1.00 19.49 ? 90  PRO A O   1 
ATOM   703  C CB  . PRO A 1 90  ? -2.606  0.940   9.511   1.00 19.90 ? 90  PRO A CB  1 
ATOM   704  C CG  . PRO A 1 90  ? -2.822  2.021   8.469   1.00 18.95 ? 90  PRO A CG  1 
ATOM   705  C CD  . PRO A 1 90  ? -4.084  2.720   8.927   1.00 19.61 ? 90  PRO A CD  1 
ATOM   706  N N   . THR A 1 91  ? -1.301  1.817   12.455  1.00 20.05 ? 91  THR A N   1 
ATOM   707  C CA  . THR A 1 91  ? -0.158  2.430   13.141  1.00 20.68 ? 91  THR A CA  1 
ATOM   708  C C   . THR A 1 91  ? 0.824   1.359   13.617  1.00 21.17 ? 91  THR A C   1 
ATOM   709  O O   . THR A 1 91  ? 0.567   0.156   13.527  1.00 21.64 ? 91  THR A O   1 
ATOM   710  C CB  . THR A 1 91  ? -0.560  3.294   14.385  1.00 21.37 ? 91  THR A CB  1 
ATOM   711  O OG1 . THR A 1 91  ? -1.176  2.463   15.362  1.00 22.12 ? 91  THR A OG1 1 
ATOM   712  C CG2 . THR A 1 91  ? -1.467  4.467   14.016  1.00 22.58 ? 91  THR A CG2 1 
ATOM   713  N N   . GLY A 1 92  ? 1.955   1.812   14.126  1.00 21.24 ? 92  GLY A N   1 
ATOM   714  C CA  . GLY A 1 92  ? 2.897   0.931   14.777  1.00 20.24 ? 92  GLY A CA  1 
ATOM   715  C C   . GLY A 1 92  ? 3.774   1.778   15.655  1.00 20.22 ? 92  GLY A C   1 
ATOM   716  O O   . GLY A 1 92  ? 3.309   2.747   16.284  1.00 20.23 ? 92  GLY A O   1 
ATOM   717  N N   . THR A 1 93  ? 5.059   1.440   15.667  1.00 19.68 ? 93  THR A N   1 
ATOM   718  C CA  . THR A 1 93  ? 6.040   2.131   16.508  1.00 20.05 ? 93  THR A CA  1 
ATOM   719  C C   . THR A 1 93  ? 6.354   3.425   15.823  1.00 19.07 ? 93  THR A C   1 
ATOM   720  O O   . THR A 1 93  ? 6.863   3.431   14.711  1.00 18.84 ? 93  THR A O   1 
ATOM   721  C CB  . THR A 1 93  ? 7.286   1.288   16.649  1.00 19.59 ? 93  THR A CB  1 
ATOM   722  O OG1 . THR A 1 93  ? 6.891   0.003   17.151  1.00 21.33 ? 93  THR A OG1 1 
ATOM   723  C CG2 . THR A 1 93  ? 8.253   1.944   17.599  1.00 22.59 ? 93  THR A CG2 1 
ATOM   724  N N   . TYR A 1 94  ? 6.010   4.521   16.476  1.00 18.58 ? 94  TYR A N   1 
ATOM   725  C CA  . TYR A 1 94  ? 6.138   5.809   15.865  1.00 18.35 ? 94  TYR A CA  1 
ATOM   726  C C   . TYR A 1 94  ? 7.593   6.202   15.734  1.00 18.86 ? 94  TYR A C   1 
ATOM   727  O O   . TYR A 1 94  ? 8.389   6.071   16.668  1.00 19.07 ? 94  TYR A O   1 
ATOM   728  C CB  . TYR A 1 94  ? 5.366   6.831   16.691  1.00 18.23 ? 94  TYR A CB  1 
ATOM   729  C CG  . TYR A 1 94  ? 5.584   8.253   16.283  1.00 18.49 ? 94  TYR A CG  1 
ATOM   730  C CD1 . TYR A 1 94  ? 4.815   8.821   15.269  1.00 19.77 ? 94  TYR A CD1 1 
ATOM   731  C CD2 . TYR A 1 94  ? 6.550   9.045   16.925  1.00 18.20 ? 94  TYR A CD2 1 
ATOM   732  C CE1 . TYR A 1 94  ? 4.987   10.155  14.896  1.00 18.21 ? 94  TYR A CE1 1 
ATOM   733  C CE2 . TYR A 1 94  ? 6.739   10.370  16.551  1.00 21.35 ? 94  TYR A CE2 1 
ATOM   734  C CZ  . TYR A 1 94  ? 5.957   10.912  15.528  1.00 19.50 ? 94  TYR A CZ  1 
ATOM   735  O OH  . TYR A 1 94  ? 6.100   12.233  15.147  1.00 21.75 ? 94  TYR A OH  1 
ATOM   736  N N   . LYS A 1 95  ? 7.950   6.691   14.552  1.00 18.23 ? 95  LYS A N   1 
ATOM   737  C CA  . LYS A 1 95  ? 9.328   7.119   14.311  1.00 18.77 ? 95  LYS A CA  1 
ATOM   738  C C   . LYS A 1 95  ? 9.454   8.619   14.153  1.00 18.37 ? 95  LYS A C   1 
ATOM   739  O O   . LYS A 1 95  ? 10.450  9.215   14.550  1.00 19.27 ? 95  LYS A O   1 
ATOM   740  C CB  . LYS A 1 95  ? 9.894   6.430   13.082  1.00 18.40 ? 95  LYS A CB  1 
ATOM   741  C CG  . LYS A 1 95  ? 9.865   4.903   13.145  1.00 21.26 ? 95  LYS A CG  1 
ATOM   742  C CD  . LYS A 1 95  ? 10.635  4.381   14.334  1.00 24.33 ? 95  LYS A CD  1 
ATOM   743  C CE  . LYS A 1 95  ? 11.154  2.978   14.090  1.00 27.69 ? 95  LYS A CE  1 
ATOM   744  N NZ  . LYS A 1 95  ? 12.054  2.520   15.188  1.00 27.75 ? 95  LYS A NZ  1 
ATOM   745  N N   . GLY A 1 96  ? 8.437   9.230   13.572  1.00 18.01 ? 96  GLY A N   1 
ATOM   746  C CA  . GLY A 1 96  ? 8.495   10.667  13.292  1.00 18.17 ? 96  GLY A CA  1 
ATOM   747  C C   . GLY A 1 96  ? 7.474   10.927  12.203  1.00 17.71 ? 96  GLY A C   1 
ATOM   748  O O   . GLY A 1 96  ? 6.575   10.111  11.962  1.00 17.96 ? 96  GLY A O   1 
ATOM   749  N N   . THR A 1 97  ? 7.580   12.070  11.561  1.00 17.83 ? 97  THR A N   1 
ATOM   750  C CA  . THR A 1 97  ? 6.692   12.365  10.456  1.00 17.51 ? 97  THR A CA  1 
ATOM   751  C C   . THR A 1 97  ? 7.490   12.708  9.210   1.00 17.65 ? 97  THR A C   1 
ATOM   752  O O   . THR A 1 97  ? 8.688   13.028  9.280   1.00 17.13 ? 97  THR A O   1 
ATOM   753  C CB  . THR A 1 97  ? 5.760   13.534  10.786  1.00 18.07 ? 97  THR A CB  1 
ATOM   754  O OG1 . THR A 1 97  ? 6.563   14.675  11.062  1.00 17.69 ? 97  THR A OG1 1 
ATOM   755  C CG2 . THR A 1 97  ? 4.889   13.189  12.004  1.00 18.39 ? 97  THR A CG2 1 
ATOM   756  N N   . VAL A 1 98  ? 6.811   12.618  8.065   1.00 18.17 ? 98  VAL A N   1 
ATOM   757  C CA  . VAL A 1 98  ? 7.373   13.111  6.828   1.00 19.11 ? 98  VAL A CA  1 
ATOM   758  C C   . VAL A 1 98  ? 6.287   13.891  6.111   1.00 19.79 ? 98  VAL A C   1 
ATOM   759  O O   . VAL A 1 98  ? 5.130   13.457  6.044   1.00 20.51 ? 98  VAL A O   1 
ATOM   760  C CB  . VAL A 1 98  ? 7.901   11.976  5.927   1.00 17.99 ? 98  VAL A CB  1 
ATOM   761  C CG1 . VAL A 1 98  ? 6.834   10.914  5.708   1.00 18.10 ? 98  VAL A CG1 1 
ATOM   762  C CG2 . VAL A 1 98  ? 8.432   12.540  4.570   1.00 19.65 ? 98  VAL A CG2 1 
ATOM   763  N N   . LYS A 1 99  ? 6.647   15.065  5.603   1.00 20.73 ? 99  LYS A N   1 
ATOM   764  C CA  . LYS A 1 99  ? 5.717   15.790  4.774   1.00 21.39 ? 99  LYS A CA  1 
ATOM   765  C C   . LYS A 1 99  ? 5.991   15.423  3.312   1.00 20.78 ? 99  LYS A C   1 
ATOM   766  O O   . LYS A 1 99  ? 7.134   15.399  2.878   1.00 21.14 ? 99  LYS A O   1 
ATOM   767  C CB  . LYS A 1 99  ? 5.801   17.298  5.041   1.00 22.43 ? 99  LYS A CB  1 
ATOM   768  C CG  . LYS A 1 99  ? 4.977   17.686  6.290   1.00 24.48 ? 99  LYS A CG  1 
ATOM   769  C CD  . LYS A 1 99  ? 5.664   18.705  7.159   1.00 29.21 ? 99  LYS A CD  1 
ATOM   770  C CE  . LYS A 1 99  ? 5.092   18.657  8.589   1.00 28.74 ? 99  LYS A CE  1 
ATOM   771  N NZ  . LYS A 1 99  ? 3.593   18.813  8.631   1.00 26.54 ? 99  LYS A NZ  1 
ATOM   772  N N   . SER A 1 100 ? 4.935   15.078  2.585   1.00 20.44 ? 100 SER A N   1 
ATOM   773  C CA  . SER A 1 100 ? 5.053   14.709  1.183   1.00 20.21 ? 100 SER A CA  1 
ATOM   774  C C   . SER A 1 100 ? 3.716   14.861  0.527   1.00 20.71 ? 100 SER A C   1 
ATOM   775  O O   . SER A 1 100 ? 2.682   14.464  1.090   1.00 20.55 ? 100 SER A O   1 
ATOM   776  C CB  . SER A 1 100 ? 5.512   13.258  1.025   1.00 20.25 ? 100 SER A CB  1 
ATOM   777  O OG  . SER A 1 100 ? 5.955   13.020  -0.296  1.00 21.12 ? 100 SER A OG  1 
ATOM   778  N N   . ASP A 1 101 ? 3.743   15.462  -0.660  1.00 20.10 ? 101 ASP A N   1 
ATOM   779  C CA  . ASP A 1 101 ? 2.557   15.584  -1.502  1.00 20.69 ? 101 ASP A CA  1 
ATOM   780  C C   . ASP A 1 101 ? 1.367   16.231  -0.778  1.00 19.85 ? 101 ASP A C   1 
ATOM   781  O O   . ASP A 1 101 ? 0.225   15.738  -0.849  1.00 20.64 ? 101 ASP A O   1 
ATOM   782  C CB  . ASP A 1 101 ? 2.223   14.221  -2.060  1.00 19.87 ? 101 ASP A CB  1 
ATOM   783  C CG  . ASP A 1 101 ? 3.427   13.565  -2.677  1.00 21.03 ? 101 ASP A CG  1 
ATOM   784  O OD1 . ASP A 1 101 ? 3.825   14.037  -3.769  1.00 20.01 ? 101 ASP A OD1 1 
ATOM   785  O OD2 . ASP A 1 101 ? 3.988   12.621  -2.066  1.00 17.85 ? 101 ASP A OD2 1 
ATOM   786  N N   . GLY A 1 102 ? 1.668   17.331  -0.070  1.00 20.38 ? 102 GLY A N   1 
ATOM   787  C CA  . GLY A 1 102 ? 0.686   18.097  0.684   1.00 19.54 ? 102 GLY A CA  1 
ATOM   788  C C   . GLY A 1 102 ? 0.072   17.382  1.882   1.00 19.52 ? 102 GLY A C   1 
ATOM   789  O O   . GLY A 1 102 ? -0.935  17.816  2.444   1.00 19.11 ? 102 GLY A O   1 
ATOM   790  N N   . GLY A 1 103 ? 0.686   16.290  2.286   1.00 18.90 ? 103 GLY A N   1 
ATOM   791  C CA  . GLY A 1 103 ? 0.199   15.559  3.422   1.00 19.06 ? 103 GLY A CA  1 
ATOM   792  C C   . GLY A 1 103 ? 1.301   15.447  4.453   1.00 19.34 ? 103 GLY A C   1 
ATOM   793  O O   . GLY A 1 103 ? 2.501   15.481  4.115   1.00 19.36 ? 103 GLY A O   1 
ATOM   794  N N   . THR A 1 104 ? 0.896   15.307  5.707   1.00 18.21 ? 104 THR A N   1 
ATOM   795  C CA  . THR A 1 104 ? 1.812   14.890  6.746   1.00 19.12 ? 104 THR A CA  1 
ATOM   796  C C   . THR A 1 104 ? 1.494   13.453  7.078   1.00 18.26 ? 104 THR A C   1 
ATOM   797  O O   . THR A 1 104 ? 0.335   13.101  7.335   1.00 17.03 ? 104 THR A O   1 
ATOM   798  C CB  . THR A 1 104 ? 1.640   15.722  8.027   1.00 19.82 ? 104 THR A CB  1 
ATOM   799  O OG1 . THR A 1 104 ? 1.858   17.094  7.711   1.00 21.28 ? 104 THR A OG1 1 
ATOM   800  C CG2 . THR A 1 104 ? 2.630   15.292  9.118   1.00 19.96 ? 104 THR A CG2 1 
ATOM   801  N N   . TYR A 1 105 ? 2.541   12.652  7.101   1.00 17.61 ? 105 TYR A N   1 
ATOM   802  C CA  . TYR A 1 105 ? 2.477   11.227  7.397   1.00 17.39 ? 105 TYR A CA  1 
ATOM   803  C C   . TYR A 1 105 ? 3.276   10.909  8.645   1.00 17.48 ? 105 TYR A C   1 
ATOM   804  O O   . TYR A 1 105 ? 4.434   11.280  8.792   1.00 17.96 ? 105 TYR A O   1 
ATOM   805  C CB  . TYR A 1 105 ? 3.088   10.417  6.252   1.00 17.55 ? 105 TYR A CB  1 
ATOM   806  C CG  . TYR A 1 105 ? 2.433   10.597  4.923   1.00 18.15 ? 105 TYR A CG  1 
ATOM   807  C CD1 . TYR A 1 105 ? 2.699   11.725  4.144   1.00 16.78 ? 105 TYR A CD1 1 
ATOM   808  C CD2 . TYR A 1 105 ? 1.549   9.636   4.427   1.00 18.76 ? 105 TYR A CD2 1 
ATOM   809  C CE1 . TYR A 1 105 ? 2.073   11.893  2.893   1.00 18.37 ? 105 TYR A CE1 1 
ATOM   810  C CE2 . TYR A 1 105 ? 0.922   9.783   3.187   1.00 16.02 ? 105 TYR A CE2 1 
ATOM   811  C CZ  . TYR A 1 105 ? 1.204   10.912  2.414   1.00 18.78 ? 105 TYR A CZ  1 
ATOM   812  O OH  . TYR A 1 105 ? 0.609   11.090  1.183   1.00 18.54 ? 105 TYR A OH  1 
ATOM   813  N N   . ASP A 1 106 ? 2.666   10.161  9.532   1.00 19.13 ? 106 ASP A N   1 
ATOM   814  C CA  . ASP A 1 106 ? 3.402   9.530   10.582  1.00 17.94 ? 106 ASP A CA  1 
ATOM   815  C C   . ASP A 1 106 ? 4.167   8.361   10.020  1.00 17.80 ? 106 ASP A C   1 
ATOM   816  O O   . ASP A 1 106 ? 3.702   7.662   9.111   1.00 18.05 ? 106 ASP A O   1 
ATOM   817  C CB  . ASP A 1 106 ? 2.439   9.042   11.671  1.00 17.44 ? 106 ASP A CB  1 
ATOM   818  C CG  . ASP A 1 106 ? 1.641   10.200  12.283  1.00 17.62 ? 106 ASP A CG  1 
ATOM   819  O OD1 . ASP A 1 106 ? 2.280   11.220  12.581  1.00 19.48 ? 106 ASP A OD1 1 
ATOM   820  O OD2 . ASP A 1 106 ? 0.385   10.091  12.362  1.00 17.68 ? 106 ASP A OD2 1 
ATOM   821  N N   . ILE A 1 107 ? 5.337   8.149   10.591  1.00 17.06 ? 107 ILE A N   1 
ATOM   822  C CA  . ILE A 1 107 ? 6.215   7.071   10.137  1.00 17.79 ? 107 ILE A CA  1 
ATOM   823  C C   . ILE A 1 107 ? 6.195   5.976   11.197  1.00 17.75 ? 107 ILE A C   1 
ATOM   824  O O   . ILE A 1 107 ? 6.455   6.265   12.370  1.00 18.79 ? 107 ILE A O   1 
ATOM   825  C CB  . ILE A 1 107 ? 7.633   7.585   9.953   1.00 16.89 ? 107 ILE A CB  1 
ATOM   826  C CG1 . ILE A 1 107 ? 7.679   8.641   8.833   1.00 18.44 ? 107 ILE A CG1 1 
ATOM   827  C CG2 . ILE A 1 107 ? 8.582   6.428   9.630   1.00 17.49 ? 107 ILE A CG2 1 
ATOM   828  C CD1 . ILE A 1 107 ? 9.026   9.352   8.762   1.00 18.02 ? 107 ILE A CD1 1 
ATOM   829  N N   . TYR A 1 108 ? 5.917   4.739   10.790  1.00 17.85 ? 108 TYR A N   1 
ATOM   830  C CA  . TYR A 1 108 ? 5.858   3.633   11.751  1.00 16.90 ? 108 TYR A CA  1 
ATOM   831  C C   . TYR A 1 108 ? 6.631   2.444   11.266  1.00 16.97 ? 108 TYR A C   1 
ATOM   832  O O   . TYR A 1 108 ? 6.799   2.261   10.073  1.00 17.18 ? 108 TYR A O   1 
ATOM   833  C CB  . TYR A 1 108 ? 4.423   3.159   12.002  1.00 17.46 ? 108 TYR A CB  1 
ATOM   834  C CG  . TYR A 1 108 ? 3.437   4.213   12.439  1.00 17.61 ? 108 TYR A CG  1 
ATOM   835  C CD1 . TYR A 1 108 ? 3.510   4.772   13.728  1.00 17.91 ? 108 TYR A CD1 1 
ATOM   836  C CD2 . TYR A 1 108 ? 2.435   4.660   11.566  1.00 16.63 ? 108 TYR A CD2 1 
ATOM   837  C CE1 . TYR A 1 108 ? 2.607   5.711   14.146  1.00 18.69 ? 108 TYR A CE1 1 
ATOM   838  C CE2 . TYR A 1 108 ? 1.523   5.615   11.979  1.00 16.79 ? 108 TYR A CE2 1 
ATOM   839  C CZ  . TYR A 1 108 ? 1.623   6.128   13.272  1.00 18.61 ? 108 TYR A CZ  1 
ATOM   840  O OH  . TYR A 1 108 ? 0.730   7.077   13.677  1.00 18.71 ? 108 TYR A OH  1 
ATOM   841  N N   . THR A 1 109 ? 7.074   1.620   12.206  1.00 17.09 ? 109 THR A N   1 
ATOM   842  C CA  . THR A 1 109 ? 7.505   0.276   11.892  1.00 18.13 ? 109 THR A CA  1 
ATOM   843  C C   . THR A 1 109 ? 6.608   -0.695  12.658  1.00 18.04 ? 109 THR A C   1 
ATOM   844  O O   . THR A 1 109 ? 6.070   -0.390  13.757  1.00 17.67 ? 109 THR A O   1 
ATOM   845  C CB  . THR A 1 109 ? 8.963   0.004   12.261  1.00 18.90 ? 109 THR A CB  1 
ATOM   846  O OG1 . THR A 1 109 ? 9.174   0.215   13.669  1.00 20.41 ? 109 THR A OG1 1 
ATOM   847  C CG2 . THR A 1 109 ? 9.907   0.888   11.444  1.00 17.84 ? 109 THR A CG2 1 
ATOM   848  N N   . THR A 1 110 ? 6.381   -1.832  12.029  1.00 18.25 ? 110 THR A N   1 
ATOM   849  C CA  . THR A 1 110 ? 5.826   -2.976  12.731  1.00 18.13 ? 110 THR A CA  1 
ATOM   850  C C   . THR A 1 110 ? 6.674   -4.155  12.313  1.00 18.76 ? 110 THR A C   1 
ATOM   851  O O   . THR A 1 110 ? 7.521   -4.031  11.448  1.00 18.30 ? 110 THR A O   1 
ATOM   852  C CB  . THR A 1 110 ? 4.371   -3.188  12.383  1.00 18.04 ? 110 THR A CB  1 
ATOM   853  O OG1 . THR A 1 110 ? 4.221   -3.294  10.954  1.00 19.13 ? 110 THR A OG1 1 
ATOM   854  C CG2 . THR A 1 110 ? 3.546   -2.008  12.847  1.00 17.70 ? 110 THR A CG2 1 
ATOM   855  N N   . THR A 1 111 ? 6.463   -5.282  12.962  1.00 19.38 ? 111 THR A N   1 
ATOM   856  C CA  . THR A 1 111 ? 7.054   -6.520  12.540  1.00 20.27 ? 111 THR A CA  1 
ATOM   857  C C   . THR A 1 111 ? 5.903   -7.508  12.457  1.00 20.68 ? 111 THR A C   1 
ATOM   858  O O   . THR A 1 111 ? 4.931   -7.455  13.250  1.00 21.33 ? 111 THR A O   1 
ATOM   859  C CB  . THR A 1 111 ? 8.068   -7.031  13.556  1.00 19.63 ? 111 THR A CB  1 
ATOM   860  O OG1 . THR A 1 111 ? 9.018   -5.993  13.866  1.00 22.85 ? 111 THR A OG1 1 
ATOM   861  C CG2 . THR A 1 111 ? 8.807   -8.253  13.032  1.00 21.42 ? 111 THR A CG2 1 
ATOM   862  N N   . ARG A 1 112 ? 6.003   -8.386  11.487  1.00 20.04 ? 112 ARG A N   1 
ATOM   863  C CA  . ARG A 1 112 ? 5.073   -9.483  11.367  1.00 20.99 ? 112 ARG A CA  1 
ATOM   864  C C   . ARG A 1 112 ? 5.835   -10.738 11.716  1.00 20.30 ? 112 ARG A C   1 
ATOM   865  O O   . ARG A 1 112 ? 6.991   -10.886 11.364  1.00 19.66 ? 112 ARG A O   1 
ATOM   866  C CB  . ARG A 1 112 ? 4.533   -9.581  9.955   1.00 21.20 ? 112 ARG A CB  1 
ATOM   867  C CG  . ARG A 1 112 ? 3.806   -8.342  9.513   1.00 26.24 ? 112 ARG A CG  1 
ATOM   868  C CD  . ARG A 1 112 ? 2.313   -8.476  9.634   1.00 31.70 ? 112 ARG A CD  1 
ATOM   869  N NE  . ARG A 1 112 ? 1.729   -9.422  8.678   1.00 32.78 ? 112 ARG A NE  1 
ATOM   870  C CZ  . ARG A 1 112 ? 1.064   -10.527 9.024   1.00 36.29 ? 112 ARG A CZ  1 
ATOM   871  N NH1 . ARG A 1 112 ? 0.887   -10.842 10.306  1.00 32.47 ? 112 ARG A NH1 1 
ATOM   872  N NH2 . ARG A 1 112 ? 0.564   -11.326 8.079   1.00 38.23 ? 112 ARG A NH2 1 
ATOM   873  N N   . TYR A 1 113 ? 5.155   -11.624 12.411  1.00 19.14 ? 113 TYR A N   1 
ATOM   874  C CA  . TYR A 1 113 ? 5.697   -12.899 12.794  1.00 19.35 ? 113 TYR A CA  1 
ATOM   875  C C   . TYR A 1 113 ? 4.767   -13.988 12.310  1.00 18.89 ? 113 TYR A C   1 
ATOM   876  O O   . TYR A 1 113 ? 3.570   -13.761 12.214  1.00 18.43 ? 113 TYR A O   1 
ATOM   877  C CB  . TYR A 1 113 ? 5.744   -12.962 14.287  1.00 19.23 ? 113 TYR A CB  1 
ATOM   878  C CG  . TYR A 1 113 ? 6.648   -11.939 14.866  1.00 20.76 ? 113 TYR A CG  1 
ATOM   879  C CD1 . TYR A 1 113 ? 6.189   -10.638 15.137  1.00 19.76 ? 113 TYR A CD1 1 
ATOM   880  C CD2 . TYR A 1 113 ? 7.961   -12.261 15.161  1.00 21.01 ? 113 TYR A CD2 1 
ATOM   881  C CE1 . TYR A 1 113 ? 7.026   -9.706  15.694  1.00 21.69 ? 113 TYR A CE1 1 
ATOM   882  C CE2 . TYR A 1 113 ? 8.800   -11.340 15.721  1.00 20.37 ? 113 TYR A CE2 1 
ATOM   883  C CZ  . TYR A 1 113 ? 8.326   -10.064 15.978  1.00 21.92 ? 113 TYR A CZ  1 
ATOM   884  O OH  . TYR A 1 113 ? 9.198   -9.174  16.544  1.00 25.60 ? 113 TYR A OH  1 
ATOM   885  N N   . ASN A 1 114 ? 5.327   -15.164 12.030  1.00 18.55 ? 114 ASN A N   1 
ATOM   886  C CA  . ASN A 1 114 ? 4.526   -16.292 11.556  1.00 19.65 ? 114 ASN A CA  1 
ATOM   887  C C   . ASN A 1 114 ? 3.584   -15.842 10.461  1.00 20.37 ? 114 ASN A C   1 
ATOM   888  O O   . ASN A 1 114 ? 2.398   -16.202 10.451  1.00 20.29 ? 114 ASN A O   1 
ATOM   889  C CB  . ASN A 1 114 ? 3.706   -16.857 12.705  1.00 20.13 ? 114 ASN A CB  1 
ATOM   890  C CG  . ASN A 1 114 ? 4.554   -17.274 13.858  1.00 19.61 ? 114 ASN A CG  1 
ATOM   891  O OD1 . ASN A 1 114 ? 4.385   -16.787 14.985  1.00 22.63 ? 114 ASN A OD1 1 
ATOM   892  N ND2 . ASN A 1 114 ? 5.468   -18.183 13.603  1.00 17.16 ? 114 ASN A ND2 1 
ATOM   893  N N   . ALA A 1 115 ? 4.126   -15.053 9.540   1.00 20.84 ? 115 ALA A N   1 
ATOM   894  C CA  . ALA A 1 115 ? 3.348   -14.318 8.578   1.00 22.04 ? 115 ALA A CA  1 
ATOM   895  C C   . ALA A 1 115 ? 3.880   -14.625 7.200   1.00 22.24 ? 115 ALA A C   1 
ATOM   896  O O   . ALA A 1 115 ? 5.093   -14.618 6.980   1.00 22.69 ? 115 ALA A O   1 
ATOM   897  C CB  . ALA A 1 115 ? 3.466   -12.849 8.855   1.00 21.88 ? 115 ALA A CB  1 
ATOM   898  N N   . PRO A 1 116 ? 2.972   -14.879 6.260   1.00 23.18 ? 116 PRO A N   1 
ATOM   899  C CA  . PRO A 1 116 ? 3.383   -15.167 4.900   1.00 22.73 ? 116 PRO A CA  1 
ATOM   900  C C   . PRO A 1 116 ? 4.027   -13.922 4.303   1.00 22.79 ? 116 PRO A C   1 
ATOM   901  O O   . PRO A 1 116 ? 3.503   -12.807 4.450   1.00 23.27 ? 116 PRO A O   1 
ATOM   902  C CB  . PRO A 1 116 ? 2.055   -15.476 4.195   1.00 23.43 ? 116 PRO A CB  1 
ATOM   903  C CG  . PRO A 1 116 ? 1.073   -15.780 5.311   1.00 24.18 ? 116 PRO A CG  1 
ATOM   904  C CD  . PRO A 1 116 ? 1.510   -14.909 6.434   1.00 23.44 ? 116 PRO A CD  1 
ATOM   905  N N   . SER A 1 117 ? 5.174   -14.106 3.661   1.00 23.36 ? 117 SER A N   1 
ATOM   906  C CA  . SER A 1 117 ? 5.849   -13.014 2.939   1.00 23.41 ? 117 SER A CA  1 
ATOM   907  C C   . SER A 1 117 ? 5.475   -13.023 1.443   1.00 23.44 ? 117 SER A C   1 
ATOM   908  O O   . SER A 1 117 ? 4.697   -13.866 1.006   1.00 22.50 ? 117 SER A O   1 
ATOM   909  C CB  . SER A 1 117 ? 7.355   -13.143 3.078   1.00 23.43 ? 117 SER A CB  1 
ATOM   910  O OG  . SER A 1 117 ? 7.816   -14.221 2.300   1.00 23.39 ? 117 SER A OG  1 
ATOM   911  N N   . ILE A 1 118 ? 6.063   -12.100 0.668   1.00 24.09 ? 118 ILE A N   1 
ATOM   912  C CA  . ILE A 1 118 ? 5.883   -12.079 -0.798  1.00 25.38 ? 118 ILE A CA  1 
ATOM   913  C C   . ILE A 1 118 ? 6.200   -13.458 -1.296  1.00 26.18 ? 118 ILE A C   1 
ATOM   914  O O   . ILE A 1 118 ? 5.592   -13.943 -2.244  1.00 27.32 ? 118 ILE A O   1 
ATOM   915  C CB  . ILE A 1 118 ? 6.987   -11.293 -1.567  1.00 26.06 ? 118 ILE A CB  1 
ATOM   916  C CG1 . ILE A 1 118 ? 8.035   -10.723 -0.635  1.00 25.76 ? 118 ILE A CG1 1 
ATOM   917  C CG2 . ILE A 1 118 ? 6.429   -10.382 -2.733  1.00 26.34 ? 118 ILE A CG2 1 
ATOM   918  C CD1 . ILE A 1 118 ? 9.061   -9.904  -1.328  1.00 31.00 ? 118 ILE A CD1 1 
ATOM   919  N N   . ASP A 1 119 ? 7.203   -14.067 -0.682  1.00 25.99 ? 119 ASP A N   1 
ATOM   920  C CA  . ASP A 1 119 ? 7.823   -15.231 -1.268  1.00 27.64 ? 119 ASP A CA  1 
ATOM   921  C C   . ASP A 1 119 ? 7.162   -16.529 -0.826  1.00 28.07 ? 119 ASP A C   1 
ATOM   922  O O   . ASP A 1 119 ? 7.611   -17.617 -1.182  1.00 28.39 ? 119 ASP A O   1 
ATOM   923  C CB  . ASP A 1 119 ? 9.323   -15.183 -1.000  1.00 28.29 ? 119 ASP A CB  1 
ATOM   924  C CG  . ASP A 1 119 ? 10.023  -14.144 -1.872  1.00 29.24 ? 119 ASP A CG  1 
ATOM   925  O OD1 . ASP A 1 119 ? 9.589   -13.944 -3.034  1.00 31.65 ? 119 ASP A OD1 1 
ATOM   926  O OD2 . ASP A 1 119 ? 10.999  -13.519 -1.413  1.00 31.94 ? 119 ASP A OD2 1 
ATOM   927  N N   . GLY A 1 120 ? 6.065   -16.400 -0.087  1.00 28.49 ? 120 GLY A N   1 
ATOM   928  C CA  . GLY A 1 120 ? 5.272   -17.549 0.336   1.00 29.06 ? 120 GLY A CA  1 
ATOM   929  C C   . GLY A 1 120 ? 5.657   -18.106 1.703   1.00 29.24 ? 120 GLY A C   1 
ATOM   930  O O   . GLY A 1 120 ? 4.849   -18.753 2.356   1.00 31.12 ? 120 GLY A O   1 
ATOM   931  N N   . ASP A 1 121 ? 6.880   -17.846 2.153   1.00 29.22 ? 121 ASP A N   1 
ATOM   932  C CA  . ASP A 1 121 ? 7.378   -18.371 3.425   1.00 28.75 ? 121 ASP A CA  1 
ATOM   933  C C   . ASP A 1 121 ? 6.576   -17.764 4.580   1.00 27.74 ? 121 ASP A C   1 
ATOM   934  O O   . ASP A 1 121 ? 6.330   -16.562 4.574   1.00 27.12 ? 121 ASP A O   1 
ATOM   935  C CB  . ASP A 1 121 ? 8.877   -18.025 3.582   1.00 29.37 ? 121 ASP A CB  1 
ATOM   936  C CG  . ASP A 1 121 ? 9.683   -18.345 2.335   1.00 32.34 ? 121 ASP A CG  1 
ATOM   937  O OD1 . ASP A 1 121 ? 10.245  -17.415 1.719   1.00 35.62 ? 121 ASP A OD1 1 
ATOM   938  O OD2 . ASP A 1 121 ? 9.728   -19.531 1.941   1.00 37.36 ? 121 ASP A OD2 1 
ATOM   939  N N   . ARG A 1 122 ? 6.132   -18.580 5.538   1.00 26.64 ? 122 ARG A N   1 
ATOM   940  C CA  . ARG A 1 122 ? 5.554   -18.019 6.777   1.00 26.51 ? 122 ARG A CA  1 
ATOM   941  C C   . ARG A 1 122 ? 6.761   -17.673 7.618   1.00 25.26 ? 122 ARG A C   1 
ATOM   942  O O   . ARG A 1 122 ? 7.522   -18.553 8.014   1.00 25.11 ? 122 ARG A O   1 
ATOM   943  C CB  . ARG A 1 122 ? 4.655   -19.000 7.546   1.00 26.49 ? 122 ARG A CB  1 
ATOM   944  C CG  . ARG A 1 122 ? 3.483   -19.610 6.766   1.00 28.83 ? 122 ARG A CG  1 
ATOM   945  C CD  . ARG A 1 122 ? 2.299   -20.039 7.701   1.00 29.03 ? 122 ARG A CD  1 
ATOM   946  N NE  . ARG A 1 122 ? 1.768   -18.901 8.444   1.00 29.27 ? 122 ARG A NE  1 
ATOM   947  C CZ  . ARG A 1 122 ? 0.575   -18.325 8.277   1.00 26.86 ? 122 ARG A CZ  1 
ATOM   948  N NH1 . ARG A 1 122 ? -0.333  -18.778 7.407   1.00 28.15 ? 122 ARG A NH1 1 
ATOM   949  N NH2 . ARG A 1 122 ? 0.288   -17.267 9.020   1.00 24.42 ? 122 ARG A NH2 1 
ATOM   950  N N   . THR A 1 123 ? 6.956   -16.395 7.899   1.00 23.54 ? 123 THR A N   1 
ATOM   951  C CA  . THR A 1 123 ? 8.223   -15.987 8.443   1.00 22.83 ? 123 THR A CA  1 
ATOM   952  C C   . THR A 1 123 ? 8.080   -14.702 9.226   1.00 21.61 ? 123 THR A C   1 
ATOM   953  O O   . THR A 1 123 ? 6.986   -14.338 9.601   1.00 20.77 ? 123 THR A O   1 
ATOM   954  C CB  . THR A 1 123 ? 9.281   -15.855 7.319   1.00 23.12 ? 123 THR A CB  1 
ATOM   955  O OG1 . THR A 1 123 ? 10.558  -15.554 7.891   1.00 24.54 ? 123 THR A OG1 1 
ATOM   956  C CG2 . THR A 1 123 ? 8.877   -14.773 6.282   1.00 23.38 ? 123 THR A CG2 1 
ATOM   957  N N   . THR A 1 124 ? 9.193   -14.030 9.477   1.00 21.56 ? 124 THR A N   1 
ATOM   958  C CA  . THR A 1 124 ? 9.160   -12.750 10.177  1.00 21.51 ? 124 THR A CA  1 
ATOM   959  C C   . THR A 1 124 ? 9.695   -11.671 9.248   1.00 20.60 ? 124 THR A C   1 
ATOM   960  O O   . THR A 1 124 ? 10.641  -11.909 8.528   1.00 20.62 ? 124 THR A O   1 
ATOM   961  C CB  . THR A 1 124 ? 10.023  -12.803 11.428  1.00 21.39 ? 124 THR A CB  1 
ATOM   962  O OG1 . THR A 1 124 ? 9.563   -13.886 12.258  1.00 25.52 ? 124 THR A OG1 1 
ATOM   963  C CG2 . THR A 1 124 ? 9.920   -11.490 12.218  1.00 23.37 ? 124 THR A CG2 1 
ATOM   964  N N   . PHE A 1 125 ? 9.094   -10.493 9.266   1.00 19.52 ? 125 PHE A N   1 
ATOM   965  C CA  . PHE A 1 125 ? 9.631   -9.397  8.475   1.00 19.60 ? 125 PHE A CA  1 
ATOM   966  C C   . PHE A 1 125 ? 9.096   -8.102  8.996   1.00 19.74 ? 125 PHE A C   1 
ATOM   967  O O   . PHE A 1 125 ? 8.071   -8.063  9.656   1.00 20.19 ? 125 PHE A O   1 
ATOM   968  C CB  . PHE A 1 125 ? 9.299   -9.534  6.997   1.00 19.90 ? 125 PHE A CB  1 
ATOM   969  C CG  . PHE A 1 125 ? 7.856   -9.770  6.727   1.00 19.25 ? 125 PHE A CG  1 
ATOM   970  C CD1 . PHE A 1 125 ? 7.361   -11.057 6.643   1.00 17.70 ? 125 PHE A CD1 1 
ATOM   971  C CD2 . PHE A 1 125 ? 6.995   -8.708  6.546   1.00 17.54 ? 125 PHE A CD2 1 
ATOM   972  C CE1 . PHE A 1 125 ? 6.028   -11.273 6.387   1.00 17.73 ? 125 PHE A CE1 1 
ATOM   973  C CE2 . PHE A 1 125 ? 5.652   -8.919  6.305   1.00 17.42 ? 125 PHE A CE2 1 
ATOM   974  C CZ  . PHE A 1 125 ? 5.165   -10.201 6.215   1.00 19.73 ? 125 PHE A CZ  1 
ATOM   975  N N   . THR A 1 126 ? 9.793   -7.036  8.652   1.00 19.35 ? 126 THR A N   1 
ATOM   976  C CA  . THR A 1 126 ? 9.460   -5.738  9.145   1.00 18.56 ? 126 THR A CA  1 
ATOM   977  C C   . THR A 1 126 ? 8.557   -5.042  8.153   1.00 18.33 ? 126 THR A C   1 
ATOM   978  O O   . THR A 1 126 ? 8.649   -5.278  6.969   1.00 18.88 ? 126 THR A O   1 
ATOM   979  C CB  . THR A 1 126 ? 10.754  -4.957  9.366   1.00 19.42 ? 126 THR A CB  1 
ATOM   980  O OG1 . THR A 1 126 ? 11.569  -5.730  10.244  1.00 18.91 ? 126 THR A OG1 1 
ATOM   981  C CG2 . THR A 1 126 ? 10.501  -3.596  9.978   1.00 17.46 ? 126 THR A CG2 1 
ATOM   982  N N   . GLN A 1 127 ? 7.672   -4.191  8.654   1.00 17.96 ? 127 GLN A N   1 
ATOM   983  C CA  . GLN A 1 127 ? 6.889   -3.356  7.785   1.00 18.51 ? 127 GLN A CA  1 
ATOM   984  C C   . GLN A 1 127 ? 7.316   -1.941  8.042   1.00 18.00 ? 127 GLN A C   1 
ATOM   985  O O   . GLN A 1 127 ? 7.535   -1.536  9.196   1.00 18.39 ? 127 GLN A O   1 
ATOM   986  C CB  . GLN A 1 127 ? 5.397   -3.499  8.069   1.00 18.01 ? 127 GLN A CB  1 
ATOM   987  C CG  . GLN A 1 127 ? 4.887   -4.907  8.062   1.00 20.21 ? 127 GLN A CG  1 
ATOM   988  C CD  . GLN A 1 127 ? 3.433   -4.994  8.477   1.00 23.81 ? 127 GLN A CD  1 
ATOM   989  O OE1 . GLN A 1 127 ? 3.092   -4.725  9.638   1.00 23.90 ? 127 GLN A OE1 1 
ATOM   990  N NE2 . GLN A 1 127 ? 2.563   -5.376  7.540   1.00 21.82 ? 127 GLN A NE2 1 
ATOM   991  N N   . TYR A 1 128 ? 7.402   -1.179  6.967   1.00 17.50 ? 128 TYR A N   1 
ATOM   992  C CA  . TYR A 1 128 ? 7.618   0.254   7.059   1.00 18.22 ? 128 TYR A CA  1 
ATOM   993  C C   . TYR A 1 128 ? 6.366   0.948   6.645   1.00 18.05 ? 128 TYR A C   1 
ATOM   994  O O   . TYR A 1 128 ? 5.750   0.586   5.641   1.00 18.98 ? 128 TYR A O   1 
ATOM   995  C CB  . TYR A 1 128 ? 8.730   0.712   6.134   1.00 17.53 ? 128 TYR A CB  1 
ATOM   996  C CG  . TYR A 1 128 ? 10.096  0.196   6.438   1.00 17.26 ? 128 TYR A CG  1 
ATOM   997  C CD1 . TYR A 1 128 ? 10.408  -0.384  7.682   1.00 14.77 ? 128 TYR A CD1 1 
ATOM   998  C CD2 . TYR A 1 128 ? 11.097  0.310   5.485   1.00 15.78 ? 128 TYR A CD2 1 
ATOM   999  C CE1 . TYR A 1 128 ? 11.699  -0.860  7.940   1.00 15.41 ? 128 TYR A CE1 1 
ATOM   1000 C CE2 . TYR A 1 128 ? 12.353  -0.134  5.711   1.00 17.65 ? 128 TYR A CE2 1 
ATOM   1001 C CZ  . TYR A 1 128 ? 12.668  -0.725  6.937   1.00 19.13 ? 128 TYR A CZ  1 
ATOM   1002 O OH  . TYR A 1 128 ? 13.950  -1.174  7.143   1.00 18.35 ? 128 TYR A OH  1 
ATOM   1003 N N   . TRP A 1 129 ? 6.007   1.975   7.406   1.00 18.31 ? 129 TRP A N   1 
ATOM   1004 C CA  . TRP A 1 129 ? 4.794   2.715   7.130   1.00 18.05 ? 129 TRP A CA  1 
ATOM   1005 C C   . TRP A 1 129 ? 5.041   4.193   7.126   1.00 17.41 ? 129 TRP A C   1 
ATOM   1006 O O   . TRP A 1 129 ? 5.700   4.724   8.017   1.00 17.59 ? 129 TRP A O   1 
ATOM   1007 C CB  . TRP A 1 129 ? 3.706   2.481   8.191   1.00 18.14 ? 129 TRP A CB  1 
ATOM   1008 C CG  . TRP A 1 129 ? 3.346   1.107   8.475   1.00 16.27 ? 129 TRP A CG  1 
ATOM   1009 C CD1 . TRP A 1 129 ? 4.057   0.218   9.222   1.00 18.14 ? 129 TRP A CD1 1 
ATOM   1010 C CD2 . TRP A 1 129 ? 2.135   0.441   8.087   1.00 15.86 ? 129 TRP A CD2 1 
ATOM   1011 N NE1 . TRP A 1 129 ? 3.365   -0.980  9.317   1.00 17.75 ? 129 TRP A NE1 1 
ATOM   1012 C CE2 . TRP A 1 129 ? 2.189   -0.872  8.625   1.00 15.22 ? 129 TRP A CE2 1 
ATOM   1013 C CE3 . TRP A 1 129 ? 1.005   0.829   7.342   1.00 16.66 ? 129 TRP A CE3 1 
ATOM   1014 C CZ2 . TRP A 1 129 ? 1.159   -1.798  8.453   1.00 18.94 ? 129 TRP A CZ2 1 
ATOM   1015 C CZ3 . TRP A 1 129 ? -0.030  -0.097  7.159   1.00 18.13 ? 129 TRP A CZ3 1 
ATOM   1016 C CH2 . TRP A 1 129 ? 0.064   -1.407  7.715   1.00 18.58 ? 129 TRP A CH2 1 
ATOM   1017 N N   . SER A 1 130 ? 4.507   4.845   6.109   1.00 16.98 ? 130 SER A N   1 
ATOM   1018 C CA  . SER A 1 130 ? 4.030   6.203   6.265   1.00 16.95 ? 130 SER A CA  1 
ATOM   1019 C C   . SER A 1 130 ? 2.506   6.165   6.208   1.00 16.96 ? 130 SER A C   1 
ATOM   1020 O O   . SER A 1 130 ? 1.910   5.674   5.252   1.00 17.38 ? 130 SER A O   1 
ATOM   1021 C CB  . SER A 1 130 ? 4.552   7.081   5.144   1.00 16.80 ? 130 SER A CB  1 
ATOM   1022 O OG  . SER A 1 130 ? 5.947   7.241   5.257   1.00 18.18 ? 130 SER A OG  1 
ATOM   1023 N N   . VAL A 1 131 ? 1.876   6.727   7.220   1.00 17.05 ? 131 VAL A N   1 
ATOM   1024 C CA  . VAL A 1 131 ? 0.416   6.756   7.254   1.00 17.90 ? 131 VAL A CA  1 
ATOM   1025 C C   . VAL A 1 131 ? 0.015   8.199   7.384   1.00 17.92 ? 131 VAL A C   1 
ATOM   1026 O O   . VAL A 1 131 ? 0.444   8.885   8.318   1.00 19.07 ? 131 VAL A O   1 
ATOM   1027 C CB  . VAL A 1 131 ? -0.162  5.945   8.446   1.00 17.39 ? 131 VAL A CB  1 
ATOM   1028 C CG1 . VAL A 1 131 ? -1.691  5.959   8.418   1.00 17.80 ? 131 VAL A CG1 1 
ATOM   1029 C CG2 . VAL A 1 131 ? 0.373   4.511   8.450   1.00 18.42 ? 131 VAL A CG2 1 
ATOM   1030 N N   . ARG A 1 132 ? -0.766  8.677   6.431   1.00 17.50 ? 132 ARG A N   1 
ATOM   1031 C CA  . ARG A 1 132 ? -1.165  10.082  6.440   1.00 17.24 ? 132 ARG A CA  1 
ATOM   1032 C C   . ARG A 1 132 ? -1.906  10.339  7.735   1.00 17.40 ? 132 ARG A C   1 
ATOM   1033 O O   . ARG A 1 132 ? -2.583  9.435   8.257   1.00 16.49 ? 132 ARG A O   1 
ATOM   1034 C CB  . ARG A 1 132 ? -2.072  10.382  5.253   1.00 17.50 ? 132 ARG A CB  1 
ATOM   1035 C CG  . ARG A 1 132 ? -1.957  11.810  4.746   1.00 15.67 ? 132 ARG A CG  1 
ATOM   1036 C CD  . ARG A 1 132 ? -2.683  11.896  3.433   1.00 15.94 ? 132 ARG A CD  1 
ATOM   1037 N NE  . ARG A 1 132 ? -2.613  13.230  2.835   1.00 18.01 ? 132 ARG A NE  1 
ATOM   1038 C CZ  . ARG A 1 132 ? -3.382  14.255  3.214   1.00 20.77 ? 132 ARG A CZ  1 
ATOM   1039 N NH1 . ARG A 1 132 ? -4.276  14.127  4.197   1.00 20.48 ? 132 ARG A NH1 1 
ATOM   1040 N NH2 . ARG A 1 132 ? -3.273  15.422  2.592   1.00 20.98 ? 132 ARG A NH2 1 
ATOM   1041 N N   . GLN A 1 133 ? -1.725  11.530  8.286   1.00 17.69 ? 133 GLN A N   1 
ATOM   1042 C CA  . GLN A 1 133 ? -2.279  11.813  9.625   1.00 17.36 ? 133 GLN A CA  1 
ATOM   1043 C C   . GLN A 1 133 ? -3.792  11.929  9.559   1.00 17.64 ? 133 GLN A C   1 
ATOM   1044 O O   . GLN A 1 133 ? -4.501  11.503  10.474  1.00 17.60 ? 133 GLN A O   1 
ATOM   1045 C CB  . GLN A 1 133 ? -1.647  13.060  10.242  1.00 17.20 ? 133 GLN A CB  1 
ATOM   1046 C CG  . GLN A 1 133 ? -0.179  12.867  10.563  1.00 18.26 ? 133 GLN A CG  1 
ATOM   1047 C CD  . GLN A 1 133 ? 0.432   14.005  11.334  1.00 16.45 ? 133 GLN A CD  1 
ATOM   1048 O OE1 . GLN A 1 133 ? 1.338   13.779  12.158  1.00 19.64 ? 133 GLN A OE1 1 
ATOM   1049 N NE2 . GLN A 1 133 ? -0.065  15.233  11.110  1.00 13.79 ? 133 GLN A NE2 1 
ATOM   1050 N N   . SER A 1 134 ? -4.279  12.469  8.447   1.00 17.38 ? 134 SER A N   1 
ATOM   1051 C CA  . SER A 1 134 ? -5.692  12.447  8.127   1.00 17.59 ? 134 SER A CA  1 
ATOM   1052 C C   . SER A 1 134 ? -5.832  11.927  6.696   1.00 17.09 ? 134 SER A C   1 
ATOM   1053 O O   . SER A 1 134 ? -4.871  11.909  5.929   1.00 16.64 ? 134 SER A O   1 
ATOM   1054 C CB  . SER A 1 134 ? -6.329  13.842  8.266   1.00 17.24 ? 134 SER A CB  1 
ATOM   1055 O OG  . SER A 1 134 ? -5.638  14.774  7.452   1.00 20.70 ? 134 SER A OG  1 
ATOM   1056 N N   . LYS A 1 135 ? -7.036  11.520  6.338   1.00 16.83 ? 135 LYS A N   1 
ATOM   1057 C CA  . LYS A 1 135 ? -7.255  10.847  5.053   1.00 16.07 ? 135 LYS A CA  1 
ATOM   1058 C C   . LYS A 1 135 ? -7.063  11.836  3.957   1.00 17.02 ? 135 LYS A C   1 
ATOM   1059 O O   . LYS A 1 135 ? -7.590  12.929  4.009   1.00 17.42 ? 135 LYS A O   1 
ATOM   1060 C CB  . LYS A 1 135 ? -8.655  10.273  4.978   1.00 16.06 ? 135 LYS A CB  1 
ATOM   1061 C CG  . LYS A 1 135 ? -8.903  9.220   6.053   1.00 16.00 ? 135 LYS A CG  1 
ATOM   1062 C CD  . LYS A 1 135 ? -10.257 8.633   5.878   1.00 17.53 ? 135 LYS A CD  1 
ATOM   1063 C CE  . LYS A 1 135 ? -10.483 7.483   6.833   1.00 18.15 ? 135 LYS A CE  1 
ATOM   1064 N NZ  . LYS A 1 135 ? -11.784 6.856   6.493   1.00 19.79 ? 135 LYS A NZ  1 
ATOM   1065 N N   . ARG A 1 136 ? -6.265  11.454  2.978   1.00 17.97 ? 136 ARG A N   1 
ATOM   1066 C CA  . ARG A 1 136 ? -6.128  12.248  1.778   1.00 18.98 ? 136 ARG A CA  1 
ATOM   1067 C C   . ARG A 1 136 ? -7.462  12.263  1.033   1.00 19.52 ? 136 ARG A C   1 
ATOM   1068 O O   . ARG A 1 136 ? -8.125  11.222  0.909   1.00 20.56 ? 136 ARG A O   1 
ATOM   1069 C CB  . ARG A 1 136 ? -5.061  11.630  0.895   1.00 18.72 ? 136 ARG A CB  1 
ATOM   1070 C CG  . ARG A 1 136 ? -4.621  12.535  -0.205  1.00 17.55 ? 136 ARG A CG  1 
ATOM   1071 C CD  . ARG A 1 136 ? -3.366  11.960  -0.810  1.00 16.18 ? 136 ARG A CD  1 
ATOM   1072 N NE  . ARG A 1 136 ? -2.767  12.908  -1.721  1.00 15.76 ? 136 ARG A NE  1 
ATOM   1073 C CZ  . ARG A 1 136 ? -1.604  12.701  -2.326  1.00 15.64 ? 136 ARG A CZ  1 
ATOM   1074 N NH1 . ARG A 1 136 ? -0.951  11.550  -2.147  1.00 17.05 ? 136 ARG A NH1 1 
ATOM   1075 N NH2 . ARG A 1 136 ? -1.116  13.631  -3.133  1.00 16.67 ? 136 ARG A NH2 1 
ATOM   1076 N N   . PRO A 1 137 ? -7.887  13.456  0.548   1.00 20.25 ? 137 PRO A N   1 
ATOM   1077 C CA  . PRO A 1 137 ? -9.040  13.477  -0.341  1.00 19.50 ? 137 PRO A CA  1 
ATOM   1078 C C   . PRO A 1 137 ? -8.807  12.506  -1.498  1.00 19.86 ? 137 PRO A C   1 
ATOM   1079 O O   . PRO A 1 137 ? -7.666  12.328  -1.935  1.00 18.30 ? 137 PRO A O   1 
ATOM   1080 C CB  . PRO A 1 137 ? -9.042  14.915  -0.848  1.00 19.88 ? 137 PRO A CB  1 
ATOM   1081 C CG  . PRO A 1 137 ? -8.459  15.703  0.344   1.00 21.85 ? 137 PRO A CG  1 
ATOM   1082 C CD  . PRO A 1 137 ? -7.357  14.805  0.819   1.00 20.13 ? 137 PRO A CD  1 
ATOM   1083 N N   . THR A 1 138 ? -9.875  11.875  -1.975  1.00 20.04 ? 138 THR A N   1 
ATOM   1084 C CA  . THR A 1 138 ? -9.785  10.992  -3.141  1.00 20.95 ? 138 THR A CA  1 
ATOM   1085 C C   . THR A 1 138 ? -10.720 11.471  -4.265  1.00 21.89 ? 138 THR A C   1 
ATOM   1086 O O   . THR A 1 138 ? -11.687 12.199  -4.018  1.00 22.07 ? 138 THR A O   1 
ATOM   1087 C CB  . THR A 1 138 ? -10.168 9.541   -2.784  1.00 20.86 ? 138 THR A CB  1 
ATOM   1088 O OG1 . THR A 1 138 ? -11.532 9.522   -2.346  1.00 21.66 ? 138 THR A OG1 1 
ATOM   1089 C CG2 . THR A 1 138 ? -9.276  9.013   -1.660  1.00 20.12 ? 138 THR A CG2 1 
ATOM   1090 N N   . GLY A 1 139 ? -10.425 11.039  -5.488  1.00 22.47 ? 139 GLY A N   1 
ATOM   1091 C CA  . GLY A 1 139 ? -11.257 11.372  -6.639  1.00 23.14 ? 139 GLY A CA  1 
ATOM   1092 C C   . GLY A 1 139 ? -10.586 12.363  -7.560  1.00 23.01 ? 139 GLY A C   1 
ATOM   1093 O O   . GLY A 1 139 ? -11.113 12.659  -8.609  1.00 23.59 ? 139 GLY A O   1 
ATOM   1094 N N   . SER A 1 140 ? -9.444  12.904  -7.150  1.00 23.34 ? 140 SER A N   1 
ATOM   1095 C CA  . SER A 1 140 ? -8.614  13.721  -8.031  1.00 23.37 ? 140 SER A CA  1 
ATOM   1096 C C   . SER A 1 140 ? -7.235  13.087  -8.126  1.00 22.87 ? 140 SER A C   1 
ATOM   1097 O O   . SER A 1 140 ? -6.874  12.225  -7.325  1.00 22.52 ? 140 SER A O   1 
ATOM   1098 C CB  . SER A 1 140 ? -8.496  15.155  -7.520  1.00 24.08 ? 140 SER A CB  1 
ATOM   1099 O OG  . SER A 1 140 ? -9.757  15.801  -7.558  1.00 26.26 ? 140 SER A OG  1 
ATOM   1100 N N   . ASN A 1 141 ? -6.453  13.517  -9.104  1.00 22.14 ? 141 ASN A N   1 
ATOM   1101 C CA  . ASN A 1 141 ? -5.108  12.985  -9.223  1.00 21.78 ? 141 ASN A CA  1 
ATOM   1102 C C   . ASN A 1 141 ? -4.327  13.294  -7.974  1.00 21.72 ? 141 ASN A C   1 
ATOM   1103 O O   . ASN A 1 141 ? -4.402  14.392  -7.447  1.00 21.74 ? 141 ASN A O   1 
ATOM   1104 C CB  . ASN A 1 141 ? -4.397  13.531  -10.446 1.00 22.09 ? 141 ASN A CB  1 
ATOM   1105 C CG  . ASN A 1 141 ? -5.017  13.037  -11.722 1.00 21.31 ? 141 ASN A CG  1 
ATOM   1106 O OD1 . ASN A 1 141 ? -6.005  12.308  -11.700 1.00 23.17 ? 141 ASN A OD1 1 
ATOM   1107 N ND2 . ASN A 1 141 ? -4.443  13.422  -12.841 1.00 23.94 ? 141 ASN A ND2 1 
ATOM   1108 N N   . ALA A 1 142 ? -3.608  12.296  -7.503  1.00 21.37 ? 142 ALA A N   1 
ATOM   1109 C CA  . ALA A 1 142 ? -2.771  12.438  -6.330  1.00 20.79 ? 142 ALA A CA  1 
ATOM   1110 C C   . ALA A 1 142 ? -1.408  11.826  -6.657  1.00 21.49 ? 142 ALA A C   1 
ATOM   1111 O O   . ALA A 1 142 ? -1.298  10.853  -7.397  1.00 21.24 ? 142 ALA A O   1 
ATOM   1112 C CB  . ALA A 1 142 ? -3.407  11.735  -5.184  1.00 20.34 ? 142 ALA A CB  1 
ATOM   1113 N N   . THR A 1 143 ? -0.363  12.444  -6.127  1.00 20.55 ? 143 THR A N   1 
ATOM   1114 C CA  . THR A 1 143 ? 0.987   11.950  -6.291  1.00 21.15 ? 143 THR A CA  1 
ATOM   1115 C C   . THR A 1 143 ? 1.495   11.443  -4.934  1.00 19.43 ? 143 THR A C   1 
ATOM   1116 O O   . THR A 1 143 ? 1.200   12.015  -3.886  1.00 19.05 ? 143 THR A O   1 
ATOM   1117 C CB  . THR A 1 143 ? 1.893   13.080  -6.867  1.00 22.82 ? 143 THR A CB  1 
ATOM   1118 O OG1 . THR A 1 143 ? 3.265   12.668  -6.952  1.00 27.94 ? 143 THR A OG1 1 
ATOM   1119 C CG2 . THR A 1 143 ? 1.845   14.285  -5.983  1.00 24.52 ? 143 THR A CG2 1 
ATOM   1120 N N   . ILE A 1 144 ? 2.209   10.331  -4.983  1.00 18.53 ? 144 ILE A N   1 
ATOM   1121 C CA  . ILE A 1 144 ? 3.047   9.893   -3.891  1.00 18.51 ? 144 ILE A CA  1 
ATOM   1122 C C   . ILE A 1 144 ? 4.484   9.979   -4.394  1.00 18.34 ? 144 ILE A C   1 
ATOM   1123 O O   . ILE A 1 144 ? 4.932   9.196   -5.278  1.00 18.07 ? 144 ILE A O   1 
ATOM   1124 C CB  . ILE A 1 144 ? 2.696   8.494   -3.437  1.00 18.72 ? 144 ILE A CB  1 
ATOM   1125 C CG1 . ILE A 1 144 ? 1.276   8.508   -2.846  1.00 19.73 ? 144 ILE A CG1 1 
ATOM   1126 C CG2 . ILE A 1 144 ? 3.722   7.998   -2.406  1.00 18.81 ? 144 ILE A CG2 1 
ATOM   1127 C CD1 . ILE A 1 144 ? 0.768   7.147   -2.442  1.00 18.62 ? 144 ILE A CD1 1 
ATOM   1128 N N   . THR A 1 145 ? 5.180   10.969  -3.850  1.00 18.62 ? 145 THR A N   1 
ATOM   1129 C CA  . THR A 1 145 ? 6.582   11.161  -4.104  1.00 17.09 ? 145 THR A CA  1 
ATOM   1130 C C   . THR A 1 145 ? 7.306   10.224  -3.167  1.00 17.58 ? 145 THR A C   1 
ATOM   1131 O O   . THR A 1 145 ? 7.751   10.596  -2.073  1.00 16.62 ? 145 THR A O   1 
ATOM   1132 C CB  . THR A 1 145 ? 6.947   12.642  -3.903  1.00 18.92 ? 145 THR A CB  1 
ATOM   1133 O OG1 . THR A 1 145 ? 6.062   13.442  -4.710  1.00 17.90 ? 145 THR A OG1 1 
ATOM   1134 C CG2 . THR A 1 145 ? 8.398   12.899  -4.290  1.00 17.11 ? 145 THR A CG2 1 
ATOM   1135 N N   . PHE A 1 146 ? 7.374   8.976   -3.593  1.00 18.10 ? 146 PHE A N   1 
ATOM   1136 C CA  . PHE A 1 146 ? 7.910   7.922   -2.769  1.00 18.04 ? 146 PHE A CA  1 
ATOM   1137 C C   . PHE A 1 146 ? 9.308   8.210   -2.236  1.00 18.10 ? 146 PHE A C   1 
ATOM   1138 O O   . PHE A 1 146 ? 9.619   7.825   -1.109  1.00 18.34 ? 146 PHE A O   1 
ATOM   1139 C CB  . PHE A 1 146 ? 7.921   6.614   -3.524  1.00 17.71 ? 146 PHE A CB  1 
ATOM   1140 C CG  . PHE A 1 146 ? 8.269   5.444   -2.661  1.00 19.56 ? 146 PHE A CG  1 
ATOM   1141 C CD1 . PHE A 1 146 ? 7.626   5.255   -1.415  1.00 20.19 ? 146 PHE A CD1 1 
ATOM   1142 C CD2 . PHE A 1 146 ? 9.212   4.515   -3.084  1.00 17.54 ? 146 PHE A CD2 1 
ATOM   1143 C CE1 . PHE A 1 146 ? 7.946   4.171   -0.619  1.00 20.80 ? 146 PHE A CE1 1 
ATOM   1144 C CE2 . PHE A 1 146 ? 9.539   3.425   -2.293  1.00 19.27 ? 146 PHE A CE2 1 
ATOM   1145 C CZ  . PHE A 1 146 ? 8.905   3.253   -1.055  1.00 20.05 ? 146 PHE A CZ  1 
ATOM   1146 N N   . SER A 1 147 ? 10.141  8.887   -3.030  1.00 18.72 ? 147 SER A N   1 
ATOM   1147 C CA  . SER A 1 147 ? 11.472  9.256   -2.554  1.00 18.00 ? 147 SER A CA  1 
ATOM   1148 C C   . SER A 1 147 ? 11.422  10.005  -1.206  1.00 18.21 ? 147 SER A C   1 
ATOM   1149 O O   . SER A 1 147 ? 12.323  9.862   -0.403  1.00 18.15 ? 147 SER A O   1 
ATOM   1150 C CB  . SER A 1 147 ? 12.275  10.029  -3.618  1.00 18.36 ? 147 SER A CB  1 
ATOM   1151 O OG  . SER A 1 147 ? 11.617  11.252  -3.929  1.00 21.45 ? 147 SER A OG  1 
ATOM   1152 N N   . ASN A 1 148 ? 10.367  10.792  -0.963  1.00 17.93 ? 148 ASN A N   1 
ATOM   1153 C CA  . ASN A 1 148 ? 10.284  11.529  0.300   1.00 18.35 ? 148 ASN A CA  1 
ATOM   1154 C C   . ASN A 1 148 ? 10.179  10.602  1.492   1.00 18.71 ? 148 ASN A C   1 
ATOM   1155 O O   . ASN A 1 148 ? 10.792  10.821  2.537   1.00 17.93 ? 148 ASN A O   1 
ATOM   1156 C CB  . ASN A 1 148 ? 9.101   12.476  0.303   1.00 18.99 ? 148 ASN A CB  1 
ATOM   1157 C CG  . ASN A 1 148 ? 9.342   13.699  -0.549  1.00 19.64 ? 148 ASN A CG  1 
ATOM   1158 O OD1 . ASN A 1 148 ? 8.395   14.334  -1.012  1.00 24.48 ? 148 ASN A OD1 1 
ATOM   1159 N ND2 . ASN A 1 148 ? 10.610  14.042  -0.757  1.00 18.43 ? 148 ASN A ND2 1 
ATOM   1160 N N   . HIS A 1 149 ? 9.377   9.570   1.300   1.00 19.03 ? 149 HIS A N   1 
ATOM   1161 C CA  . HIS A 1 149 ? 9.154   8.521   2.285   1.00 18.78 ? 149 HIS A CA  1 
ATOM   1162 C C   . HIS A 1 149 ? 10.397  7.694   2.437   1.00 18.11 ? 149 HIS A C   1 
ATOM   1163 O O   . HIS A 1 149 ? 10.808  7.398   3.551   1.00 17.25 ? 149 HIS A O   1 
ATOM   1164 C CB  . HIS A 1 149 ? 7.981   7.680   1.828   1.00 19.39 ? 149 HIS A CB  1 
ATOM   1165 C CG  . HIS A 1 149 ? 6.719   8.464   1.785   1.00 20.19 ? 149 HIS A CG  1 
ATOM   1166 N ND1 . HIS A 1 149 ? 5.973   8.707   2.916   1.00 20.40 ? 149 HIS A ND1 1 
ATOM   1167 C CD2 . HIS A 1 149 ? 6.143   9.171   0.789   1.00 20.20 ? 149 HIS A CD2 1 
ATOM   1168 C CE1 . HIS A 1 149 ? 4.961   9.493   2.606   1.00 21.77 ? 149 HIS A CE1 1 
ATOM   1169 N NE2 . HIS A 1 149 ? 5.038   9.782   1.319   1.00 20.74 ? 149 HIS A NE2 1 
ATOM   1170 N N   . VAL A 1 150 ? 11.013  7.336   1.322   1.00 18.14 ? 150 VAL A N   1 
ATOM   1171 C CA  . VAL A 1 150 ? 12.266  6.576   1.367   1.00 18.77 ? 150 VAL A CA  1 
ATOM   1172 C C   . VAL A 1 150 ? 13.292  7.351   2.181   1.00 18.86 ? 150 VAL A C   1 
ATOM   1173 O O   . VAL A 1 150 ? 13.928  6.785   3.070   1.00 19.72 ? 150 VAL A O   1 
ATOM   1174 C CB  . VAL A 1 150 ? 12.812  6.258   -0.054  1.00 18.49 ? 150 VAL A CB  1 
ATOM   1175 C CG1 . VAL A 1 150 ? 14.199  5.627   -0.001  1.00 18.90 ? 150 VAL A CG1 1 
ATOM   1176 C CG2 . VAL A 1 150 ? 11.871  5.358   -0.786  1.00 18.98 ? 150 VAL A CG2 1 
ATOM   1177 N N   . ASN A 1 151 ? 13.425  8.653   1.916   1.00 19.79 ? 151 ASN A N   1 
ATOM   1178 C CA  . ASN A 1 151 ? 14.426  9.473   2.615   1.00 20.86 ? 151 ASN A CA  1 
ATOM   1179 C C   . ASN A 1 151 ? 14.111  9.599   4.092   1.00 20.47 ? 151 ASN A C   1 
ATOM   1180 O O   . ASN A 1 151 ? 15.001  9.477   4.949   1.00 20.36 ? 151 ASN A O   1 
ATOM   1181 C CB  . ASN A 1 151 ? 14.567  10.840  1.953   1.00 21.49 ? 151 ASN A CB  1 
ATOM   1182 C CG  . ASN A 1 151 ? 15.261  10.735  0.603   1.00 23.19 ? 151 ASN A CG  1 
ATOM   1183 O OD1 . ASN A 1 151 ? 15.948  9.745   0.338   1.00 26.69 ? 151 ASN A OD1 1 
ATOM   1184 N ND2 . ASN A 1 151 ? 15.080  11.735  -0.253  1.00 27.52 ? 151 ASN A ND2 1 
ATOM   1185 N N   . ALA A 1 152 ? 12.837  9.832   4.394   1.00 20.13 ? 152 ALA A N   1 
ATOM   1186 C CA  . ALA A 1 152 ? 12.425  9.923   5.781   1.00 19.78 ? 152 ALA A CA  1 
ATOM   1187 C C   . ALA A 1 152 ? 12.618  8.605   6.529   1.00 19.32 ? 152 ALA A C   1 
ATOM   1188 O O   . ALA A 1 152 ? 13.136  8.596   7.631   1.00 20.16 ? 152 ALA A O   1 
ATOM   1189 C CB  . ALA A 1 152 ? 11.023  10.429  5.900   1.00 20.43 ? 152 ALA A CB  1 
ATOM   1190 N N   . TRP A 1 153 ? 12.220  7.508   5.912   1.00 19.42 ? 153 TRP A N   1 
ATOM   1191 C CA  . TRP A 1 153 ? 12.421  6.198   6.501   1.00 18.99 ? 153 TRP A CA  1 
ATOM   1192 C C   . TRP A 1 153 ? 13.890  5.949   6.749   1.00 19.43 ? 153 TRP A C   1 
ATOM   1193 O O   . TRP A 1 153 ? 14.262  5.565   7.856   1.00 19.51 ? 153 TRP A O   1 
ATOM   1194 C CB  . TRP A 1 153 ? 11.853  5.120   5.609   1.00 18.48 ? 153 TRP A CB  1 
ATOM   1195 C CG  . TRP A 1 153 ? 10.416  5.180   5.462   1.00 18.69 ? 153 TRP A CG  1 
ATOM   1196 C CD1 . TRP A 1 153 ? 9.521   5.976   6.159   1.00 16.92 ? 153 TRP A CD1 1 
ATOM   1197 C CD2 . TRP A 1 153 ? 9.658   4.411   4.557   1.00 17.21 ? 153 TRP A CD2 1 
ATOM   1198 N NE1 . TRP A 1 153 ? 8.246   5.715   5.731   1.00 18.98 ? 153 TRP A NE1 1 
ATOM   1199 C CE2 . TRP A 1 153 ? 8.298   4.764   4.742   1.00 18.40 ? 153 TRP A CE2 1 
ATOM   1200 C CE3 . TRP A 1 153 ? 9.991   3.444   3.593   1.00 17.12 ? 153 TRP A CE3 1 
ATOM   1201 C CZ2 . TRP A 1 153 ? 7.269   4.190   3.991   1.00 16.80 ? 153 TRP A CZ2 1 
ATOM   1202 C CZ3 . TRP A 1 153 ? 8.967   2.871   2.844   1.00 17.79 ? 153 TRP A CZ3 1 
ATOM   1203 C CH2 . TRP A 1 153 ? 7.614   3.249   3.053   1.00 17.67 ? 153 TRP A CH2 1 
ATOM   1204 N N   . LYS A 1 154 ? 14.730  6.190   5.737   1.00 19.70 ? 154 LYS A N   1 
ATOM   1205 C CA  . LYS A 1 154 ? 16.187  6.075   5.915   1.00 21.30 ? 154 LYS A CA  1 
ATOM   1206 C C   . LYS A 1 154 ? 16.678  6.828   7.166   1.00 20.27 ? 154 LYS A C   1 
ATOM   1207 O O   . LYS A 1 154 ? 17.467  6.301   7.931   1.00 19.78 ? 154 LYS A O   1 
ATOM   1208 C CB  . LYS A 1 154 ? 16.948  6.534   4.660   1.00 21.98 ? 154 LYS A CB  1 
ATOM   1209 C CG  . LYS A 1 154 ? 18.446  6.265   4.748   1.00 24.25 ? 154 LYS A CG  1 
ATOM   1210 C CD  . LYS A 1 154 ? 19.199  6.539   3.425   1.00 24.94 ? 154 LYS A CD  1 
ATOM   1211 C CE  . LYS A 1 154 ? 20.698  6.875   3.703   1.00 29.53 ? 154 LYS A CE  1 
ATOM   1212 N NZ  . LYS A 1 154 ? 21.467  7.010   2.415   1.00 30.68 ? 154 LYS A NZ  1 
ATOM   1213 N N   . SER A 1 155 ? 16.202  8.058   7.340   1.00 20.24 ? 155 SER A N   1 
ATOM   1214 C CA  . SER A 1 155 ? 16.563  8.908   8.475   1.00 20.04 ? 155 SER A CA  1 
ATOM   1215 C C   . SER A 1 155 ? 16.186  8.287   9.822   1.00 20.46 ? 155 SER A C   1 
ATOM   1216 O O   . SER A 1 155 ? 16.735  8.671   10.870  1.00 19.72 ? 155 SER A O   1 
ATOM   1217 C CB  . SER A 1 155 ? 15.943  10.299  8.334   1.00 20.36 ? 155 SER A CB  1 
ATOM   1218 O OG  . SER A 1 155 ? 14.660  10.357  8.907   1.00 21.55 ? 155 SER A OG  1 
ATOM   1219 N N   . HIS A 1 156 ? 15.248  7.345   9.794   1.00 19.05 ? 156 HIS A N   1 
ATOM   1220 C CA  . HIS A 1 156 ? 14.849  6.641   10.995  1.00 19.40 ? 156 HIS A CA  1 
ATOM   1221 C C   . HIS A 1 156 ? 15.292  5.195   10.984  1.00 19.51 ? 156 HIS A C   1 
ATOM   1222 O O   . HIS A 1 156 ? 14.683  4.359   11.634  1.00 19.30 ? 156 HIS A O   1 
ATOM   1223 C CB  . HIS A 1 156 ? 13.334  6.749   11.181  1.00 19.52 ? 156 HIS A CB  1 
ATOM   1224 C CG  . HIS A 1 156 ? 12.881  8.146   11.385  1.00 18.26 ? 156 HIS A CG  1 
ATOM   1225 N ND1 . HIS A 1 156 ? 13.262  8.883   12.483  1.00 21.03 ? 156 HIS A ND1 1 
ATOM   1226 C CD2 . HIS A 1 156 ? 12.151  8.974   10.607  1.00 19.33 ? 156 HIS A CD2 1 
ATOM   1227 C CE1 . HIS A 1 156 ? 12.743  10.094  12.398  1.00 21.77 ? 156 HIS A CE1 1 
ATOM   1228 N NE2 . HIS A 1 156 ? 12.062  10.172  11.269  1.00 19.68 ? 156 HIS A NE2 1 
ATOM   1229 N N   . GLY A 1 157 ? 16.363  4.900   10.242  1.00 19.35 ? 157 GLY A N   1 
ATOM   1230 C CA  . GLY A 1 157 ? 16.938  3.568   10.256  1.00 19.87 ? 157 GLY A CA  1 
ATOM   1231 C C   . GLY A 1 157 ? 16.080  2.522   9.565   1.00 20.33 ? 157 GLY A C   1 
ATOM   1232 O O   . GLY A 1 157 ? 16.311  1.317   9.738   1.00 21.73 ? 157 GLY A O   1 
ATOM   1233 N N   . MET A 1 158 ? 15.104  2.975   8.786   1.00 20.13 ? 158 MET A N   1 
ATOM   1234 C CA  . MET A 1 158 ? 14.221  2.110   8.042   1.00 19.73 ? 158 MET A CA  1 
ATOM   1235 C C   . MET A 1 158 ? 14.740  2.069   6.632   1.00 20.23 ? 158 MET A C   1 
ATOM   1236 O O   . MET A 1 158 ? 14.314  2.853   5.780   1.00 19.80 ? 158 MET A O   1 
ATOM   1237 C CB  . MET A 1 158 ? 12.779  2.642   8.061   1.00 19.22 ? 158 MET A CB  1 
ATOM   1238 C CG  . MET A 1 158 ? 12.119  2.607   9.439   1.00 17.94 ? 158 MET A CG  1 
ATOM   1239 S SD  . MET A 1 158 ? 10.857  3.875   9.561   1.00 19.58 ? 158 MET A SD  1 
ATOM   1240 C CE  . MET A 1 158 ? 9.590   3.251   8.457   1.00 18.84 ? 158 MET A CE  1 
ATOM   1241 N N   . ASN A 1 159 ? 15.687  1.157   6.405   1.00 20.36 ? 159 ASN A N   1 
ATOM   1242 C CA  . ASN A 1 159 ? 16.355  1.024   5.127   1.00 21.33 ? 159 ASN A CA  1 
ATOM   1243 C C   . ASN A 1 159 ? 15.682  -0.059  4.373   1.00 21.22 ? 159 ASN A C   1 
ATOM   1244 O O   . ASN A 1 159 ? 15.447  -1.140  4.917   1.00 21.26 ? 159 ASN A O   1 
ATOM   1245 C CB  . ASN A 1 159 ? 17.817  0.654   5.340   1.00 22.58 ? 159 ASN A CB  1 
ATOM   1246 C CG  . ASN A 1 159 ? 18.516  1.636   6.229   1.00 24.69 ? 159 ASN A CG  1 
ATOM   1247 O OD1 . ASN A 1 159 ? 18.814  1.335   7.391   1.00 28.18 ? 159 ASN A OD1 1 
ATOM   1248 N ND2 . ASN A 1 159 ? 18.713  2.864   5.719   1.00 25.81 ? 159 ASN A ND2 1 
ATOM   1249 N N   . LEU A 1 160 ? 15.379  0.235   3.120   1.00 20.75 ? 160 LEU A N   1 
ATOM   1250 C CA  . LEU A 1 160 ? 14.755  -0.746  2.251   1.00 20.87 ? 160 LEU A CA  1 
ATOM   1251 C C   . LEU A 1 160 ? 15.803  -1.686  1.695   1.00 21.33 ? 160 LEU A C   1 
ATOM   1252 O O   . LEU A 1 160 ? 17.020  -1.369  1.697   1.00 22.13 ? 160 LEU A O   1 
ATOM   1253 C CB  . LEU A 1 160 ? 14.011  -0.045  1.142   1.00 20.24 ? 160 LEU A CB  1 
ATOM   1254 C CG  . LEU A 1 160 ? 12.784  0.664   1.706   1.00 20.15 ? 160 LEU A CG  1 
ATOM   1255 C CD1 . LEU A 1 160 ? 12.344  1.735   0.729   1.00 19.13 ? 160 LEU A CD1 1 
ATOM   1256 C CD2 . LEU A 1 160 ? 11.638  -0.345  2.014   1.00 16.19 ? 160 LEU A CD2 1 
ATOM   1257 N N   . GLY A 1 161 ? 15.326  -2.842  1.260   1.00 21.35 ? 161 GLY A N   1 
ATOM   1258 C CA  . GLY A 1 161 ? 16.160  -3.865  0.707   1.00 22.34 ? 161 GLY A CA  1 
ATOM   1259 C C   . GLY A 1 161 ? 16.746  -3.396  -0.602  1.00 22.74 ? 161 GLY A C   1 
ATOM   1260 O O   . GLY A 1 161 ? 16.233  -2.475  -1.233  1.00 22.94 ? 161 GLY A O   1 
ATOM   1261 N N   . SER A 1 162 ? 17.816  -4.059  -1.008  1.00 24.09 ? 162 SER A N   1 
ATOM   1262 C CA  . SER A 1 162 ? 18.510  -3.763  -2.236  1.00 24.86 ? 162 SER A CA  1 
ATOM   1263 C C   . SER A 1 162 ? 17.858  -4.496  -3.412  1.00 25.20 ? 162 SER A C   1 
ATOM   1264 O O   . SER A 1 162 ? 18.171  -4.244  -4.580  1.00 26.01 ? 162 SER A O   1 
ATOM   1265 C CB  . SER A 1 162 ? 19.945  -4.230  -2.098  1.00 25.21 ? 162 SER A CB  1 
ATOM   1266 O OG  . SER A 1 162 ? 19.959  -5.590  -1.709  1.00 27.33 ? 162 SER A OG  1 
ATOM   1267 N N   . ASN A 1 163 ? 16.956  -5.415  -3.103  1.00 25.03 ? 163 ASN A N   1 
ATOM   1268 C CA  . ASN A 1 163 ? 16.258  -6.163  -4.128  1.00 25.54 ? 163 ASN A CA  1 
ATOM   1269 C C   . ASN A 1 163 ? 14.802  -5.716  -4.118  1.00 24.63 ? 163 ASN A C   1 
ATOM   1270 O O   . ASN A 1 163 ? 14.059  -6.010  -3.205  1.00 24.90 ? 163 ASN A O   1 
ATOM   1271 C CB  . ASN A 1 163 ? 16.416  -7.678  -3.887  1.00 26.47 ? 163 ASN A CB  1 
ATOM   1272 C CG  . ASN A 1 163 ? 15.359  -8.534  -4.626  1.00 30.07 ? 163 ASN A CG  1 
ATOM   1273 O OD1 . ASN A 1 163 ? 15.700  -9.533  -5.250  1.00 29.72 ? 163 ASN A OD1 1 
ATOM   1274 N ND2 . ASN A 1 163 ? 14.069  -8.175  -4.489  1.00 33.37 ? 163 ASN A ND2 1 
ATOM   1275 N N   . TRP A 1 164 ? 14.408  -4.964  -5.121  1.00 23.38 ? 164 TRP A N   1 
ATOM   1276 C CA  . TRP A 1 164 ? 13.061  -4.421  -5.137  1.00 23.28 ? 164 TRP A CA  1 
ATOM   1277 C C   . TRP A 1 164 ? 12.077  -5.364  -5.773  1.00 22.41 ? 164 TRP A C   1 
ATOM   1278 O O   . TRP A 1 164 ? 12.275  -5.771  -6.926  1.00 22.14 ? 164 TRP A O   1 
ATOM   1279 C CB  . TRP A 1 164 ? 13.080  -3.087  -5.877  1.00 23.82 ? 164 TRP A CB  1 
ATOM   1280 C CG  . TRP A 1 164 ? 13.724  -2.077  -5.050  1.00 23.87 ? 164 TRP A CG  1 
ATOM   1281 C CD1 . TRP A 1 164 ? 15.065  -1.948  -4.819  1.00 25.75 ? 164 TRP A CD1 1 
ATOM   1282 C CD2 . TRP A 1 164 ? 13.082  -1.053  -4.296  1.00 24.02 ? 164 TRP A CD2 1 
ATOM   1283 N NE1 . TRP A 1 164 ? 15.296  -0.898  -3.974  1.00 26.80 ? 164 TRP A NE1 1 
ATOM   1284 C CE2 . TRP A 1 164 ? 14.097  -0.324  -3.638  1.00 25.26 ? 164 TRP A CE2 1 
ATOM   1285 C CE3 . TRP A 1 164 ? 11.750  -0.667  -4.119  1.00 23.98 ? 164 TRP A CE3 1 
ATOM   1286 C CZ2 . TRP A 1 164 ? 13.820  0.766   -2.813  1.00 22.89 ? 164 TRP A CZ2 1 
ATOM   1287 C CZ3 . TRP A 1 164 ? 11.476  0.424   -3.316  1.00 24.49 ? 164 TRP A CZ3 1 
ATOM   1288 C CH2 . TRP A 1 164 ? 12.508  1.126   -2.669  1.00 23.96 ? 164 TRP A CH2 1 
ATOM   1289 N N   . ALA A 1 165 ? 11.036  -5.741  -5.022  1.00 21.34 ? 165 ALA A N   1 
ATOM   1290 C CA  . ALA A 1 165 ? 9.909   -6.471  -5.603  1.00 20.46 ? 165 ALA A CA  1 
ATOM   1291 C C   . ALA A 1 165 ? 8.870   -5.457  -6.115  1.00 20.46 ? 165 ALA A C   1 
ATOM   1292 O O   . ALA A 1 165 ? 9.207   -4.306  -6.413  1.00 20.65 ? 165 ALA A O   1 
ATOM   1293 C CB  . ALA A 1 165 ? 9.275   -7.451  -4.584  1.00 21.63 ? 165 ALA A CB  1 
ATOM   1294 N N   . TYR A 1 166 ? 7.615   -5.877  -6.225  1.00 19.75 ? 166 TYR A N   1 
ATOM   1295 C CA  . TYR A 1 166 ? 6.622   -5.019  -6.851  1.00 19.24 ? 166 TYR A CA  1 
ATOM   1296 C C   . TYR A 1 166 ? 6.290   -3.817  -5.987  1.00 18.85 ? 166 TYR A C   1 
ATOM   1297 O O   . TYR A 1 166 ? 6.597   -3.771  -4.812  1.00 18.37 ? 166 TYR A O   1 
ATOM   1298 C CB  . TYR A 1 166 ? 5.355   -5.803  -7.202  1.00 19.77 ? 166 TYR A CB  1 
ATOM   1299 C CG  . TYR A 1 166 ? 4.652   -6.393  -6.006  1.00 20.67 ? 166 TYR A CG  1 
ATOM   1300 C CD1 . TYR A 1 166 ? 3.926   -5.586  -5.136  1.00 20.48 ? 166 TYR A CD1 1 
ATOM   1301 C CD2 . TYR A 1 166 ? 4.686   -7.760  -5.763  1.00 22.31 ? 166 TYR A CD2 1 
ATOM   1302 C CE1 . TYR A 1 166 ? 3.254   -6.137  -4.044  1.00 21.23 ? 166 TYR A CE1 1 
ATOM   1303 C CE2 . TYR A 1 166 ? 4.045   -8.308  -4.690  1.00 20.99 ? 166 TYR A CE2 1 
ATOM   1304 C CZ  . TYR A 1 166 ? 3.326   -7.498  -3.821  1.00 20.14 ? 166 TYR A CZ  1 
ATOM   1305 O OH  . TYR A 1 166 ? 2.691   -8.082  -2.737  1.00 20.44 ? 166 TYR A OH  1 
ATOM   1306 N N   . GLN A 1 167 ? 5.643   -2.848  -6.600  1.00 18.60 ? 167 GLN A N   1 
ATOM   1307 C CA  . GLN A 1 167 ? 5.361   -1.589  -5.966  1.00 18.59 ? 167 GLN A CA  1 
ATOM   1308 C C   . GLN A 1 167 ? 4.072   -1.150  -6.598  1.00 18.58 ? 167 GLN A C   1 
ATOM   1309 O O   . GLN A 1 167 ? 4.011   -0.860  -7.790  1.00 17.62 ? 167 GLN A O   1 
ATOM   1310 C CB  . GLN A 1 167 ? 6.460   -0.605  -6.312  1.00 19.09 ? 167 GLN A CB  1 
ATOM   1311 C CG  . GLN A 1 167 ? 6.295   0.769   -5.725  1.00 18.29 ? 167 GLN A CG  1 
ATOM   1312 C CD  . GLN A 1 167 ? 7.536   1.582   -5.995  1.00 19.74 ? 167 GLN A CD  1 
ATOM   1313 O OE1 . GLN A 1 167 ? 7.888   1.839   -7.152  1.00 20.23 ? 167 GLN A OE1 1 
ATOM   1314 N NE2 . GLN A 1 167 ? 8.225   1.954   -4.953  1.00 18.78 ? 167 GLN A NE2 1 
ATOM   1315 N N   . VAL A 1 168 ? 3.012   -1.127  -5.796  1.00 19.28 ? 168 VAL A N   1 
ATOM   1316 C CA  . VAL A 1 168 ? 1.673   -0.950  -6.354  1.00 18.76 ? 168 VAL A CA  1 
ATOM   1317 C C   . VAL A 1 168 ? 0.906   0.100   -5.555  1.00 18.36 ? 168 VAL A C   1 
ATOM   1318 O O   . VAL A 1 168 ? 1.235   0.345   -4.397  1.00 16.88 ? 168 VAL A O   1 
ATOM   1319 C CB  . VAL A 1 168 ? 0.872   -2.294  -6.430  1.00 19.94 ? 168 VAL A CB  1 
ATOM   1320 C CG1 . VAL A 1 168 ? 1.536   -3.277  -7.410  1.00 20.51 ? 168 VAL A CG1 1 
ATOM   1321 C CG2 . VAL A 1 168 ? 0.717   -2.977  -5.052  1.00 20.11 ? 168 VAL A CG2 1 
ATOM   1322 N N   . MET A 1 169 ? -0.067  0.744   -6.197  1.00 18.21 ? 169 MET A N   1 
ATOM   1323 C CA  . MET A 1 169 ? -1.051  1.514   -5.456  1.00 18.03 ? 169 MET A CA  1 
ATOM   1324 C C   . MET A 1 169 ? -2.243  0.608   -5.150  1.00 18.66 ? 169 MET A C   1 
ATOM   1325 O O   . MET A 1 169 ? -3.019  0.224   -6.035  1.00 19.23 ? 169 MET A O   1 
ATOM   1326 C CB  . MET A 1 169 ? -1.472  2.786   -6.190  1.00 17.97 ? 169 MET A CB  1 
ATOM   1327 C CG  . MET A 1 169 ? -2.305  3.680   -5.315  1.00 17.45 ? 169 MET A CG  1 
ATOM   1328 S SD  . MET A 1 169 ? -1.235  4.373   -4.061  1.00 18.80 ? 169 MET A SD  1 
ATOM   1329 C CE  . MET A 1 169 ? -2.455  4.971   -2.910  1.00 17.06 ? 169 MET A CE  1 
ATOM   1330 N N   . ALA A 1 170 ? -2.377  0.275   -3.878  1.00 18.69 ? 170 ALA A N   1 
ATOM   1331 C CA  . ALA A 1 170 ? -3.193  -0.843  -3.475  1.00 17.86 ? 170 ALA A CA  1 
ATOM   1332 C C   . ALA A 1 170 ? -4.399  -0.469  -2.647  1.00 18.09 ? 170 ALA A C   1 
ATOM   1333 O O   . ALA A 1 170 ? -4.443  0.583   -2.003  1.00 16.74 ? 170 ALA A O   1 
ATOM   1334 C CB  . ALA A 1 170 ? -2.319  -1.860  -2.700  1.00 18.96 ? 170 ALA A CB  1 
ATOM   1335 N N   . THR A 1 171 ? -5.370  -1.369  -2.724  1.00 17.25 ? 171 THR A N   1 
ATOM   1336 C CA  . THR A 1 171 ? -6.481  -1.475  -1.802  1.00 17.78 ? 171 THR A CA  1 
ATOM   1337 C C   . THR A 1 171 ? -6.144  -2.708  -0.994  1.00 17.34 ? 171 THR A C   1 
ATOM   1338 O O   . THR A 1 171 ? -5.972  -3.814  -1.550  1.00 17.43 ? 171 THR A O   1 
ATOM   1339 C CB  . THR A 1 171 ? -7.816  -1.669  -2.590  1.00 17.12 ? 171 THR A CB  1 
ATOM   1340 O OG1 . THR A 1 171 ? -8.038  -0.525  -3.416  1.00 18.57 ? 171 THR A OG1 1 
ATOM   1341 C CG2 . THR A 1 171 ? -9.004  -1.822  -1.664  1.00 18.06 ? 171 THR A CG2 1 
ATOM   1342 N N   . GLU A 1 172 ? -6.021  -2.529  0.319   1.00 17.10 ? 172 GLU A N   1 
ATOM   1343 C CA  . GLU A 1 172 ? -5.868  -3.679  1.185   1.00 18.42 ? 172 GLU A CA  1 
ATOM   1344 C C   . GLU A 1 172 ? -7.057  -3.673  2.114   1.00 19.35 ? 172 GLU A C   1 
ATOM   1345 O O   . GLU A 1 172 ? -7.537  -2.603  2.527   1.00 20.41 ? 172 GLU A O   1 
ATOM   1346 C CB  . GLU A 1 172 ? -4.558  -3.613  1.967   1.00 19.01 ? 172 GLU A CB  1 
ATOM   1347 C CG  . GLU A 1 172 ? -4.476  -4.669  3.063   1.00 18.50 ? 172 GLU A CG  1 
ATOM   1348 C CD  . GLU A 1 172 ? -3.061  -4.886  3.560   1.00 21.19 ? 172 GLU A CD  1 
ATOM   1349 O OE1 . GLU A 1 172 ? -2.738  -6.011  4.003   1.00 23.69 ? 172 GLU A OE1 1 
ATOM   1350 O OE2 . GLU A 1 172 ? -2.256  -3.947  3.462   1.00 23.67 ? 172 GLU A OE2 1 
ATOM   1351 N N   . GLY A 1 173 ? -7.567  -4.852  2.433   1.00 19.44 ? 173 GLY A N   1 
ATOM   1352 C CA  . GLY A 1 173 ? -8.717  -4.910  3.323   1.00 20.37 ? 173 GLY A CA  1 
ATOM   1353 C C   . GLY A 1 173 ? -8.449  -5.922  4.398   1.00 20.98 ? 173 GLY A C   1 
ATOM   1354 O O   . GLY A 1 173 ? -7.712  -6.883  4.159   1.00 20.50 ? 173 GLY A O   1 
ATOM   1355 N N   . TYR A 1 174 ? -9.037  -5.682  5.577   1.00 20.98 ? 174 TYR A N   1 
ATOM   1356 C CA  . TYR A 1 174 ? -9.025  -6.645  6.677   1.00 22.12 ? 174 TYR A CA  1 
ATOM   1357 C C   . TYR A 1 174 ? -10.439 -6.768  7.200   1.00 22.20 ? 174 TYR A C   1 
ATOM   1358 O O   . TYR A 1 174 ? -11.022 -5.779  7.678   1.00 21.40 ? 174 TYR A O   1 
ATOM   1359 C CB  . TYR A 1 174 ? -8.159  -6.172  7.829   1.00 22.20 ? 174 TYR A CB  1 
ATOM   1360 C CG  . TYR A 1 174 ? -6.688  -6.324  7.600   1.00 23.97 ? 174 TYR A CG  1 
ATOM   1361 C CD1 . TYR A 1 174 ? -6.040  -7.526  7.914   1.00 25.84 ? 174 TYR A CD1 1 
ATOM   1362 C CD2 . TYR A 1 174 ? -5.937  -5.273  7.071   1.00 24.00 ? 174 TYR A CD2 1 
ATOM   1363 C CE1 . TYR A 1 174 ? -4.679  -7.667  7.707   1.00 26.48 ? 174 TYR A CE1 1 
ATOM   1364 C CE2 . TYR A 1 174 ? -4.571  -5.404  6.869   1.00 23.87 ? 174 TYR A CE2 1 
ATOM   1365 C CZ  . TYR A 1 174 ? -3.954  -6.607  7.183   1.00 25.45 ? 174 TYR A CZ  1 
ATOM   1366 O OH  . TYR A 1 174 ? -2.601  -6.771  6.964   1.00 26.82 ? 174 TYR A OH  1 
ATOM   1367 N N   . GLN A 1 175 ? -10.997 -7.969  7.098   1.00 23.08 ? 175 GLN A N   1 
ATOM   1368 C CA  . GLN A 1 175 ? -12.250 -8.277  7.799   1.00 23.66 ? 175 GLN A CA  1 
ATOM   1369 C C   . GLN A 1 175 ? -13.292 -7.238  7.425   1.00 22.48 ? 175 GLN A C   1 
ATOM   1370 O O   . GLN A 1 175 ? -13.914 -6.602  8.280   1.00 22.71 ? 175 GLN A O   1 
ATOM   1371 C CB  . GLN A 1 175 ? -12.041 -8.243  9.324   1.00 24.51 ? 175 GLN A CB  1 
ATOM   1372 C CG  . GLN A 1 175 ? -10.783 -8.934  9.871   1.00 29.15 ? 175 GLN A CG  1 
ATOM   1373 C CD  . GLN A 1 175 ? -10.610 -10.314 9.323   1.00 32.11 ? 175 GLN A CD  1 
ATOM   1374 O OE1 . GLN A 1 175 ? -9.514  -10.686 8.893   1.00 35.07 ? 175 GLN A OE1 1 
ATOM   1375 N NE2 . GLN A 1 175 ? -11.694 -11.081 9.297   1.00 34.13 ? 175 GLN A NE2 1 
ATOM   1376 N N   . SER A 1 176 ? -13.470 -7.031  6.136   1.00 21.44 ? 176 SER A N   1 
ATOM   1377 C CA  . SER A 1 176 ? -14.322 -5.939  5.734   1.00 20.37 ? 176 SER A CA  1 
ATOM   1378 C C   . SER A 1 176 ? -15.027 -6.173  4.429   1.00 19.43 ? 176 SER A C   1 
ATOM   1379 O O   . SER A 1 176 ? -14.945 -7.244  3.857   1.00 18.96 ? 176 SER A O   1 
ATOM   1380 C CB  . SER A 1 176 ? -13.542 -4.616  5.702   1.00 20.53 ? 176 SER A CB  1 
ATOM   1381 O OG  . SER A 1 176 ? -12.588 -4.583  4.656   1.00 21.21 ? 176 SER A OG  1 
ATOM   1382 N N   . SER A 1 177 ? -15.754 -5.137  4.024   1.00 19.07 ? 177 SER A N   1 
ATOM   1383 C CA  . SER A 1 177 ? -16.452 -5.054  2.774   1.00 20.15 ? 177 SER A CA  1 
ATOM   1384 C C   . SER A 1 177 ? -16.120 -3.683  2.186   1.00 19.58 ? 177 SER A C   1 
ATOM   1385 O O   . SER A 1 177 ? -15.627 -2.787  2.877   1.00 20.58 ? 177 SER A O   1 
ATOM   1386 C CB  . SER A 1 177 ? -17.960 -5.213  3.011   1.00 19.50 ? 177 SER A CB  1 
ATOM   1387 O OG  . SER A 1 177 ? -18.178 -6.479  3.602   1.00 22.55 ? 177 SER A OG  1 
ATOM   1388 N N   . GLY A 1 178 ? -16.330 -3.523  0.903   1.00 20.13 ? 178 GLY A N   1 
ATOM   1389 C CA  . GLY A 1 178 ? -16.148 -2.202  0.326   1.00 19.73 ? 178 GLY A CA  1 
ATOM   1390 C C   . GLY A 1 178 ? -16.004 -2.246  -1.178  1.00 19.38 ? 178 GLY A C   1 
ATOM   1391 O O   . GLY A 1 178 ? -16.097 -3.320  -1.816  1.00 18.11 ? 178 GLY A O   1 
ATOM   1392 N N   . SER A 1 179 ? -15.791 -1.056  -1.726  1.00 18.76 ? 179 SER A N   1 
ATOM   1393 C CA  . SER A 1 179 ? -15.528 -0.867  -3.145  1.00 19.82 ? 179 SER A CA  1 
ATOM   1394 C C   . SER A 1 179 ? -14.372 0.098   -3.292  1.00 18.87 ? 179 SER A C   1 
ATOM   1395 O O   . SER A 1 179 ? -14.219 1.020   -2.500  1.00 18.74 ? 179 SER A O   1 
ATOM   1396 C CB  . SER A 1 179 ? -16.744 -0.303  -3.858  1.00 18.06 ? 179 SER A CB  1 
ATOM   1397 O OG  . SER A 1 179 ? -17.762 -1.290  -3.920  1.00 23.24 ? 179 SER A OG  1 
ATOM   1398 N N   . SER A 1 180 ? -13.511 -0.166  -4.276  1.00 19.15 ? 180 SER A N   1 
ATOM   1399 C CA  . SER A 1 180 ? -12.514 0.804   -4.662  1.00 18.98 ? 180 SER A CA  1 
ATOM   1400 C C   . SER A 1 180 ? -12.436 0.774   -6.162  1.00 19.06 ? 180 SER A C   1 
ATOM   1401 O O   . SER A 1 180 ? -12.780 -0.219  -6.786  1.00 19.46 ? 180 SER A O   1 
ATOM   1402 C CB  . SER A 1 180 ? -11.129 0.550   -4.022  1.00 18.24 ? 180 SER A CB  1 
ATOM   1403 O OG  . SER A 1 180 ? -10.519 -0.654  -4.516  1.00 19.47 ? 180 SER A OG  1 
ATOM   1404 N N   . ASN A 1 181 ? -12.023 1.904   -6.709  1.00 19.42 ? 181 ASN A N   1 
ATOM   1405 C CA  . ASN A 1 181 ? -11.737 2.000   -8.109  1.00 19.90 ? 181 ASN A CA  1 
ATOM   1406 C C   . ASN A 1 181 ? -10.603 2.967   -8.204  1.00 20.19 ? 181 ASN A C   1 
ATOM   1407 O O   . ASN A 1 181 ? -10.752 4.171   -7.885  1.00 20.54 ? 181 ASN A O   1 
ATOM   1408 C CB  . ASN A 1 181 ? -12.954 2.445   -8.908  1.00 19.32 ? 181 ASN A CB  1 
ATOM   1409 C CG  . ASN A 1 181 ? -12.731 2.288   -10.396 1.00 19.83 ? 181 ASN A CG  1 
ATOM   1410 O OD1 . ASN A 1 181 ? -13.558 1.694   -11.122 1.00 21.57 ? 181 ASN A OD1 1 
ATOM   1411 N ND2 . ASN A 1 181 ? -11.600 2.774   -10.846 1.00 17.27 ? 181 ASN A ND2 1 
ATOM   1412 N N   . VAL A 1 182 ? -9.441  2.445   -8.611  1.00 18.53 ? 182 VAL A N   1 
ATOM   1413 C CA  . VAL A 1 182 ? -8.231  3.255   -8.554  1.00 18.48 ? 182 VAL A CA  1 
ATOM   1414 C C   . VAL A 1 182 ? -7.469  3.171   -9.854  1.00 18.56 ? 182 VAL A C   1 
ATOM   1415 O O   . VAL A 1 182 ? -7.289  2.093   -10.381 1.00 17.95 ? 182 VAL A O   1 
ATOM   1416 C CB  . VAL A 1 182 ? -7.315  2.821   -7.375  1.00 18.67 ? 182 VAL A CB  1 
ATOM   1417 C CG1 . VAL A 1 182 ? -6.076  3.709   -7.272  1.00 18.44 ? 182 VAL A CG1 1 
ATOM   1418 C CG2 . VAL A 1 182 ? -8.108  2.800   -6.053  1.00 18.28 ? 182 VAL A CG2 1 
ATOM   1419 N N   . THR A 1 183 ? -7.015  4.321   -10.341 1.00 18.84 ? 183 THR A N   1 
ATOM   1420 C CA  . THR A 1 183 ? -6.166  4.356   -11.529 1.00 19.35 ? 183 THR A CA  1 
ATOM   1421 C C   . THR A 1 183 ? -4.747  4.812   -11.157 1.00 19.15 ? 183 THR A C   1 
ATOM   1422 O O   . THR A 1 183 ? -4.588  5.828   -10.495 1.00 19.75 ? 183 THR A O   1 
ATOM   1423 C CB  . THR A 1 183 ? -6.781  5.273   -12.563 1.00 19.45 ? 183 THR A CB  1 
ATOM   1424 O OG1 . THR A 1 183 ? -8.153  4.868   -12.787 1.00 19.65 ? 183 THR A OG1 1 
ATOM   1425 C CG2 . THR A 1 183 ? -5.975  5.217   -13.862 1.00 19.45 ? 183 THR A CG2 1 
ATOM   1426 N N   . VAL A 1 184 ? -3.741  4.057   -11.620 1.00 19.59 ? 184 VAL A N   1 
ATOM   1427 C CA  . VAL A 1 184 ? -2.336  4.224   -11.216 1.00 18.99 ? 184 VAL A CA  1 
ATOM   1428 C C   . VAL A 1 184 ? -1.479  4.443   -12.449 1.00 19.21 ? 184 VAL A C   1 
ATOM   1429 O O   . VAL A 1 184 ? -1.661  3.776   -13.479 1.00 19.30 ? 184 VAL A O   1 
ATOM   1430 C CB  . VAL A 1 184 ? -1.773  2.943   -10.496 1.00 19.68 ? 184 VAL A CB  1 
ATOM   1431 C CG1 . VAL A 1 184 ? -0.470  3.259   -9.750  1.00 19.19 ? 184 VAL A CG1 1 
ATOM   1432 C CG2 . VAL A 1 184 ? -2.830  2.305   -9.563  1.00 20.44 ? 184 VAL A CG2 1 
ATOM   1433 N N   . TRP A 1 185 ? -0.562  5.397   -12.371 1.00 18.58 ? 185 TRP A N   1 
ATOM   1434 C CA  . TRP A 1 185 ? 0.408   5.566   -13.446 1.00 19.00 ? 185 TRP A CA  1 
ATOM   1435 C C   . TRP A 1 185 ? 1.660   6.267   -12.930 1.00 19.25 ? 185 TRP A C   1 
ATOM   1436 O O   . TRP A 1 185 ? 1.819   6.534   -11.732 1.00 19.41 ? 185 TRP A O   1 
ATOM   1437 C CB  . TRP A 1 185 ? -0.210  6.317   -14.619 1.00 18.92 ? 185 TRP A CB  1 
ATOM   1438 C CG  . TRP A 1 185 ? -0.592  7.735   -14.320 1.00 20.86 ? 185 TRP A CG  1 
ATOM   1439 C CD1 . TRP A 1 185 ? 0.158   8.846   -14.564 1.00 20.93 ? 185 TRP A CD1 1 
ATOM   1440 C CD2 . TRP A 1 185 ? -1.797  8.190   -13.702 1.00 20.60 ? 185 TRP A CD2 1 
ATOM   1441 N NE1 . TRP A 1 185 ? -0.506  9.965   -14.139 1.00 20.96 ? 185 TRP A NE1 1 
ATOM   1442 C CE2 . TRP A 1 185 ? -1.718  9.594   -13.622 1.00 20.78 ? 185 TRP A CE2 1 
ATOM   1443 C CE3 . TRP A 1 185 ? -2.944  7.550   -13.222 1.00 19.99 ? 185 TRP A CE3 1 
ATOM   1444 C CZ2 . TRP A 1 185 ? -2.743  10.373  -13.077 1.00 20.94 ? 185 TRP A CZ2 1 
ATOM   1445 C CZ3 . TRP A 1 185 ? -3.951  8.314   -12.692 1.00 21.21 ? 185 TRP A CZ3 1 
ATOM   1446 C CH2 . TRP A 1 185 ? -3.855  9.717   -12.623 1.00 20.97 ? 185 TRP A CH2 1 
ATOM   1447 O OXT . TRP A 1 185 ? 2.545   6.575   -13.717 1.00 19.99 ? 185 TRP A OXT 1 
HETATM 1448 O O1  . SRT B 2 .   ? 0.118   18.543  5.725   1.00 34.08 ? 201 SRT A O1  1 
HETATM 1449 O O11 . SRT B 2 .   ? -2.069  18.495  5.288   1.00 31.38 ? 201 SRT A O11 1 
HETATM 1450 C C1  . SRT B 2 .   ? -1.034  18.116  5.893   1.00 34.48 ? 201 SRT A C1  1 
HETATM 1451 C C2  . SRT B 2 .   ? -1.244  17.105  6.943   1.00 35.60 ? 201 SRT A C2  1 
HETATM 1452 O O2  . SRT B 2 .   ? -1.661  15.888  6.334   1.00 28.69 ? 201 SRT A O2  1 
HETATM 1453 C C3  . SRT B 2 .   ? -2.339  17.741  7.775   1.00 35.10 ? 201 SRT A C3  1 
HETATM 1454 O O3  . SRT B 2 .   ? -1.728  18.746  8.572   1.00 40.17 ? 201 SRT A O3  1 
HETATM 1455 C C4  . SRT B 2 .   ? -3.099  16.793  8.644   1.00 37.56 ? 201 SRT A C4  1 
HETATM 1456 O O4  . SRT B 2 .   ? -4.350  16.806  8.551   1.00 33.61 ? 201 SRT A O4  1 
HETATM 1457 O O41 . SRT B 2 .   ? -2.427  16.064  9.397   1.00 39.98 ? 201 SRT A O41 1 
HETATM 1458 O O   . HOH C 3 .   ? 3.041   10.874  -0.259  1.00 17.47 ? 202 HOH A O   1 
HETATM 1459 O O   . HOH C 3 .   ? -6.180  -5.044  -18.088 1.00 17.35 ? 203 HOH A O   1 
HETATM 1460 O O   . HOH C 3 .   ? -0.593  13.482  0.886   1.00 16.72 ? 204 HOH A O   1 
HETATM 1461 O O   . HOH C 3 .   ? -7.540  10.260  -5.725  1.00 17.26 ? 205 HOH A O   1 
HETATM 1462 O O   . HOH C 3 .   ? 9.715   13.622  12.736  1.00 31.19 ? 206 HOH A O   1 
HETATM 1463 O O   . HOH C 3 .   ? -2.566  -11.347 5.875   1.00 36.46 ? 207 HOH A O   1 
HETATM 1464 O O   . HOH C 3 .   ? 9.541   9.717   -5.583  1.00 24.64 ? 208 HOH A O   1 
HETATM 1465 O O   . HOH C 3 .   ? -8.233  4.017   13.832  1.00 24.33 ? 209 HOH A O   1 
HETATM 1466 O O   . HOH C 3 .   ? -10.047 9.614   1.907   1.00 19.24 ? 210 HOH A O   1 
HETATM 1467 O O   . HOH C 3 .   ? -9.221  0.880   7.736   1.00 16.82 ? 211 HOH A O   1 
HETATM 1468 O O   . HOH C 3 .   ? 10.946  12.165  -6.248  1.00 20.29 ? 212 HOH A O   1 
HETATM 1469 O O   . HOH C 3 .   ? 10.030  10.114  -10.067 1.00 18.64 ? 213 HOH A O   1 
HETATM 1470 O O   . HOH C 3 .   ? -12.944 9.112   -4.579  1.00 20.51 ? 214 HOH A O   1 
HETATM 1471 O O   . HOH C 3 .   ? -1.368  11.052  13.885  1.00 20.38 ? 215 HOH A O   1 
HETATM 1472 O O   . HOH C 3 .   ? 2.018   -8.831  6.153   1.00 24.88 ? 216 HOH A O   1 
HETATM 1473 O O   . HOH C 3 .   ? -13.627 8.930   7.343   1.00 29.65 ? 217 HOH A O   1 
HETATM 1474 O O   . HOH C 3 .   ? -7.931  15.056  5.644   1.00 25.98 ? 218 HOH A O   1 
HETATM 1475 O O   . HOH C 3 .   ? -3.916  10.609  12.842  1.00 19.72 ? 219 HOH A O   1 
HETATM 1476 O O   . HOH C 3 .   ? 17.074  0.060   -1.545  1.00 25.36 ? 220 HOH A O   1 
HETATM 1477 O O   . HOH C 3 .   ? -4.904  -15.002 -4.033  1.00 25.43 ? 221 HOH A O   1 
HETATM 1478 O O   . HOH C 3 .   ? -10.657 -11.103 -7.984  1.00 24.41 ? 222 HOH A O   1 
HETATM 1479 O O   . HOH C 3 .   ? -2.334  -3.819  9.039   1.00 22.28 ? 223 HOH A O   1 
HETATM 1480 O O   . HOH C 3 .   ? 1.239   8.000   16.042  1.00 22.81 ? 224 HOH A O   1 
HETATM 1481 O O   . HOH C 3 .   ? -11.268 -13.923 -0.801  1.00 30.96 ? 225 HOH A O   1 
HETATM 1482 O O   . HOH C 3 .   ? -8.047  13.415  -4.599  1.00 25.86 ? 226 HOH A O   1 
HETATM 1483 O O   . HOH C 3 .   ? 14.183  3.923   3.265   1.00 18.99 ? 227 HOH A O   1 
HETATM 1484 O O   . HOH C 3 .   ? -9.218  -15.732 5.584   1.00 39.34 ? 228 HOH A O   1 
HETATM 1485 O O   . HOH C 3 .   ? -0.546  15.427  -5.471  1.00 28.86 ? 229 HOH A O   1 
HETATM 1486 O O   . HOH C 3 .   ? 0.446   -4.444  10.880  1.00 23.05 ? 230 HOH A O   1 
HETATM 1487 O O   . HOH C 3 .   ? -4.093  15.146  -2.428  1.00 33.29 ? 231 HOH A O   1 
HETATM 1488 O O   . HOH C 3 .   ? 7.794   13.613  16.499  1.00 28.63 ? 232 HOH A O   1 
HETATM 1489 O O   . HOH C 3 .   ? 18.915  10.137  10.692  1.00 23.88 ? 233 HOH A O   1 
HETATM 1490 O O   . HOH C 3 .   ? 16.134  2.738   2.008   1.00 21.67 ? 234 HOH A O   1 
HETATM 1491 O O   . HOH C 3 .   ? -15.192 7.341   -3.414  1.00 30.33 ? 235 HOH A O   1 
HETATM 1492 O O   . HOH C 3 .   ? -0.129  -7.067  4.628   1.00 25.28 ? 236 HOH A O   1 
HETATM 1493 O O   . HOH C 3 .   ? -0.930  -10.997 -7.698  1.00 34.23 ? 237 HOH A O   1 
HETATM 1494 O O   . HOH C 3 .   ? 12.616  -7.673  7.797   1.00 21.15 ? 238 HOH A O   1 
HETATM 1495 O O   . HOH C 3 .   ? -12.777 1.860   -13.973 1.00 22.13 ? 239 HOH A O   1 
HETATM 1496 O O   . HOH C 3 .   ? 15.545  -10.977 1.917   1.00 29.50 ? 240 HOH A O   1 
HETATM 1497 O O   . HOH C 3 .   ? 4.918   7.053   -12.246 1.00 25.69 ? 241 HOH A O   1 
HETATM 1498 O O   . HOH C 3 .   ? -12.203 9.395   0.213   1.00 25.59 ? 242 HOH A O   1 
HETATM 1499 O O   . HOH C 3 .   ? 9.000   -2.320  -3.998  1.00 18.81 ? 243 HOH A O   1 
HETATM 1500 O O   . HOH C 3 .   ? 0.109   -16.618 12.061  1.00 25.34 ? 244 HOH A O   1 
HETATM 1501 O O   . HOH C 3 .   ? -6.221  10.355  -3.215  1.00 20.74 ? 245 HOH A O   1 
HETATM 1502 O O   . HOH C 3 .   ? -13.777 -3.893  9.040   1.00 28.79 ? 246 HOH A O   1 
HETATM 1503 O O   . HOH C 3 .   ? -17.983 -6.353  6.360   1.00 20.53 ? 247 HOH A O   1 
HETATM 1504 O O   . HOH C 3 .   ? 16.014  2.530   -0.844  1.00 21.96 ? 248 HOH A O   1 
HETATM 1505 O O   . HOH C 3 .   ? -0.537  3.046   -15.779 1.00 24.79 ? 249 HOH A O   1 
HETATM 1506 O O   . HOH C 3 .   ? -9.939  -8.668  -14.381 1.00 26.92 ? 250 HOH A O   1 
HETATM 1507 O O   . HOH C 3 .   ? 11.766  13.220  3.298   1.00 23.78 ? 251 HOH A O   1 
HETATM 1508 O O   . HOH C 3 .   ? 0.059   17.672  12.229  1.00 29.35 ? 252 HOH A O   1 
HETATM 1509 O O   . HOH C 3 .   ? 9.145   16.004  6.003   1.00 26.10 ? 253 HOH A O   1 
HETATM 1510 O O   . HOH C 3 .   ? -15.395 -1.021  -7.329  1.00 21.14 ? 254 HOH A O   1 
HETATM 1511 O O   . HOH C 3 .   ? 8.849   -2.629  -13.371 1.00 24.90 ? 255 HOH A O   1 
HETATM 1512 O O   . HOH C 3 .   ? 11.029  -4.071  -14.061 1.00 27.85 ? 256 HOH A O   1 
HETATM 1513 O O   . HOH C 3 .   ? -5.822  -3.548  10.157  1.00 22.55 ? 257 HOH A O   1 
HETATM 1514 O O   . HOH C 3 .   ? -5.731  14.941  -5.090  1.00 27.61 ? 258 HOH A O   1 
HETATM 1515 O O   . HOH C 3 .   ? 14.919  2.625   13.441  1.00 39.11 ? 259 HOH A O   1 
HETATM 1516 O O   . HOH C 3 .   ? -10.758 5.414   -10.593 1.00 22.65 ? 260 HOH A O   1 
HETATM 1517 O O   . HOH C 3 .   ? -6.620  -0.459  -22.590 1.00 29.65 ? 261 HOH A O   1 
HETATM 1518 O O   . HOH C 3 .   ? 3.749   14.087  15.868  1.00 22.01 ? 262 HOH A O   1 
HETATM 1519 O O   . HOH C 3 .   ? -2.238  16.066  -0.023  1.00 22.25 ? 263 HOH A O   1 
HETATM 1520 O O   . HOH C 3 .   ? 14.902  7.537   14.323  1.00 24.61 ? 264 HOH A O   1 
HETATM 1521 O O   . HOH C 3 .   ? 12.126  -14.909 4.823   1.00 27.89 ? 265 HOH A O   1 
HETATM 1522 O O   . HOH C 3 .   ? -18.254 4.412   1.398   1.00 39.33 ? 266 HOH A O   1 
HETATM 1523 O O   . HOH C 3 .   ? 9.637   15.170  2.551   1.00 28.04 ? 267 HOH A O   1 
HETATM 1524 O O   . HOH C 3 .   ? -15.037 -10.167 7.393   1.00 25.85 ? 268 HOH A O   1 
HETATM 1525 O O   . HOH C 3 .   ? -15.958 2.492   6.131   1.00 27.84 ? 269 HOH A O   1 
HETATM 1526 O O   . HOH C 3 .   ? -4.374  -8.705  11.475  1.00 43.20 ? 270 HOH A O   1 
HETATM 1527 O O   . HOH C 3 .   ? 1.193   -8.624  -13.483 1.00 26.41 ? 271 HOH A O   1 
HETATM 1528 O O   . HOH C 3 .   ? -9.666  -11.980 2.144   1.00 27.13 ? 272 HOH A O   1 
HETATM 1529 O O   . HOH C 3 .   ? 7.010   14.802  -6.902  1.00 23.08 ? 273 HOH A O   1 
HETATM 1530 O O   . HOH C 3 .   ? 11.388  4.811   -11.272 1.00 30.42 ? 274 HOH A O   1 
HETATM 1531 O O   . HOH C 3 .   ? -9.820  7.563   11.052  1.00 32.29 ? 275 HOH A O   1 
HETATM 1532 O O   . HOH C 3 .   ? -14.202 11.197  -1.937  1.00 39.94 ? 276 HOH A O   1 
HETATM 1533 O O   . HOH C 3 .   ? -11.410 -1.636  -13.098 1.00 26.54 ? 277 HOH A O   1 
HETATM 1534 O O   . HOH C 3 .   ? -3.728  3.883   -16.589 1.00 44.61 ? 278 HOH A O   1 
HETATM 1535 O O   . HOH C 3 .   ? -9.130  11.812  8.292   1.00 20.60 ? 279 HOH A O   1 
HETATM 1536 O O   . HOH C 3 .   ? 2.740   15.591  13.745  1.00 26.75 ? 280 HOH A O   1 
HETATM 1537 O O   . HOH C 3 .   ? 4.270   4.632   18.913  1.00 27.60 ? 281 HOH A O   1 
HETATM 1538 O O   . HOH C 3 .   ? 5.820   3.891   -15.569 1.00 41.69 ? 282 HOH A O   1 
HETATM 1539 O O   . HOH C 3 .   ? 6.088   16.807  -1.738  1.00 33.12 ? 283 HOH A O   1 
HETATM 1540 O O   . HOH C 3 .   ? 8.281   -1.706  15.466  1.00 31.99 ? 284 HOH A O   1 
HETATM 1541 O O   . HOH C 3 .   ? 15.138  -9.506  5.969   1.00 26.44 ? 285 HOH A O   1 
HETATM 1542 O O   . HOH C 3 .   ? -1.707  -8.332  9.756   1.00 41.36 ? 286 HOH A O   1 
HETATM 1543 O O   . HOH C 3 .   ? -4.391  -13.629 5.766   1.00 38.53 ? 287 HOH A O   1 
HETATM 1544 O O   . HOH C 3 .   ? 15.808  10.518  -3.620  1.00 27.05 ? 288 HOH A O   1 
HETATM 1545 O O   . HOH C 3 .   ? 7.951   -8.430  -7.598  1.00 38.15 ? 289 HOH A O   1 
HETATM 1546 O O   . HOH C 3 .   ? 1.507   20.817  2.516   1.00 33.68 ? 290 HOH A O   1 
HETATM 1547 O O   . HOH C 3 .   ? -9.406  6.860   -11.933 1.00 34.50 ? 291 HOH A O   1 
HETATM 1548 O O   . HOH C 3 .   ? -5.601  3.657   14.855  1.00 23.70 ? 292 HOH A O   1 
HETATM 1549 O O   . HOH C 3 .   ? 10.270  -15.023 2.787   1.00 24.99 ? 293 HOH A O   1 
HETATM 1550 O O   . HOH C 3 .   ? 23.208  8.890   2.219   1.00 42.25 ? 294 HOH A O   1 
HETATM 1551 O O   . HOH C 3 .   ? -11.106 -0.086  -16.702 1.00 28.96 ? 295 HOH A O   1 
HETATM 1552 O O   . HOH C 3 .   ? -10.265 13.701  3.357   1.00 30.62 ? 296 HOH A O   1 
HETATM 1553 O O   . HOH C 3 .   ? 10.818  -14.410 14.362  1.00 30.52 ? 297 HOH A O   1 
HETATM 1554 O O   . HOH C 3 .   ? -18.706 0.569   -0.679  1.00 38.09 ? 298 HOH A O   1 
HETATM 1555 O O   . HOH C 3 .   ? -7.207  11.237  10.974  1.00 26.19 ? 299 HOH A O   1 
HETATM 1556 O O   . HOH C 3 .   ? 6.879   5.374   -12.890 1.00 27.82 ? 300 HOH A O   1 
HETATM 1557 O O   . HOH C 3 .   ? -12.328 12.781  -0.592  1.00 28.01 ? 301 HOH A O   1 
HETATM 1558 O O   . HOH C 3 .   ? -0.849  -3.133  -14.611 1.00 34.73 ? 302 HOH A O   1 
HETATM 1559 O O   . HOH C 3 .   ? -11.829 10.032  -10.707 1.00 30.15 ? 303 HOH A O   1 
HETATM 1560 O O   . HOH C 3 .   ? -5.152  -2.650  -20.249 1.00 36.13 ? 304 HOH A O   1 
HETATM 1561 O O   . HOH C 3 .   ? 19.314  -7.575  4.861   1.00 38.58 ? 305 HOH A O   1 
HETATM 1562 O O   . HOH C 3 .   ? -7.376  -9.017  11.412  1.00 34.67 ? 306 HOH A O   1 
HETATM 1563 O O   . HOH C 3 .   ? 15.019  7.975   -2.618  1.00 31.82 ? 307 HOH A O   1 
HETATM 1564 O O   . HOH C 3 .   ? 12.169  -8.610  10.694  1.00 34.38 ? 308 HOH A O   1 
HETATM 1565 O O   . HOH C 3 .   ? 14.525  -11.244 -6.635  1.00 29.15 ? 309 HOH A O   1 
HETATM 1566 O O   . HOH C 3 .   ? -9.984  15.102  -4.272  1.00 30.01 ? 310 HOH A O   1 
HETATM 1567 O O   . HOH C 3 .   ? -18.040 -3.959  7.381   1.00 28.80 ? 311 HOH A O   1 
HETATM 1568 O O   . HOH C 3 .   ? 17.771  10.158  4.993   1.00 26.06 ? 312 HOH A O   1 
HETATM 1569 O O   . HOH C 3 .   ? -13.985 -13.942 6.252   1.00 41.46 ? 313 HOH A O   1 
HETATM 1570 O O   . HOH C 3 .   ? -15.449 8.933   -1.490  1.00 39.88 ? 314 HOH A O   1 
HETATM 1571 O O   . HOH C 3 .   ? -12.726 -13.991 -3.654  1.00 42.76 ? 315 HOH A O   1 
HETATM 1572 O O   . HOH C 3 .   ? 19.823  -7.017  -5.486  1.00 34.66 ? 316 HOH A O   1 
HETATM 1573 O O   . HOH C 3 .   ? -11.836 11.125  3.358   1.00 32.79 ? 317 HOH A O   1 
HETATM 1574 O O   . HOH C 3 .   ? 3.172   18.060  3.145   1.00 27.17 ? 318 HOH A O   1 
HETATM 1575 O O   . HOH C 3 .   ? -16.011 -6.621  10.234  1.00 36.26 ? 319 HOH A O   1 
HETATM 1576 O O   . HOH C 3 .   ? 18.644  2.933   2.741   1.00 29.21 ? 320 HOH A O   1 
HETATM 1577 O O   . HOH C 3 .   ? -8.094  -10.640 -12.139 1.00 44.11 ? 321 HOH A O   1 
HETATM 1578 O O   . HOH C 3 .   ? 12.849  7.514   16.011  1.00 47.87 ? 322 HOH A O   1 
HETATM 1579 O O   . HOH C 3 .   ? -4.343  0.421   16.780  1.00 37.41 ? 323 HOH A O   1 
HETATM 1580 O O   . HOH C 3 .   ? 4.089   18.553  0.011   1.00 35.85 ? 324 HOH A O   1 
HETATM 1581 O O   . HOH C 3 .   ? 11.362  17.230  -1.251  1.00 32.75 ? 325 HOH A O   1 
HETATM 1582 O O   . HOH C 3 .   ? -14.726 10.073  -7.651  1.00 40.49 ? 326 HOH A O   1 
HETATM 1583 O O   . HOH C 3 .   ? -8.715  -11.811 -5.422  1.00 33.74 ? 327 HOH A O   1 
HETATM 1584 O O   . HOH C 3 .   ? -4.342  -12.566 -10.567 1.00 49.11 ? 328 HOH A O   1 
HETATM 1585 O O   . HOH C 3 .   ? -9.733  -17.611 -2.857  1.00 36.04 ? 329 HOH A O   1 
HETATM 1586 O O   . HOH C 3 .   ? -12.968 -17.491 -0.962  1.00 41.51 ? 330 HOH A O   1 
HETATM 1587 O O   . HOH C 3 .   ? -13.610 -13.177 -7.282  1.00 32.30 ? 331 HOH A O   1 
HETATM 1588 O O   . HOH C 3 .   ? -5.489  -10.062 -14.744 1.00 33.45 ? 332 HOH A O   1 
HETATM 1589 O O   . HOH C 3 .   ? -12.485 -3.943  -17.206 1.00 39.73 ? 333 HOH A O   1 
HETATM 1590 O O   . HOH C 3 .   ? -12.986 -2.151  -15.138 1.00 38.15 ? 334 HOH A O   1 
HETATM 1591 O O   . HOH C 3 .   ? 9.707   -0.291  -13.213 1.00 35.58 ? 335 HOH A O   1 
HETATM 1592 O O   . HOH C 3 .   ? 11.735  -18.399 9.327   1.00 44.40 ? 336 HOH A O   1 
HETATM 1593 O O   . HOH C 3 .   ? -14.573 12.523  6.746   1.00 40.04 ? 337 HOH A O   1 
HETATM 1594 O O   . HOH C 3 .   ? 2.431   -10.577 -2.418  1.00 35.88 ? 338 HOH A O   1 
HETATM 1595 O O   . HOH C 3 .   ? -1.721  -6.001  -15.892 1.00 36.78 ? 339 HOH A O   1 
HETATM 1596 O O   . HOH C 3 .   ? -0.863  -1.401  16.153  1.00 28.04 ? 340 HOH A O   1 
HETATM 1597 O O   . HOH C 3 .   ? -1.898  19.378  12.783  1.00 34.03 ? 341 HOH A O   1 
HETATM 1598 O O   . HOH C 3 .   ? 0.004   19.438  9.581   1.00 28.76 ? 342 HOH A O   1 
HETATM 1599 O O   . HOH C 3 .   ? -2.076  20.016  4.225   1.00 25.29 ? 343 HOH A O   1 
HETATM 1600 O O   . HOH C 3 .   ? -2.436  14.080  7.203   1.00 62.36 ? 344 HOH A O   1 
HETATM 1601 O O   . HOH C 3 .   ? 2.305   20.670  6.990   1.00 34.11 ? 345 HOH A O   1 
HETATM 1602 O O   . HOH C 3 .   ? 4.524   22.079  7.855   1.00 27.50 ? 346 HOH A O   1 
# 
loop_
_pdbx_poly_seq_scheme.asym_id 
_pdbx_poly_seq_scheme.entity_id 
_pdbx_poly_seq_scheme.seq_id 
_pdbx_poly_seq_scheme.mon_id 
_pdbx_poly_seq_scheme.ndb_seq_num 
_pdbx_poly_seq_scheme.pdb_seq_num 
_pdbx_poly_seq_scheme.auth_seq_num 
_pdbx_poly_seq_scheme.pdb_mon_id 
_pdbx_poly_seq_scheme.auth_mon_id 
_pdbx_poly_seq_scheme.pdb_strand_id 
_pdbx_poly_seq_scheme.pdb_ins_code 
_pdbx_poly_seq_scheme.hetero 
A 1 1   ALA 1   1   1   ALA ALA A . n 
A 1 2   SER 2   2   2   SER SER A . n 
A 1 3   THR 3   3   3   THR THR A . n 
A 1 4   ASP 4   4   4   ASP ASP A . n 
A 1 5   TYR 5   5   5   TYR TYR A . n 
A 1 6   TRP 6   6   6   TRP TRP A . n 
A 1 7   GLN 7   7   7   GLN GLN A . n 
A 1 8   ASN 8   8   8   ASN ASN A . n 
A 1 9   TRP 9   9   9   TRP TRP A . n 
A 1 10  THR 10  10  10  THR THR A . n 
A 1 11  ASP 11  11  11  ASP ASP A . n 
A 1 12  GLY 12  12  12  GLY GLY A . n 
A 1 13  GLY 13  13  13  GLY GLY A . n 
A 1 14  GLY 14  14  14  GLY GLY A . n 
A 1 15  ILE 15  15  15  ILE ILE A . n 
A 1 16  VAL 16  16  16  VAL VAL A . n 
A 1 17  ASN 17  17  17  ASN ASN A . n 
A 1 18  ALA 18  18  18  ALA ALA A . n 
A 1 19  VAL 19  19  19  VAL VAL A . n 
A 1 20  ASN 20  20  20  ASN ASN A . n 
A 1 21  GLY 21  21  21  GLY GLY A . n 
A 1 22  SER 22  22  22  SER SER A . n 
A 1 23  GLY 23  23  23  GLY GLY A . n 
A 1 24  GLY 24  24  24  GLY GLY A . n 
A 1 25  ASN 25  25  25  ASN ASN A . n 
A 1 26  TYR 26  26  26  TYR TYR A . n 
A 1 27  SER 27  27  27  SER SER A . n 
A 1 28  VAL 28  28  28  VAL VAL A . n 
A 1 29  ASN 29  29  29  ASN ASN A . n 
A 1 30  TRP 30  30  30  TRP TRP A . n 
A 1 31  SER 31  31  31  SER SER A . n 
A 1 32  ASN 32  32  32  ASN ASN A . n 
A 1 33  THR 33  33  33  THR THR A . n 
A 1 34  GLY 34  34  34  GLY GLY A . n 
A 1 35  ASN 35  35  35  ASN ASN A . n 
A 1 36  PHE 36  36  36  PHE PHE A . n 
A 1 37  VAL 37  37  37  VAL VAL A . n 
A 1 38  VAL 38  38  38  VAL VAL A . n 
A 1 39  GLY 39  39  39  GLY GLY A . n 
A 1 40  LYS 40  40  40  LYS LYS A . n 
A 1 41  GLY 41  41  41  GLY GLY A . n 
A 1 42  TRP 42  42  42  TRP TRP A . n 
A 1 43  THR 43  43  43  THR THR A . n 
A 1 44  THR 44  44  44  THR THR A . n 
A 1 45  GLY 45  45  45  GLY GLY A . n 
A 1 46  SER 46  46  46  SER SER A . n 
A 1 47  PRO 47  47  47  PRO PRO A . n 
A 1 48  PHE 48  48  48  PHE PHE A . n 
A 1 49  ARG 49  49  49  ARG ARG A . n 
A 1 50  THR 50  50  50  THR THR A . n 
A 1 51  ILE 51  51  51  ILE ILE A . n 
A 1 52  ASN 52  52  52  ASN ASN A . n 
A 1 53  TYR 53  53  53  TYR TYR A . n 
A 1 54  ASN 54  54  54  ASN ASN A . n 
A 1 55  ALA 55  55  55  ALA ALA A . n 
A 1 56  GLY 56  56  56  GLY GLY A . n 
A 1 57  VAL 57  57  57  VAL VAL A . n 
A 1 58  TRP 58  58  58  TRP TRP A . n 
A 1 59  ALA 59  59  59  ALA ALA A . n 
A 1 60  PRO 60  60  60  PRO PRO A . n 
A 1 61  ASN 61  61  61  ASN ASN A . n 
A 1 62  GLY 62  62  62  GLY GLY A . n 
A 1 63  ASN 63  63  63  ASN ASN A . n 
A 1 64  GLY 64  64  64  GLY GLY A . n 
A 1 65  TYR 65  65  65  TYR TYR A . n 
A 1 66  LEU 66  66  66  LEU LEU A . n 
A 1 67  THR 67  67  67  THR THR A . n 
A 1 68  LEU 68  68  68  LEU LEU A . n 
A 1 69  TYR 69  69  69  TYR TYR A . n 
A 1 70  GLY 70  70  70  GLY GLY A . n 
A 1 71  TRP 71  71  71  TRP TRP A . n 
A 1 72  THR 72  72  72  THR THR A . n 
A 1 73  ARG 73  73  73  ARG ARG A . n 
A 1 74  SER 74  74  74  SER SER A . n 
A 1 75  PRO 75  75  75  PRO PRO A . n 
A 1 76  LEU 76  76  76  LEU LEU A . n 
A 1 77  ILE 77  77  77  ILE ILE A . n 
A 1 78  GLU 78  78  78  GLU GLU A . n 
A 1 79  TYR 79  79  79  TYR TYR A . n 
A 1 80  TYR 80  80  80  TYR TYR A . n 
A 1 81  VAL 81  81  81  VAL VAL A . n 
A 1 82  VAL 82  82  82  VAL VAL A . n 
A 1 83  ASP 83  83  83  ASP ASP A . n 
A 1 84  SER 84  84  84  SER SER A . n 
A 1 85  TRP 85  85  85  TRP TRP A . n 
A 1 86  GLY 86  86  86  GLY GLY A . n 
A 1 87  THR 87  87  87  THR THR A . n 
A 1 88  TYR 88  88  88  TYR TYR A . n 
A 1 89  ARG 89  89  89  ARG ARG A . n 
A 1 90  PRO 90  90  90  PRO PRO A . n 
A 1 91  THR 91  91  91  THR THR A . n 
A 1 92  GLY 92  92  92  GLY GLY A . n 
A 1 93  THR 93  93  93  THR THR A . n 
A 1 94  TYR 94  94  94  TYR TYR A . n 
A 1 95  LYS 95  95  95  LYS LYS A . n 
A 1 96  GLY 96  96  96  GLY GLY A . n 
A 1 97  THR 97  97  97  THR THR A . n 
A 1 98  VAL 98  98  98  VAL VAL A . n 
A 1 99  LYS 99  99  99  LYS LYS A . n 
A 1 100 SER 100 100 100 SER SER A . n 
A 1 101 ASP 101 101 101 ASP ASP A . n 
A 1 102 GLY 102 102 102 GLY GLY A . n 
A 1 103 GLY 103 103 103 GLY GLY A . n 
A 1 104 THR 104 104 104 THR THR A . n 
A 1 105 TYR 105 105 105 TYR TYR A . n 
A 1 106 ASP 106 106 106 ASP ASP A . n 
A 1 107 ILE 107 107 107 ILE ILE A . n 
A 1 108 TYR 108 108 108 TYR TYR A . n 
A 1 109 THR 109 109 109 THR THR A . n 
A 1 110 THR 110 110 110 THR THR A . n 
A 1 111 THR 111 111 111 THR THR A . n 
A 1 112 ARG 112 112 112 ARG ARG A . n 
A 1 113 TYR 113 113 113 TYR TYR A . n 
A 1 114 ASN 114 114 114 ASN ASN A . n 
A 1 115 ALA 115 115 115 ALA ALA A . n 
A 1 116 PRO 116 116 116 PRO PRO A . n 
A 1 117 SER 117 117 117 SER SER A . n 
A 1 118 ILE 118 118 118 ILE ILE A . n 
A 1 119 ASP 119 119 119 ASP ASP A . n 
A 1 120 GLY 120 120 120 GLY GLY A . n 
A 1 121 ASP 121 121 121 ASP ASP A . n 
A 1 122 ARG 122 122 122 ARG ARG A . n 
A 1 123 THR 123 123 123 THR THR A . n 
A 1 124 THR 124 124 124 THR THR A . n 
A 1 125 PHE 125 125 125 PHE PHE A . n 
A 1 126 THR 126 126 126 THR THR A . n 
A 1 127 GLN 127 127 127 GLN GLN A . n 
A 1 128 TYR 128 128 128 TYR TYR A . n 
A 1 129 TRP 129 129 129 TRP TRP A . n 
A 1 130 SER 130 130 130 SER SER A . n 
A 1 131 VAL 131 131 131 VAL VAL A . n 
A 1 132 ARG 132 132 132 ARG ARG A . n 
A 1 133 GLN 133 133 133 GLN GLN A . n 
A 1 134 SER 134 134 134 SER SER A . n 
A 1 135 LYS 135 135 135 LYS LYS A . n 
A 1 136 ARG 136 136 136 ARG ARG A . n 
A 1 137 PRO 137 137 137 PRO PRO A . n 
A 1 138 THR 138 138 138 THR THR A . n 
A 1 139 GLY 139 139 139 GLY GLY A . n 
A 1 140 SER 140 140 140 SER SER A . n 
A 1 141 ASN 141 141 141 ASN ASN A . n 
A 1 142 ALA 142 142 142 ALA ALA A . n 
A 1 143 THR 143 143 143 THR THR A . n 
A 1 144 ILE 144 144 144 ILE ILE A . n 
A 1 145 THR 145 145 145 THR THR A . n 
A 1 146 PHE 146 146 146 PHE PHE A . n 
A 1 147 SER 147 147 147 SER SER A . n 
A 1 148 ASN 148 148 148 ASN ASN A . n 
A 1 149 HIS 149 149 149 HIS HIS A . n 
A 1 150 VAL 150 150 150 VAL VAL A . n 
A 1 151 ASN 151 151 151 ASN ASN A . n 
A 1 152 ALA 152 152 152 ALA ALA A . n 
A 1 153 TRP 153 153 153 TRP TRP A . n 
A 1 154 LYS 154 154 154 LYS LYS A . n 
A 1 155 SER 155 155 155 SER SER A . n 
A 1 156 HIS 156 156 156 HIS HIS A . n 
A 1 157 GLY 157 157 157 GLY GLY A . n 
A 1 158 MET 158 158 158 MET MET A . n 
A 1 159 ASN 159 159 159 ASN ASN A . n 
A 1 160 LEU 160 160 160 LEU LEU A . n 
A 1 161 GLY 161 161 161 GLY GLY A . n 
A 1 162 SER 162 162 162 SER SER A . n 
A 1 163 ASN 163 163 163 ASN ASN A . n 
A 1 164 TRP 164 164 164 TRP TRP A . n 
A 1 165 ALA 165 165 165 ALA ALA A . n 
A 1 166 TYR 166 166 166 TYR TYR A . n 
A 1 167 GLN 167 167 167 GLN GLN A . n 
A 1 168 VAL 168 168 168 VAL VAL A . n 
A 1 169 MET 169 169 169 MET MET A . n 
A 1 170 ALA 170 170 170 ALA ALA A . n 
A 1 171 THR 171 171 171 THR THR A . n 
A 1 172 GLU 172 172 172 GLU GLU A . n 
A 1 173 GLY 173 173 173 GLY GLY A . n 
A 1 174 TYR 174 174 174 TYR TYR A . n 
A 1 175 GLN 175 175 175 GLN GLN A . n 
A 1 176 SER 176 176 176 SER SER A . n 
A 1 177 SER 177 177 177 SER SER A . n 
A 1 178 GLY 178 178 178 GLY GLY A . n 
A 1 179 SER 179 179 179 SER SER A . n 
A 1 180 SER 180 180 180 SER SER A . n 
A 1 181 ASN 181 181 181 ASN ASN A . n 
A 1 182 VAL 182 182 182 VAL VAL A . n 
A 1 183 THR 183 183 183 THR THR A . n 
A 1 184 VAL 184 184 184 VAL VAL A . n 
A 1 185 TRP 185 185 185 TRP TRP A . n 
# 
loop_
_pdbx_nonpoly_scheme.asym_id 
_pdbx_nonpoly_scheme.entity_id 
_pdbx_nonpoly_scheme.mon_id 
_pdbx_nonpoly_scheme.ndb_seq_num 
_pdbx_nonpoly_scheme.pdb_seq_num 
_pdbx_nonpoly_scheme.auth_seq_num 
_pdbx_nonpoly_scheme.pdb_mon_id 
_pdbx_nonpoly_scheme.auth_mon_id 
_pdbx_nonpoly_scheme.pdb_strand_id 
_pdbx_nonpoly_scheme.pdb_ins_code 
B 2 SRT 1   201 201 SRT TAR A . 
C 3 HOH 1   202 1   HOH HOH A . 
C 3 HOH 2   203 2   HOH HOH A . 
C 3 HOH 3   204 4   HOH HOH A . 
C 3 HOH 4   205 5   HOH HOH A . 
C 3 HOH 5   206 6   HOH HOH A . 
C 3 HOH 6   207 7   HOH HOH A . 
C 3 HOH 7   208 8   HOH HOH A . 
C 3 HOH 8   209 9   HOH HOH A . 
C 3 HOH 9   210 10  HOH HOH A . 
C 3 HOH 10  211 11  HOH HOH A . 
C 3 HOH 11  212 13  HOH HOH A . 
C 3 HOH 12  213 14  HOH HOH A . 
C 3 HOH 13  214 15  HOH HOH A . 
C 3 HOH 14  215 16  HOH HOH A . 
C 3 HOH 15  216 17  HOH HOH A . 
C 3 HOH 16  217 18  HOH HOH A . 
C 3 HOH 17  218 19  HOH HOH A . 
C 3 HOH 18  219 20  HOH HOH A . 
C 3 HOH 19  220 22  HOH HOH A . 
C 3 HOH 20  221 23  HOH HOH A . 
C 3 HOH 21  222 24  HOH HOH A . 
C 3 HOH 22  223 25  HOH HOH A . 
C 3 HOH 23  224 26  HOH HOH A . 
C 3 HOH 24  225 27  HOH HOH A . 
C 3 HOH 25  226 28  HOH HOH A . 
C 3 HOH 26  227 29  HOH HOH A . 
C 3 HOH 27  228 30  HOH HOH A . 
C 3 HOH 28  229 31  HOH HOH A . 
C 3 HOH 29  230 32  HOH HOH A . 
C 3 HOH 30  231 33  HOH HOH A . 
C 3 HOH 31  232 34  HOH HOH A . 
C 3 HOH 32  233 35  HOH HOH A . 
C 3 HOH 33  234 36  HOH HOH A . 
C 3 HOH 34  235 37  HOH HOH A . 
C 3 HOH 35  236 38  HOH HOH A . 
C 3 HOH 36  237 40  HOH HOH A . 
C 3 HOH 37  238 41  HOH HOH A . 
C 3 HOH 38  239 42  HOH HOH A . 
C 3 HOH 39  240 43  HOH HOH A . 
C 3 HOH 40  241 44  HOH HOH A . 
C 3 HOH 41  242 45  HOH HOH A . 
C 3 HOH 42  243 46  HOH HOH A . 
C 3 HOH 43  244 47  HOH HOH A . 
C 3 HOH 44  245 48  HOH HOH A . 
C 3 HOH 45  246 49  HOH HOH A . 
C 3 HOH 46  247 50  HOH HOH A . 
C 3 HOH 47  248 51  HOH HOH A . 
C 3 HOH 48  249 52  HOH HOH A . 
C 3 HOH 49  250 53  HOH HOH A . 
C 3 HOH 50  251 54  HOH HOH A . 
C 3 HOH 51  252 55  HOH HOH A . 
C 3 HOH 52  253 56  HOH HOH A . 
C 3 HOH 53  254 57  HOH HOH A . 
C 3 HOH 54  255 58  HOH HOH A . 
C 3 HOH 55  256 60  HOH HOH A . 
C 3 HOH 56  257 61  HOH HOH A . 
C 3 HOH 57  258 62  HOH HOH A . 
C 3 HOH 58  259 63  HOH HOH A . 
C 3 HOH 59  260 64  HOH HOH A . 
C 3 HOH 60  261 65  HOH HOH A . 
C 3 HOH 61  262 66  HOH HOH A . 
C 3 HOH 62  263 67  HOH HOH A . 
C 3 HOH 63  264 68  HOH HOH A . 
C 3 HOH 64  265 69  HOH HOH A . 
C 3 HOH 65  266 70  HOH HOH A . 
C 3 HOH 66  267 72  HOH HOH A . 
C 3 HOH 67  268 73  HOH HOH A . 
C 3 HOH 68  269 75  HOH HOH A . 
C 3 HOH 69  270 76  HOH HOH A . 
C 3 HOH 70  271 77  HOH HOH A . 
C 3 HOH 71  272 78  HOH HOH A . 
C 3 HOH 72  273 79  HOH HOH A . 
C 3 HOH 73  274 80  HOH HOH A . 
C 3 HOH 74  275 81  HOH HOH A . 
C 3 HOH 75  276 83  HOH HOH A . 
C 3 HOH 76  277 84  HOH HOH A . 
C 3 HOH 77  278 85  HOH HOH A . 
C 3 HOH 78  279 86  HOH HOH A . 
C 3 HOH 79  280 87  HOH HOH A . 
C 3 HOH 80  281 88  HOH HOH A . 
C 3 HOH 81  282 89  HOH HOH A . 
C 3 HOH 82  283 90  HOH HOH A . 
C 3 HOH 83  284 91  HOH HOH A . 
C 3 HOH 84  285 92  HOH HOH A . 
C 3 HOH 85  286 93  HOH HOH A . 
C 3 HOH 86  287 95  HOH HOH A . 
C 3 HOH 87  288 97  HOH HOH A . 
C 3 HOH 88  289 98  HOH HOH A . 
C 3 HOH 89  290 100 HOH HOH A . 
C 3 HOH 90  291 101 HOH HOH A . 
C 3 HOH 91  292 103 HOH HOH A . 
C 3 HOH 92  293 104 HOH HOH A . 
C 3 HOH 93  294 105 HOH HOH A . 
C 3 HOH 94  295 106 HOH HOH A . 
C 3 HOH 95  296 107 HOH HOH A . 
C 3 HOH 96  297 108 HOH HOH A . 
C 3 HOH 97  298 110 HOH HOH A . 
C 3 HOH 98  299 111 HOH HOH A . 
C 3 HOH 99  300 112 HOH HOH A . 
C 3 HOH 100 301 113 HOH HOH A . 
C 3 HOH 101 302 115 HOH HOH A . 
C 3 HOH 102 303 116 HOH HOH A . 
C 3 HOH 103 304 117 HOH HOH A . 
C 3 HOH 104 305 118 HOH HOH A . 
C 3 HOH 105 306 119 HOH HOH A . 
C 3 HOH 106 307 120 HOH HOH A . 
C 3 HOH 107 308 121 HOH HOH A . 
C 3 HOH 108 309 124 HOH HOH A . 
C 3 HOH 109 310 126 HOH HOH A . 
C 3 HOH 110 311 127 HOH HOH A . 
C 3 HOH 111 312 129 HOH HOH A . 
C 3 HOH 112 313 130 HOH HOH A . 
C 3 HOH 113 314 131 HOH HOH A . 
C 3 HOH 114 315 132 HOH HOH A . 
C 3 HOH 115 316 133 HOH HOH A . 
C 3 HOH 116 317 134 HOH HOH A . 
C 3 HOH 117 318 135 HOH HOH A . 
C 3 HOH 118 319 136 HOH HOH A . 
C 3 HOH 119 320 137 HOH HOH A . 
C 3 HOH 120 321 138 HOH HOH A . 
C 3 HOH 121 322 139 HOH HOH A . 
C 3 HOH 122 323 140 HOH HOH A . 
C 3 HOH 123 324 141 HOH HOH A . 
C 3 HOH 124 325 142 HOH HOH A . 
C 3 HOH 125 326 143 HOH HOH A . 
C 3 HOH 126 327 144 HOH HOH A . 
C 3 HOH 127 328 145 HOH HOH A . 
C 3 HOH 128 329 146 HOH HOH A . 
C 3 HOH 129 330 147 HOH HOH A . 
C 3 HOH 130 331 148 HOH HOH A . 
C 3 HOH 131 332 149 HOH HOH A . 
C 3 HOH 132 333 150 HOH HOH A . 
C 3 HOH 133 334 151 HOH HOH A . 
C 3 HOH 134 335 152 HOH HOH A . 
C 3 HOH 135 336 153 HOH HOH A . 
C 3 HOH 136 337 154 HOH HOH A . 
C 3 HOH 137 338 155 HOH HOH A . 
C 3 HOH 138 339 156 HOH HOH A . 
C 3 HOH 139 340 157 HOH HOH A . 
C 3 HOH 140 341 158 HOH HOH A . 
C 3 HOH 141 342 159 HOH HOH A . 
C 3 HOH 142 343 160 HOH HOH A . 
C 3 HOH 143 344 161 HOH HOH A . 
C 3 HOH 144 345 162 HOH HOH A . 
C 3 HOH 145 346 163 HOH HOH A . 
# 
_pdbx_struct_assembly.id                   1 
_pdbx_struct_assembly.details              author_defined_assembly 
_pdbx_struct_assembly.method_details       ? 
_pdbx_struct_assembly.oligomeric_details   monomeric 
_pdbx_struct_assembly.oligomeric_count     1 
# 
_pdbx_struct_assembly_gen.assembly_id       1 
_pdbx_struct_assembly_gen.oper_expression   1 
_pdbx_struct_assembly_gen.asym_id_list      A,B,C 
# 
_pdbx_struct_oper_list.id                   1 
_pdbx_struct_oper_list.type                 'identity operation' 
_pdbx_struct_oper_list.name                 1_555 
_pdbx_struct_oper_list.symmetry_operation   x,y,z 
_pdbx_struct_oper_list.matrix[1][1]         1.0000000000 
_pdbx_struct_oper_list.matrix[1][2]         0.0000000000 
_pdbx_struct_oper_list.matrix[1][3]         0.0000000000 
_pdbx_struct_oper_list.vector[1]            0.0000000000 
_pdbx_struct_oper_list.matrix[2][1]         0.0000000000 
_pdbx_struct_oper_list.matrix[2][2]         1.0000000000 
_pdbx_struct_oper_list.matrix[2][3]         0.0000000000 
_pdbx_struct_oper_list.vector[2]            0.0000000000 
_pdbx_struct_oper_list.matrix[3][1]         0.0000000000 
_pdbx_struct_oper_list.matrix[3][2]         0.0000000000 
_pdbx_struct_oper_list.matrix[3][3]         1.0000000000 
_pdbx_struct_oper_list.vector[3]            0.0000000000 
# 
loop_
_pdbx_audit_revision_history.ordinal 
_pdbx_audit_revision_history.data_content_type 
_pdbx_audit_revision_history.major_revision 
_pdbx_audit_revision_history.minor_revision 
_pdbx_audit_revision_history.revision_date 
1 'Structure model' 1 0 2005-10-18 
2 'Structure model' 1 1 2008-04-30 
3 'Structure model' 1 2 2011-07-13 
4 'Structure model' 1 3 2013-03-06 
5 'Structure model' 1 4 2017-10-11 
6 'Structure model' 1 5 2023-08-23 
# 
_pdbx_audit_revision_details.ordinal             1 
_pdbx_audit_revision_details.revision_ordinal    1 
_pdbx_audit_revision_details.data_content_type   'Structure model' 
_pdbx_audit_revision_details.provider            repository 
_pdbx_audit_revision_details.type                'Initial release' 
_pdbx_audit_revision_details.description         ? 
_pdbx_audit_revision_details.details             ? 
# 
loop_
_pdbx_audit_revision_group.ordinal 
_pdbx_audit_revision_group.revision_ordinal 
_pdbx_audit_revision_group.data_content_type 
_pdbx_audit_revision_group.group 
1 2 'Structure model' 'Version format compliance' 
2 3 'Structure model' 'Version format compliance' 
3 4 'Structure model' Other                       
4 5 'Structure model' 'Refinement description'    
5 6 'Structure model' 'Data collection'           
6 6 'Structure model' 'Database references'       
7 6 'Structure model' 'Derived calculations'      
8 6 'Structure model' 'Refinement description'    
# 
loop_
_pdbx_audit_revision_category.ordinal 
_pdbx_audit_revision_category.revision_ordinal 
_pdbx_audit_revision_category.data_content_type 
_pdbx_audit_revision_category.category 
1 5 'Structure model' software                      
2 6 'Structure model' chem_comp_atom                
3 6 'Structure model' chem_comp_bond                
4 6 'Structure model' database_2                    
5 6 'Structure model' pdbx_initial_refinement_model 
6 6 'Structure model' struct_site                   
# 
loop_
_pdbx_audit_revision_item.ordinal 
_pdbx_audit_revision_item.revision_ordinal 
_pdbx_audit_revision_item.data_content_type 
_pdbx_audit_revision_item.item 
1 5 'Structure model' '_software.classification'            
2 5 'Structure model' '_software.name'                      
3 6 'Structure model' '_database_2.pdbx_DOI'                
4 6 'Structure model' '_database_2.pdbx_database_accession' 
5 6 'Structure model' '_struct_site.pdbx_auth_asym_id'      
6 6 'Structure model' '_struct_site.pdbx_auth_comp_id'      
7 6 'Structure model' '_struct_site.pdbx_auth_seq_id'       
# 
loop_
_software.name 
_software.classification 
_software.version 
_software.citation_id 
_software.pdbx_ordinal 
REFMAC    refinement        5.2.0005 ? 1 
MAR345    'data collection' .        ? 2 
SCALEPACK 'data scaling'    .        ? 3 
AMoRE     phasing           .        ? 4 
# 
loop_
_pdbx_validate_close_contact.id 
_pdbx_validate_close_contact.PDB_model_num 
_pdbx_validate_close_contact.auth_atom_id_1 
_pdbx_validate_close_contact.auth_asym_id_1 
_pdbx_validate_close_contact.auth_comp_id_1 
_pdbx_validate_close_contact.auth_seq_id_1 
_pdbx_validate_close_contact.PDB_ins_code_1 
_pdbx_validate_close_contact.label_alt_id_1 
_pdbx_validate_close_contact.auth_atom_id_2 
_pdbx_validate_close_contact.auth_asym_id_2 
_pdbx_validate_close_contact.auth_comp_id_2 
_pdbx_validate_close_contact.auth_seq_id_2 
_pdbx_validate_close_contact.PDB_ins_code_2 
_pdbx_validate_close_contact.label_alt_id_2 
_pdbx_validate_close_contact.dist 
1 1 O11 A SRT 201 ? ? O A HOH 343 ? ? 1.86 
2 1 O3  A SRT 201 ? ? O A HOH 342 ? ? 2.12 
3 1 O2  A SRT 201 ? ? O A HOH 344 ? ? 2.15 
# 
_pdbx_validate_symm_contact.id                1 
_pdbx_validate_symm_contact.PDB_model_num     1 
_pdbx_validate_symm_contact.auth_atom_id_1    OD1 
_pdbx_validate_symm_contact.auth_asym_id_1    A 
_pdbx_validate_symm_contact.auth_comp_id_1    ASN 
_pdbx_validate_symm_contact.auth_seq_id_1     61 
_pdbx_validate_symm_contact.PDB_ins_code_1    ? 
_pdbx_validate_symm_contact.label_alt_id_1    ? 
_pdbx_validate_symm_contact.site_symmetry_1   1_555 
_pdbx_validate_symm_contact.auth_atom_id_2    O 
_pdbx_validate_symm_contact.auth_asym_id_2    A 
_pdbx_validate_symm_contact.auth_comp_id_2    HOH 
_pdbx_validate_symm_contact.auth_seq_id_2     278 
_pdbx_validate_symm_contact.PDB_ins_code_2    ? 
_pdbx_validate_symm_contact.label_alt_id_2    ? 
_pdbx_validate_symm_contact.site_symmetry_2   4_456 
_pdbx_validate_symm_contact.dist              2.19 
# 
_pdbx_validate_rmsd_angle.id                         1 
_pdbx_validate_rmsd_angle.PDB_model_num              1 
_pdbx_validate_rmsd_angle.auth_atom_id_1             CB 
_pdbx_validate_rmsd_angle.auth_asym_id_1             A 
_pdbx_validate_rmsd_angle.auth_comp_id_1             ILE 
_pdbx_validate_rmsd_angle.auth_seq_id_1              118 
_pdbx_validate_rmsd_angle.PDB_ins_code_1             ? 
_pdbx_validate_rmsd_angle.label_alt_id_1             ? 
_pdbx_validate_rmsd_angle.auth_atom_id_2             CA 
_pdbx_validate_rmsd_angle.auth_asym_id_2             A 
_pdbx_validate_rmsd_angle.auth_comp_id_2             ILE 
_pdbx_validate_rmsd_angle.auth_seq_id_2              118 
_pdbx_validate_rmsd_angle.PDB_ins_code_2             ? 
_pdbx_validate_rmsd_angle.label_alt_id_2             ? 
_pdbx_validate_rmsd_angle.auth_atom_id_3             C 
_pdbx_validate_rmsd_angle.auth_asym_id_3             A 
_pdbx_validate_rmsd_angle.auth_comp_id_3             ILE 
_pdbx_validate_rmsd_angle.auth_seq_id_3              118 
_pdbx_validate_rmsd_angle.PDB_ins_code_3             ? 
_pdbx_validate_rmsd_angle.label_alt_id_3             ? 
_pdbx_validate_rmsd_angle.angle_value                98.66 
_pdbx_validate_rmsd_angle.angle_target_value         111.60 
_pdbx_validate_rmsd_angle.angle_deviation            -12.94 
_pdbx_validate_rmsd_angle.angle_standard_deviation   2.00 
_pdbx_validate_rmsd_angle.linker_flag                N 
# 
_pdbx_validate_torsion.id              1 
_pdbx_validate_torsion.PDB_model_num   1 
_pdbx_validate_torsion.auth_comp_id    ALA 
_pdbx_validate_torsion.auth_asym_id    A 
_pdbx_validate_torsion.auth_seq_id     165 
_pdbx_validate_torsion.PDB_ins_code    ? 
_pdbx_validate_torsion.label_alt_id    ? 
_pdbx_validate_torsion.phi             -88.97 
_pdbx_validate_torsion.psi             -156.33 
# 
_pdbx_validate_peptide_omega.id               1 
_pdbx_validate_peptide_omega.PDB_model_num    1 
_pdbx_validate_peptide_omega.auth_comp_id_1   TRP 
_pdbx_validate_peptide_omega.auth_asym_id_1   A 
_pdbx_validate_peptide_omega.auth_seq_id_1    129 
_pdbx_validate_peptide_omega.PDB_ins_code_1   ? 
_pdbx_validate_peptide_omega.label_alt_id_1   ? 
_pdbx_validate_peptide_omega.auth_comp_id_2   SER 
_pdbx_validate_peptide_omega.auth_asym_id_2   A 
_pdbx_validate_peptide_omega.auth_seq_id_2    130 
_pdbx_validate_peptide_omega.PDB_ins_code_2   ? 
_pdbx_validate_peptide_omega.label_alt_id_2   ? 
_pdbx_validate_peptide_omega.omega            147.22 
# 
loop_
_pdbx_validate_chiral.id 
_pdbx_validate_chiral.PDB_model_num 
_pdbx_validate_chiral.auth_atom_id 
_pdbx_validate_chiral.label_alt_id 
_pdbx_validate_chiral.auth_asym_id 
_pdbx_validate_chiral.auth_comp_id 
_pdbx_validate_chiral.auth_seq_id 
_pdbx_validate_chiral.PDB_ins_code 
_pdbx_validate_chiral.details 
_pdbx_validate_chiral.omega 
1 1 C2 ? A SRT 201 ? 'WRONG HAND' . 
2 1 C3 ? A SRT 201 ? 'WRONG HAND' . 
# 
loop_
_chem_comp_atom.comp_id 
_chem_comp_atom.atom_id 
_chem_comp_atom.type_symbol 
_chem_comp_atom.pdbx_aromatic_flag 
_chem_comp_atom.pdbx_stereo_config 
_chem_comp_atom.pdbx_ordinal 
ALA N    N N N 1   
ALA CA   C N S 2   
ALA C    C N N 3   
ALA O    O N N 4   
ALA CB   C N N 5   
ALA OXT  O N N 6   
ALA H    H N N 7   
ALA H2   H N N 8   
ALA HA   H N N 9   
ALA HB1  H N N 10  
ALA HB2  H N N 11  
ALA HB3  H N N 12  
ALA HXT  H N N 13  
ARG N    N N N 14  
ARG CA   C N S 15  
ARG C    C N N 16  
ARG O    O N N 17  
ARG CB   C N N 18  
ARG CG   C N N 19  
ARG CD   C N N 20  
ARG NE   N N N 21  
ARG CZ   C N N 22  
ARG NH1  N N N 23  
ARG NH2  N N N 24  
ARG OXT  O N N 25  
ARG H    H N N 26  
ARG H2   H N N 27  
ARG HA   H N N 28  
ARG HB2  H N N 29  
ARG HB3  H N N 30  
ARG HG2  H N N 31  
ARG HG3  H N N 32  
ARG HD2  H N N 33  
ARG HD3  H N N 34  
ARG HE   H N N 35  
ARG HH11 H N N 36  
ARG HH12 H N N 37  
ARG HH21 H N N 38  
ARG HH22 H N N 39  
ARG HXT  H N N 40  
ASN N    N N N 41  
ASN CA   C N S 42  
ASN C    C N N 43  
ASN O    O N N 44  
ASN CB   C N N 45  
ASN CG   C N N 46  
ASN OD1  O N N 47  
ASN ND2  N N N 48  
ASN OXT  O N N 49  
ASN H    H N N 50  
ASN H2   H N N 51  
ASN HA   H N N 52  
ASN HB2  H N N 53  
ASN HB3  H N N 54  
ASN HD21 H N N 55  
ASN HD22 H N N 56  
ASN HXT  H N N 57  
ASP N    N N N 58  
ASP CA   C N S 59  
ASP C    C N N 60  
ASP O    O N N 61  
ASP CB   C N N 62  
ASP CG   C N N 63  
ASP OD1  O N N 64  
ASP OD2  O N N 65  
ASP OXT  O N N 66  
ASP H    H N N 67  
ASP H2   H N N 68  
ASP HA   H N N 69  
ASP HB2  H N N 70  
ASP HB3  H N N 71  
ASP HD2  H N N 72  
ASP HXT  H N N 73  
GLN N    N N N 74  
GLN CA   C N S 75  
GLN C    C N N 76  
GLN O    O N N 77  
GLN CB   C N N 78  
GLN CG   C N N 79  
GLN CD   C N N 80  
GLN OE1  O N N 81  
GLN NE2  N N N 82  
GLN OXT  O N N 83  
GLN H    H N N 84  
GLN H2   H N N 85  
GLN HA   H N N 86  
GLN HB2  H N N 87  
GLN HB3  H N N 88  
GLN HG2  H N N 89  
GLN HG3  H N N 90  
GLN HE21 H N N 91  
GLN HE22 H N N 92  
GLN HXT  H N N 93  
GLU N    N N N 94  
GLU CA   C N S 95  
GLU C    C N N 96  
GLU O    O N N 97  
GLU CB   C N N 98  
GLU CG   C N N 99  
GLU CD   C N N 100 
GLU OE1  O N N 101 
GLU OE2  O N N 102 
GLU OXT  O N N 103 
GLU H    H N N 104 
GLU H2   H N N 105 
GLU HA   H N N 106 
GLU HB2  H N N 107 
GLU HB3  H N N 108 
GLU HG2  H N N 109 
GLU HG3  H N N 110 
GLU HE2  H N N 111 
GLU HXT  H N N 112 
GLY N    N N N 113 
GLY CA   C N N 114 
GLY C    C N N 115 
GLY O    O N N 116 
GLY OXT  O N N 117 
GLY H    H N N 118 
GLY H2   H N N 119 
GLY HA2  H N N 120 
GLY HA3  H N N 121 
GLY HXT  H N N 122 
HIS N    N N N 123 
HIS CA   C N S 124 
HIS C    C N N 125 
HIS O    O N N 126 
HIS CB   C N N 127 
HIS CG   C Y N 128 
HIS ND1  N Y N 129 
HIS CD2  C Y N 130 
HIS CE1  C Y N 131 
HIS NE2  N Y N 132 
HIS OXT  O N N 133 
HIS H    H N N 134 
HIS H2   H N N 135 
HIS HA   H N N 136 
HIS HB2  H N N 137 
HIS HB3  H N N 138 
HIS HD1  H N N 139 
HIS HD2  H N N 140 
HIS HE1  H N N 141 
HIS HE2  H N N 142 
HIS HXT  H N N 143 
HOH O    O N N 144 
HOH H1   H N N 145 
HOH H2   H N N 146 
ILE N    N N N 147 
ILE CA   C N S 148 
ILE C    C N N 149 
ILE O    O N N 150 
ILE CB   C N S 151 
ILE CG1  C N N 152 
ILE CG2  C N N 153 
ILE CD1  C N N 154 
ILE OXT  O N N 155 
ILE H    H N N 156 
ILE H2   H N N 157 
ILE HA   H N N 158 
ILE HB   H N N 159 
ILE HG12 H N N 160 
ILE HG13 H N N 161 
ILE HG21 H N N 162 
ILE HG22 H N N 163 
ILE HG23 H N N 164 
ILE HD11 H N N 165 
ILE HD12 H N N 166 
ILE HD13 H N N 167 
ILE HXT  H N N 168 
LEU N    N N N 169 
LEU CA   C N S 170 
LEU C    C N N 171 
LEU O    O N N 172 
LEU CB   C N N 173 
LEU CG   C N N 174 
LEU CD1  C N N 175 
LEU CD2  C N N 176 
LEU OXT  O N N 177 
LEU H    H N N 178 
LEU H2   H N N 179 
LEU HA   H N N 180 
LEU HB2  H N N 181 
LEU HB3  H N N 182 
LEU HG   H N N 183 
LEU HD11 H N N 184 
LEU HD12 H N N 185 
LEU HD13 H N N 186 
LEU HD21 H N N 187 
LEU HD22 H N N 188 
LEU HD23 H N N 189 
LEU HXT  H N N 190 
LYS N    N N N 191 
LYS CA   C N S 192 
LYS C    C N N 193 
LYS O    O N N 194 
LYS CB   C N N 195 
LYS CG   C N N 196 
LYS CD   C N N 197 
LYS CE   C N N 198 
LYS NZ   N N N 199 
LYS OXT  O N N 200 
LYS H    H N N 201 
LYS H2   H N N 202 
LYS HA   H N N 203 
LYS HB2  H N N 204 
LYS HB3  H N N 205 
LYS HG2  H N N 206 
LYS HG3  H N N 207 
LYS HD2  H N N 208 
LYS HD3  H N N 209 
LYS HE2  H N N 210 
LYS HE3  H N N 211 
LYS HZ1  H N N 212 
LYS HZ2  H N N 213 
LYS HZ3  H N N 214 
LYS HXT  H N N 215 
MET N    N N N 216 
MET CA   C N S 217 
MET C    C N N 218 
MET O    O N N 219 
MET CB   C N N 220 
MET CG   C N N 221 
MET SD   S N N 222 
MET CE   C N N 223 
MET OXT  O N N 224 
MET H    H N N 225 
MET H2   H N N 226 
MET HA   H N N 227 
MET HB2  H N N 228 
MET HB3  H N N 229 
MET HG2  H N N 230 
MET HG3  H N N 231 
MET HE1  H N N 232 
MET HE2  H N N 233 
MET HE3  H N N 234 
MET HXT  H N N 235 
PHE N    N N N 236 
PHE CA   C N S 237 
PHE C    C N N 238 
PHE O    O N N 239 
PHE CB   C N N 240 
PHE CG   C Y N 241 
PHE CD1  C Y N 242 
PHE CD2  C Y N 243 
PHE CE1  C Y N 244 
PHE CE2  C Y N 245 
PHE CZ   C Y N 246 
PHE OXT  O N N 247 
PHE H    H N N 248 
PHE H2   H N N 249 
PHE HA   H N N 250 
PHE HB2  H N N 251 
PHE HB3  H N N 252 
PHE HD1  H N N 253 
PHE HD2  H N N 254 
PHE HE1  H N N 255 
PHE HE2  H N N 256 
PHE HZ   H N N 257 
PHE HXT  H N N 258 
PRO N    N N N 259 
PRO CA   C N S 260 
PRO C    C N N 261 
PRO O    O N N 262 
PRO CB   C N N 263 
PRO CG   C N N 264 
PRO CD   C N N 265 
PRO OXT  O N N 266 
PRO H    H N N 267 
PRO HA   H N N 268 
PRO HB2  H N N 269 
PRO HB3  H N N 270 
PRO HG2  H N N 271 
PRO HG3  H N N 272 
PRO HD2  H N N 273 
PRO HD3  H N N 274 
PRO HXT  H N N 275 
SER N    N N N 276 
SER CA   C N S 277 
SER C    C N N 278 
SER O    O N N 279 
SER CB   C N N 280 
SER OG   O N N 281 
SER OXT  O N N 282 
SER H    H N N 283 
SER H2   H N N 284 
SER HA   H N N 285 
SER HB2  H N N 286 
SER HB3  H N N 287 
SER HG   H N N 288 
SER HXT  H N N 289 
SRT O1   O N N 290 
SRT O11  O N N 291 
SRT C1   C N N 292 
SRT C2   C N S 293 
SRT O2   O N N 294 
SRT C3   C N R 295 
SRT O3   O N N 296 
SRT C4   C N N 297 
SRT O4   O N N 298 
SRT O41  O N N 299 
SRT H1   H N N 300 
SRT H2   H N N 301 
SRT HA   H N N 302 
SRT H3   H N N 303 
SRT HB   H N N 304 
SRT H41  H N N 305 
THR N    N N N 306 
THR CA   C N S 307 
THR C    C N N 308 
THR O    O N N 309 
THR CB   C N R 310 
THR OG1  O N N 311 
THR CG2  C N N 312 
THR OXT  O N N 313 
THR H    H N N 314 
THR H2   H N N 315 
THR HA   H N N 316 
THR HB   H N N 317 
THR HG1  H N N 318 
THR HG21 H N N 319 
THR HG22 H N N 320 
THR HG23 H N N 321 
THR HXT  H N N 322 
TRP N    N N N 323 
TRP CA   C N S 324 
TRP C    C N N 325 
TRP O    O N N 326 
TRP CB   C N N 327 
TRP CG   C Y N 328 
TRP CD1  C Y N 329 
TRP CD2  C Y N 330 
TRP NE1  N Y N 331 
TRP CE2  C Y N 332 
TRP CE3  C Y N 333 
TRP CZ2  C Y N 334 
TRP CZ3  C Y N 335 
TRP CH2  C Y N 336 
TRP OXT  O N N 337 
TRP H    H N N 338 
TRP H2   H N N 339 
TRP HA   H N N 340 
TRP HB2  H N N 341 
TRP HB3  H N N 342 
TRP HD1  H N N 343 
TRP HE1  H N N 344 
TRP HE3  H N N 345 
TRP HZ2  H N N 346 
TRP HZ3  H N N 347 
TRP HH2  H N N 348 
TRP HXT  H N N 349 
TYR N    N N N 350 
TYR CA   C N S 351 
TYR C    C N N 352 
TYR O    O N N 353 
TYR CB   C N N 354 
TYR CG   C Y N 355 
TYR CD1  C Y N 356 
TYR CD2  C Y N 357 
TYR CE1  C Y N 358 
TYR CE2  C Y N 359 
TYR CZ   C Y N 360 
TYR OH   O N N 361 
TYR OXT  O N N 362 
TYR H    H N N 363 
TYR H2   H N N 364 
TYR HA   H N N 365 
TYR HB2  H N N 366 
TYR HB3  H N N 367 
TYR HD1  H N N 368 
TYR HD2  H N N 369 
TYR HE1  H N N 370 
TYR HE2  H N N 371 
TYR HH   H N N 372 
TYR HXT  H N N 373 
VAL N    N N N 374 
VAL CA   C N S 375 
VAL C    C N N 376 
VAL O    O N N 377 
VAL CB   C N N 378 
VAL CG1  C N N 379 
VAL CG2  C N N 380 
VAL OXT  O N N 381 
VAL H    H N N 382 
VAL H2   H N N 383 
VAL HA   H N N 384 
VAL HB   H N N 385 
VAL HG11 H N N 386 
VAL HG12 H N N 387 
VAL HG13 H N N 388 
VAL HG21 H N N 389 
VAL HG22 H N N 390 
VAL HG23 H N N 391 
VAL HXT  H N N 392 
# 
loop_
_chem_comp_bond.comp_id 
_chem_comp_bond.atom_id_1 
_chem_comp_bond.atom_id_2 
_chem_comp_bond.value_order 
_chem_comp_bond.pdbx_aromatic_flag 
_chem_comp_bond.pdbx_stereo_config 
_chem_comp_bond.pdbx_ordinal 
ALA N   CA   sing N N 1   
ALA N   H    sing N N 2   
ALA N   H2   sing N N 3   
ALA CA  C    sing N N 4   
ALA CA  CB   sing N N 5   
ALA CA  HA   sing N N 6   
ALA C   O    doub N N 7   
ALA C   OXT  sing N N 8   
ALA CB  HB1  sing N N 9   
ALA CB  HB2  sing N N 10  
ALA CB  HB3  sing N N 11  
ALA OXT HXT  sing N N 12  
ARG N   CA   sing N N 13  
ARG N   H    sing N N 14  
ARG N   H2   sing N N 15  
ARG CA  C    sing N N 16  
ARG CA  CB   sing N N 17  
ARG CA  HA   sing N N 18  
ARG C   O    doub N N 19  
ARG C   OXT  sing N N 20  
ARG CB  CG   sing N N 21  
ARG CB  HB2  sing N N 22  
ARG CB  HB3  sing N N 23  
ARG CG  CD   sing N N 24  
ARG CG  HG2  sing N N 25  
ARG CG  HG3  sing N N 26  
ARG CD  NE   sing N N 27  
ARG CD  HD2  sing N N 28  
ARG CD  HD3  sing N N 29  
ARG NE  CZ   sing N N 30  
ARG NE  HE   sing N N 31  
ARG CZ  NH1  sing N N 32  
ARG CZ  NH2  doub N N 33  
ARG NH1 HH11 sing N N 34  
ARG NH1 HH12 sing N N 35  
ARG NH2 HH21 sing N N 36  
ARG NH2 HH22 sing N N 37  
ARG OXT HXT  sing N N 38  
ASN N   CA   sing N N 39  
ASN N   H    sing N N 40  
ASN N   H2   sing N N 41  
ASN CA  C    sing N N 42  
ASN CA  CB   sing N N 43  
ASN CA  HA   sing N N 44  
ASN C   O    doub N N 45  
ASN C   OXT  sing N N 46  
ASN CB  CG   sing N N 47  
ASN CB  HB2  sing N N 48  
ASN CB  HB3  sing N N 49  
ASN CG  OD1  doub N N 50  
ASN CG  ND2  sing N N 51  
ASN ND2 HD21 sing N N 52  
ASN ND2 HD22 sing N N 53  
ASN OXT HXT  sing N N 54  
ASP N   CA   sing N N 55  
ASP N   H    sing N N 56  
ASP N   H2   sing N N 57  
ASP CA  C    sing N N 58  
ASP CA  CB   sing N N 59  
ASP CA  HA   sing N N 60  
ASP C   O    doub N N 61  
ASP C   OXT  sing N N 62  
ASP CB  CG   sing N N 63  
ASP CB  HB2  sing N N 64  
ASP CB  HB3  sing N N 65  
ASP CG  OD1  doub N N 66  
ASP CG  OD2  sing N N 67  
ASP OD2 HD2  sing N N 68  
ASP OXT HXT  sing N N 69  
GLN N   CA   sing N N 70  
GLN N   H    sing N N 71  
GLN N   H2   sing N N 72  
GLN CA  C    sing N N 73  
GLN CA  CB   sing N N 74  
GLN CA  HA   sing N N 75  
GLN C   O    doub N N 76  
GLN C   OXT  sing N N 77  
GLN CB  CG   sing N N 78  
GLN CB  HB2  sing N N 79  
GLN CB  HB3  sing N N 80  
GLN CG  CD   sing N N 81  
GLN CG  HG2  sing N N 82  
GLN CG  HG3  sing N N 83  
GLN CD  OE1  doub N N 84  
GLN CD  NE2  sing N N 85  
GLN NE2 HE21 sing N N 86  
GLN NE2 HE22 sing N N 87  
GLN OXT HXT  sing N N 88  
GLU N   CA   sing N N 89  
GLU N   H    sing N N 90  
GLU N   H2   sing N N 91  
GLU CA  C    sing N N 92  
GLU CA  CB   sing N N 93  
GLU CA  HA   sing N N 94  
GLU C   O    doub N N 95  
GLU C   OXT  sing N N 96  
GLU CB  CG   sing N N 97  
GLU CB  HB2  sing N N 98  
GLU CB  HB3  sing N N 99  
GLU CG  CD   sing N N 100 
GLU CG  HG2  sing N N 101 
GLU CG  HG3  sing N N 102 
GLU CD  OE1  doub N N 103 
GLU CD  OE2  sing N N 104 
GLU OE2 HE2  sing N N 105 
GLU OXT HXT  sing N N 106 
GLY N   CA   sing N N 107 
GLY N   H    sing N N 108 
GLY N   H2   sing N N 109 
GLY CA  C    sing N N 110 
GLY CA  HA2  sing N N 111 
GLY CA  HA3  sing N N 112 
GLY C   O    doub N N 113 
GLY C   OXT  sing N N 114 
GLY OXT HXT  sing N N 115 
HIS N   CA   sing N N 116 
HIS N   H    sing N N 117 
HIS N   H2   sing N N 118 
HIS CA  C    sing N N 119 
HIS CA  CB   sing N N 120 
HIS CA  HA   sing N N 121 
HIS C   O    doub N N 122 
HIS C   OXT  sing N N 123 
HIS CB  CG   sing N N 124 
HIS CB  HB2  sing N N 125 
HIS CB  HB3  sing N N 126 
HIS CG  ND1  sing Y N 127 
HIS CG  CD2  doub Y N 128 
HIS ND1 CE1  doub Y N 129 
HIS ND1 HD1  sing N N 130 
HIS CD2 NE2  sing Y N 131 
HIS CD2 HD2  sing N N 132 
HIS CE1 NE2  sing Y N 133 
HIS CE1 HE1  sing N N 134 
HIS NE2 HE2  sing N N 135 
HIS OXT HXT  sing N N 136 
HOH O   H1   sing N N 137 
HOH O   H2   sing N N 138 
ILE N   CA   sing N N 139 
ILE N   H    sing N N 140 
ILE N   H2   sing N N 141 
ILE CA  C    sing N N 142 
ILE CA  CB   sing N N 143 
ILE CA  HA   sing N N 144 
ILE C   O    doub N N 145 
ILE C   OXT  sing N N 146 
ILE CB  CG1  sing N N 147 
ILE CB  CG2  sing N N 148 
ILE CB  HB   sing N N 149 
ILE CG1 CD1  sing N N 150 
ILE CG1 HG12 sing N N 151 
ILE CG1 HG13 sing N N 152 
ILE CG2 HG21 sing N N 153 
ILE CG2 HG22 sing N N 154 
ILE CG2 HG23 sing N N 155 
ILE CD1 HD11 sing N N 156 
ILE CD1 HD12 sing N N 157 
ILE CD1 HD13 sing N N 158 
ILE OXT HXT  sing N N 159 
LEU N   CA   sing N N 160 
LEU N   H    sing N N 161 
LEU N   H2   sing N N 162 
LEU CA  C    sing N N 163 
LEU CA  CB   sing N N 164 
LEU CA  HA   sing N N 165 
LEU C   O    doub N N 166 
LEU C   OXT  sing N N 167 
LEU CB  CG   sing N N 168 
LEU CB  HB2  sing N N 169 
LEU CB  HB3  sing N N 170 
LEU CG  CD1  sing N N 171 
LEU CG  CD2  sing N N 172 
LEU CG  HG   sing N N 173 
LEU CD1 HD11 sing N N 174 
LEU CD1 HD12 sing N N 175 
LEU CD1 HD13 sing N N 176 
LEU CD2 HD21 sing N N 177 
LEU CD2 HD22 sing N N 178 
LEU CD2 HD23 sing N N 179 
LEU OXT HXT  sing N N 180 
LYS N   CA   sing N N 181 
LYS N   H    sing N N 182 
LYS N   H2   sing N N 183 
LYS CA  C    sing N N 184 
LYS CA  CB   sing N N 185 
LYS CA  HA   sing N N 186 
LYS C   O    doub N N 187 
LYS C   OXT  sing N N 188 
LYS CB  CG   sing N N 189 
LYS CB  HB2  sing N N 190 
LYS CB  HB3  sing N N 191 
LYS CG  CD   sing N N 192 
LYS CG  HG2  sing N N 193 
LYS CG  HG3  sing N N 194 
LYS CD  CE   sing N N 195 
LYS CD  HD2  sing N N 196 
LYS CD  HD3  sing N N 197 
LYS CE  NZ   sing N N 198 
LYS CE  HE2  sing N N 199 
LYS CE  HE3  sing N N 200 
LYS NZ  HZ1  sing N N 201 
LYS NZ  HZ2  sing N N 202 
LYS NZ  HZ3  sing N N 203 
LYS OXT HXT  sing N N 204 
MET N   CA   sing N N 205 
MET N   H    sing N N 206 
MET N   H2   sing N N 207 
MET CA  C    sing N N 208 
MET CA  CB   sing N N 209 
MET CA  HA   sing N N 210 
MET C   O    doub N N 211 
MET C   OXT  sing N N 212 
MET CB  CG   sing N N 213 
MET CB  HB2  sing N N 214 
MET CB  HB3  sing N N 215 
MET CG  SD   sing N N 216 
MET CG  HG2  sing N N 217 
MET CG  HG3  sing N N 218 
MET SD  CE   sing N N 219 
MET CE  HE1  sing N N 220 
MET CE  HE2  sing N N 221 
MET CE  HE3  sing N N 222 
MET OXT HXT  sing N N 223 
PHE N   CA   sing N N 224 
PHE N   H    sing N N 225 
PHE N   H2   sing N N 226 
PHE CA  C    sing N N 227 
PHE CA  CB   sing N N 228 
PHE CA  HA   sing N N 229 
PHE C   O    doub N N 230 
PHE C   OXT  sing N N 231 
PHE CB  CG   sing N N 232 
PHE CB  HB2  sing N N 233 
PHE CB  HB3  sing N N 234 
PHE CG  CD1  doub Y N 235 
PHE CG  CD2  sing Y N 236 
PHE CD1 CE1  sing Y N 237 
PHE CD1 HD1  sing N N 238 
PHE CD2 CE2  doub Y N 239 
PHE CD2 HD2  sing N N 240 
PHE CE1 CZ   doub Y N 241 
PHE CE1 HE1  sing N N 242 
PHE CE2 CZ   sing Y N 243 
PHE CE2 HE2  sing N N 244 
PHE CZ  HZ   sing N N 245 
PHE OXT HXT  sing N N 246 
PRO N   CA   sing N N 247 
PRO N   CD   sing N N 248 
PRO N   H    sing N N 249 
PRO CA  C    sing N N 250 
PRO CA  CB   sing N N 251 
PRO CA  HA   sing N N 252 
PRO C   O    doub N N 253 
PRO C   OXT  sing N N 254 
PRO CB  CG   sing N N 255 
PRO CB  HB2  sing N N 256 
PRO CB  HB3  sing N N 257 
PRO CG  CD   sing N N 258 
PRO CG  HG2  sing N N 259 
PRO CG  HG3  sing N N 260 
PRO CD  HD2  sing N N 261 
PRO CD  HD3  sing N N 262 
PRO OXT HXT  sing N N 263 
SER N   CA   sing N N 264 
SER N   H    sing N N 265 
SER N   H2   sing N N 266 
SER CA  C    sing N N 267 
SER CA  CB   sing N N 268 
SER CA  HA   sing N N 269 
SER C   O    doub N N 270 
SER C   OXT  sing N N 271 
SER CB  OG   sing N N 272 
SER CB  HB2  sing N N 273 
SER CB  HB3  sing N N 274 
SER OG  HG   sing N N 275 
SER OXT HXT  sing N N 276 
SRT O1  C1   sing N N 277 
SRT O1  H1   sing N N 278 
SRT O11 C1   doub N N 279 
SRT C1  C2   sing N N 280 
SRT C2  O2   sing N N 281 
SRT C2  C3   sing N N 282 
SRT C2  H2   sing N N 283 
SRT O2  HA   sing N N 284 
SRT C3  O3   sing N N 285 
SRT C3  C4   sing N N 286 
SRT C3  H3   sing N N 287 
SRT O3  HB   sing N N 288 
SRT C4  O4   doub N N 289 
SRT C4  O41  sing N N 290 
SRT O41 H41  sing N N 291 
THR N   CA   sing N N 292 
THR N   H    sing N N 293 
THR N   H2   sing N N 294 
THR CA  C    sing N N 295 
THR CA  CB   sing N N 296 
THR CA  HA   sing N N 297 
THR C   O    doub N N 298 
THR C   OXT  sing N N 299 
THR CB  OG1  sing N N 300 
THR CB  CG2  sing N N 301 
THR CB  HB   sing N N 302 
THR OG1 HG1  sing N N 303 
THR CG2 HG21 sing N N 304 
THR CG2 HG22 sing N N 305 
THR CG2 HG23 sing N N 306 
THR OXT HXT  sing N N 307 
TRP N   CA   sing N N 308 
TRP N   H    sing N N 309 
TRP N   H2   sing N N 310 
TRP CA  C    sing N N 311 
TRP CA  CB   sing N N 312 
TRP CA  HA   sing N N 313 
TRP C   O    doub N N 314 
TRP C   OXT  sing N N 315 
TRP CB  CG   sing N N 316 
TRP CB  HB2  sing N N 317 
TRP CB  HB3  sing N N 318 
TRP CG  CD1  doub Y N 319 
TRP CG  CD2  sing Y N 320 
TRP CD1 NE1  sing Y N 321 
TRP CD1 HD1  sing N N 322 
TRP CD2 CE2  doub Y N 323 
TRP CD2 CE3  sing Y N 324 
TRP NE1 CE2  sing Y N 325 
TRP NE1 HE1  sing N N 326 
TRP CE2 CZ2  sing Y N 327 
TRP CE3 CZ3  doub Y N 328 
TRP CE3 HE3  sing N N 329 
TRP CZ2 CH2  doub Y N 330 
TRP CZ2 HZ2  sing N N 331 
TRP CZ3 CH2  sing Y N 332 
TRP CZ3 HZ3  sing N N 333 
TRP CH2 HH2  sing N N 334 
TRP OXT HXT  sing N N 335 
TYR N   CA   sing N N 336 
TYR N   H    sing N N 337 
TYR N   H2   sing N N 338 
TYR CA  C    sing N N 339 
TYR CA  CB   sing N N 340 
TYR CA  HA   sing N N 341 
TYR C   O    doub N N 342 
TYR C   OXT  sing N N 343 
TYR CB  CG   sing N N 344 
TYR CB  HB2  sing N N 345 
TYR CB  HB3  sing N N 346 
TYR CG  CD1  doub Y N 347 
TYR CG  CD2  sing Y N 348 
TYR CD1 CE1  sing Y N 349 
TYR CD1 HD1  sing N N 350 
TYR CD2 CE2  doub Y N 351 
TYR CD2 HD2  sing N N 352 
TYR CE1 CZ   doub Y N 353 
TYR CE1 HE1  sing N N 354 
TYR CE2 CZ   sing Y N 355 
TYR CE2 HE2  sing N N 356 
TYR CZ  OH   sing N N 357 
TYR OH  HH   sing N N 358 
TYR OXT HXT  sing N N 359 
VAL N   CA   sing N N 360 
VAL N   H    sing N N 361 
VAL N   H2   sing N N 362 
VAL CA  C    sing N N 363 
VAL CA  CB   sing N N 364 
VAL CA  HA   sing N N 365 
VAL C   O    doub N N 366 
VAL C   OXT  sing N N 367 
VAL CB  CG1  sing N N 368 
VAL CB  CG2  sing N N 369 
VAL CB  HB   sing N N 370 
VAL CG1 HG11 sing N N 371 
VAL CG1 HG12 sing N N 372 
VAL CG1 HG13 sing N N 373 
VAL CG2 HG21 sing N N 374 
VAL CG2 HG22 sing N N 375 
VAL CG2 HG23 sing N N 376 
VAL OXT HXT  sing N N 377 
# 
loop_
_pdbx_entity_nonpoly.entity_id 
_pdbx_entity_nonpoly.name 
_pdbx_entity_nonpoly.comp_id 
2 'S,R MESO-TARTARIC ACID' SRT 
3 water                    HOH 
# 
_pdbx_initial_refinement_model.id               1 
_pdbx_initial_refinement_model.entity_id_list   ? 
_pdbx_initial_refinement_model.type             'experimental model' 
_pdbx_initial_refinement_model.source_name      PDB 
_pdbx_initial_refinement_model.accession_code   1HV0 
_pdbx_initial_refinement_model.details          'PDB entry 1HV0' 
# 
